data_2K33
#
_entry.id   2K33
#
_cell.length_a   1.000
_cell.length_b   1.000
_cell.length_c   1.000
_cell.angle_alpha   90.00
_cell.angle_beta   90.00
_cell.angle_gamma   90.00
#
_symmetry.space_group_name_H-M   'P 1'
#
loop_
_entity.id
_entity.type
_entity.pdbx_description
1 polymer AcrA
2 branched 2-acetamido-2-deoxy-alpha-D-galactopyranose-(1-4)-2-acetamido-2-deoxy-alpha-D-galactopyranose-(1-4)-[beta-D-glucopyranose-(1-3)]2-acetamido-2-deoxy-alpha-D-galactopyranose-(1-4)-2-acetamido-2-deoxy-alpha-D-galactopyranose-(1-4)-2-acetamido-2-deoxy-alpha-D-galactopyranose-(1-3)-2,4-bisacetamido-2,4,6-trideoxy-beta-D-glucopyranose
#
_entity_poly.entity_id   1
_entity_poly.type   'polypeptide(L)'
_entity_poly.pdbx_seq_one_letter_code
;DVIIKPQVSGVIVNKLFKAGDKVKKGQTLFIIEQDQASKDFNRSKALFSQSAISQKEYDSSLATLDHTEIKAPFDGTIGD
ALVNIGDYVSASTTELVRVTNLNPIYADGSHHHHHH
;
_entity_poly.pdbx_strand_id   A
#
# COMPACT_ATOMS: atom_id res chain seq x y z
N ASP A 1 -1.66 -5.00 18.42
CA ASP A 1 -3.06 -4.59 18.36
C ASP A 1 -3.26 -3.51 17.30
N VAL A 2 -2.60 -3.68 16.16
CA VAL A 2 -2.69 -2.71 15.07
C VAL A 2 -2.80 -3.42 13.73
N ILE A 3 -3.52 -2.81 12.79
CA ILE A 3 -3.69 -3.39 11.47
C ILE A 3 -3.10 -2.47 10.40
N ILE A 4 -2.37 -3.07 9.45
CA ILE A 4 -1.74 -2.31 8.38
C ILE A 4 -2.79 -1.86 7.35
N LYS A 5 -2.90 -0.56 7.16
CA LYS A 5 -3.85 0.00 6.20
C LYS A 5 -3.17 1.01 5.29
N PRO A 6 -3.59 1.03 4.00
CA PRO A 6 -3.05 1.95 3.01
C PRO A 6 -3.45 3.40 3.27
N GLN A 7 -3.22 4.25 2.28
CA GLN A 7 -3.55 5.67 2.40
C GLN A 7 -4.57 6.08 1.34
N VAL A 8 -4.90 5.15 0.45
CA VAL A 8 -5.85 5.41 -0.62
C VAL A 8 -6.55 4.13 -1.07
N SER A 9 -7.42 4.25 -2.07
CA SER A 9 -8.15 3.10 -2.59
C SER A 9 -7.79 2.86 -4.05
N GLY A 10 -7.37 1.63 -4.36
CA GLY A 10 -7.01 1.29 -5.72
C GLY A 10 -6.92 -0.21 -5.93
N VAL A 11 -5.76 -0.67 -6.38
CA VAL A 11 -5.54 -2.09 -6.63
C VAL A 11 -4.13 -2.52 -6.22
N ILE A 12 -4.02 -3.67 -5.57
CA ILE A 12 -2.73 -4.18 -5.13
C ILE A 12 -1.77 -4.32 -6.31
N VAL A 13 -0.52 -3.93 -6.09
CA VAL A 13 0.51 -4.01 -7.13
C VAL A 13 1.55 -5.06 -6.79
N ASN A 14 1.89 -5.17 -5.51
CA ASN A 14 2.88 -6.14 -5.05
C ASN A 14 2.89 -6.23 -3.53
N LYS A 15 3.69 -7.15 -3.01
CA LYS A 15 3.79 -7.34 -1.57
C LYS A 15 5.21 -7.74 -1.17
N LEU A 16 5.90 -6.83 -0.50
CA LEU A 16 7.27 -7.07 -0.06
C LEU A 16 7.31 -7.45 1.41
N PHE A 17 6.57 -8.48 1.78
CA PHE A 17 6.52 -8.95 3.16
C PHE A 17 6.37 -10.46 3.23
N LYS A 18 6.47 -11.01 4.44
CA LYS A 18 6.35 -12.44 4.64
C LYS A 18 5.32 -12.76 5.73
N ALA A 19 4.81 -13.98 5.71
CA ALA A 19 3.83 -14.41 6.70
C ALA A 19 4.50 -14.97 7.94
N GLY A 20 4.45 -14.21 9.03
CA GLY A 20 5.07 -14.65 10.27
C GLY A 20 6.41 -14.02 10.51
N ASP A 21 6.75 -13.01 9.70
CA ASP A 21 8.02 -12.32 9.83
C ASP A 21 7.85 -11.01 10.60
N LYS A 22 8.95 -10.31 10.80
CA LYS A 22 8.93 -9.04 11.53
C LYS A 22 8.88 -7.87 10.56
N VAL A 23 8.51 -6.69 11.08
CA VAL A 23 8.43 -5.49 10.27
C VAL A 23 9.30 -4.38 10.84
N LYS A 24 9.38 -3.26 10.13
CA LYS A 24 10.18 -2.12 10.57
C LYS A 24 9.44 -0.81 10.32
N LYS A 25 9.66 0.16 11.21
CA LYS A 25 9.02 1.46 11.09
C LYS A 25 9.34 2.11 9.75
N GLY A 26 8.42 1.97 8.79
CA GLY A 26 8.63 2.55 7.48
C GLY A 26 9.10 1.54 6.46
N GLN A 27 8.95 0.26 6.80
CA GLN A 27 9.37 -0.83 5.91
C GLN A 27 8.24 -1.20 4.96
N THR A 28 8.55 -1.22 3.66
CA THR A 28 7.55 -1.57 2.65
C THR A 28 7.06 -3.00 2.84
N LEU A 29 5.75 -3.19 2.69
CA LEU A 29 5.14 -4.51 2.83
C LEU A 29 4.13 -4.77 1.73
N PHE A 30 3.39 -3.73 1.36
CA PHE A 30 2.38 -3.85 0.31
C PHE A 30 2.46 -2.67 -0.66
N ILE A 31 1.67 -2.75 -1.73
CA ILE A 31 1.64 -1.68 -2.72
C ILE A 31 0.28 -1.59 -3.40
N ILE A 32 -0.18 -0.36 -3.62
CA ILE A 32 -1.47 -0.15 -4.27
C ILE A 32 -1.40 1.02 -5.24
N GLU A 33 -1.92 0.81 -6.45
CA GLU A 33 -1.92 1.84 -7.47
C GLU A 33 -3.26 2.57 -7.52
N GLN A 34 -3.21 3.89 -7.60
CA GLN A 34 -4.42 4.71 -7.64
C GLN A 34 -4.21 5.96 -8.47
N ASP A 35 -5.30 6.63 -8.81
CA ASP A 35 -5.23 7.86 -9.60
C ASP A 35 -5.13 9.09 -8.71
N GLN A 36 -4.26 9.02 -7.71
CA GLN A 36 -4.06 10.12 -6.78
C GLN A 36 -2.89 9.85 -5.84
N ALA A 37 -1.72 10.35 -6.21
CA ALA A 37 -0.52 10.17 -5.41
C ALA A 37 -0.22 11.41 -4.57
N SER A 38 -1.27 12.07 -4.09
CA SER A 38 -1.11 13.27 -3.29
C SER A 38 -0.54 14.42 -4.14
N LYS A 39 -0.65 15.63 -3.61
CA LYS A 39 -0.15 16.81 -4.31
C LYS A 39 1.17 17.29 -3.70
N ASP A 40 1.67 16.54 -2.73
CA ASP A 40 2.92 16.88 -2.06
C ASP A 40 3.52 15.67 -1.38
N PHE A 41 3.44 14.52 -2.03
CA PHE A 41 3.97 13.28 -1.49
C PHE A 41 4.79 12.53 -2.54
N ASN A 42 4.11 12.07 -3.58
CA ASN A 42 4.77 11.34 -4.66
C ASN A 42 5.80 12.21 -5.37
N ARG A 43 6.92 11.61 -5.73
CA ARG A 43 7.98 12.34 -6.42
C ARG A 43 7.99 12.02 -7.92
N SER A 44 7.07 11.16 -8.33
CA SER A 44 6.96 10.76 -9.73
C SER A 44 8.23 10.06 -10.18
N LYS A 45 8.12 9.30 -11.28
CA LYS A 45 9.26 8.58 -11.83
C LYS A 45 10.45 9.50 -12.03
N ALA A 46 10.26 10.56 -12.81
CA ALA A 46 11.32 11.52 -13.07
C ALA A 46 10.76 12.94 -13.15
N LEU A 47 11.64 13.90 -13.40
CA LEU A 47 11.24 15.30 -13.49
C LEU A 47 11.60 15.88 -14.86
N PHE A 48 11.47 17.19 -14.99
CA PHE A 48 11.78 17.87 -16.25
C PHE A 48 12.86 18.94 -16.04
N SER A 49 14.06 18.49 -15.68
CA SER A 49 15.18 19.40 -15.45
C SER A 49 15.43 20.28 -16.68
N GLN A 50 14.99 19.80 -17.83
CA GLN A 50 15.17 20.53 -19.08
C GLN A 50 14.51 19.79 -20.25
N SER A 51 14.90 20.16 -21.46
CA SER A 51 14.34 19.54 -22.66
C SER A 51 14.90 18.14 -22.86
N ALA A 52 14.66 17.27 -21.89
CA ALA A 52 15.14 15.90 -21.95
C ALA A 52 14.01 14.93 -22.31
N ILE A 53 12.78 15.35 -22.05
CA ILE A 53 11.61 14.53 -22.35
C ILE A 53 10.63 15.27 -23.25
N SER A 54 10.94 16.53 -23.54
CA SER A 54 10.08 17.35 -24.39
C SER A 54 8.64 17.31 -23.91
N GLN A 55 8.39 17.87 -22.73
CA GLN A 55 7.05 17.90 -22.16
C GLN A 55 6.06 18.53 -23.13
N LYS A 56 6.57 19.33 -24.05
CA LYS A 56 5.73 19.99 -25.04
C LYS A 56 4.75 19.00 -25.68
N GLU A 57 5.20 17.77 -25.86
CA GLU A 57 4.37 16.72 -26.45
C GLU A 57 4.78 15.34 -25.95
N TYR A 58 5.48 15.31 -24.82
CA TYR A 58 5.94 14.06 -24.23
C TYR A 58 4.77 13.10 -24.02
N ASP A 59 5.08 11.90 -23.54
CA ASP A 59 4.04 10.90 -23.29
C ASP A 59 3.41 11.11 -21.91
N SER A 60 2.16 10.70 -21.79
CA SER A 60 1.42 10.84 -20.54
C SER A 60 1.52 9.57 -19.70
N SER A 61 1.72 8.44 -20.37
CA SER A 61 1.83 7.16 -19.69
C SER A 61 2.98 7.17 -18.69
N LEU A 62 3.95 8.05 -18.91
CA LEU A 62 5.10 8.15 -18.02
C LEU A 62 4.82 9.14 -16.89
N ALA A 63 3.57 9.58 -16.80
CA ALA A 63 3.17 10.53 -15.76
C ALA A 63 1.76 10.23 -15.28
N THR A 64 1.55 9.03 -14.74
CA THR A 64 0.24 8.64 -14.24
C THR A 64 0.28 7.22 -13.66
N LEU A 65 -0.89 6.72 -13.28
CA LEU A 65 -0.99 5.37 -12.72
C LEU A 65 0.06 5.16 -11.63
N ASP A 66 0.39 6.23 -10.91
CA ASP A 66 1.37 6.16 -9.84
C ASP A 66 1.04 5.02 -8.88
N HIS A 67 2.00 4.69 -8.01
CA HIS A 67 1.82 3.62 -7.05
C HIS A 67 2.09 4.12 -5.63
N THR A 68 1.37 3.56 -4.67
CA THR A 68 1.53 3.95 -3.27
C THR A 68 1.98 2.76 -2.42
N GLU A 69 3.24 2.77 -2.02
CA GLU A 69 3.80 1.70 -1.20
C GLU A 69 3.27 1.79 0.23
N ILE A 70 2.82 0.66 0.76
CA ILE A 70 2.30 0.61 2.12
C ILE A 70 3.36 0.12 3.11
N LYS A 71 3.97 1.05 3.82
CA LYS A 71 5.00 0.71 4.80
C LYS A 71 4.39 0.50 6.18
N ALA A 72 4.93 -0.47 6.91
CA ALA A 72 4.45 -0.77 8.25
C ALA A 72 4.49 0.48 9.14
N PRO A 73 3.55 0.53 10.11
CA PRO A 73 3.45 1.67 11.04
C PRO A 73 4.62 1.71 12.03
N PHE A 74 5.07 0.52 12.44
CA PHE A 74 6.18 0.42 13.38
C PHE A 74 6.72 -1.00 13.43
N ASP A 75 8.01 -1.14 13.76
CA ASP A 75 8.64 -2.44 13.84
C ASP A 75 7.83 -3.39 14.72
N GLY A 76 7.86 -4.68 14.39
CA GLY A 76 7.13 -5.66 15.16
C GLY A 76 6.97 -6.97 14.42
N THR A 77 5.76 -7.52 14.44
CA THR A 77 5.47 -8.77 13.76
C THR A 77 4.29 -8.64 12.80
N ILE A 78 4.39 -9.30 11.66
CA ILE A 78 3.34 -9.24 10.65
C ILE A 78 2.71 -10.63 10.43
N GLY A 79 1.41 -10.65 10.19
CA GLY A 79 0.72 -11.91 9.98
C GLY A 79 0.74 -12.33 8.52
N ASP A 80 -0.32 -13.01 8.09
CA ASP A 80 -0.42 -13.48 6.71
C ASP A 80 -1.14 -12.44 5.84
N ALA A 81 -1.36 -12.80 4.58
CA ALA A 81 -2.04 -11.91 3.65
C ALA A 81 -3.48 -12.38 3.40
N LEU A 82 -4.43 -11.47 3.56
CA LEU A 82 -5.83 -11.78 3.35
C LEU A 82 -6.17 -11.79 1.86
N VAL A 83 -5.73 -10.76 1.16
CA VAL A 83 -5.98 -10.64 -0.27
C VAL A 83 -4.74 -11.00 -1.08
N ASN A 84 -4.83 -10.85 -2.39
CA ASN A 84 -3.71 -11.15 -3.28
C ASN A 84 -3.44 -9.98 -4.23
N ILE A 85 -2.37 -10.10 -5.01
CA ILE A 85 -1.99 -9.05 -5.96
C ILE A 85 -2.98 -8.98 -7.12
N GLY A 86 -3.13 -7.79 -7.69
CA GLY A 86 -4.04 -7.61 -8.80
C GLY A 86 -5.49 -7.56 -8.36
N ASP A 87 -5.71 -7.39 -7.06
CA ASP A 87 -7.06 -7.33 -6.51
C ASP A 87 -7.38 -5.93 -6.00
N TYR A 88 -8.48 -5.37 -6.49
CA TYR A 88 -8.90 -4.03 -6.08
C TYR A 88 -9.19 -3.98 -4.58
N VAL A 89 -8.73 -2.91 -3.93
CA VAL A 89 -8.94 -2.73 -2.51
C VAL A 89 -9.38 -1.30 -2.18
N SER A 90 -10.10 -1.16 -1.08
CA SER A 90 -10.60 0.16 -0.66
C SER A 90 -9.52 0.91 0.13
N ALA A 91 -9.91 2.05 0.69
CA ALA A 91 -8.98 2.86 1.48
C ALA A 91 -8.45 2.08 2.67
N SER A 92 -8.06 2.81 3.72
CA SER A 92 -7.52 2.19 4.92
C SER A 92 -8.42 1.04 5.39
N THR A 93 -9.70 1.12 5.05
CA THR A 93 -10.66 0.10 5.43
C THR A 93 -10.13 -1.29 5.13
N THR A 94 -9.37 -1.42 4.05
CA THR A 94 -8.80 -2.69 3.66
C THR A 94 -7.80 -3.19 4.69
N GLU A 95 -8.18 -4.22 5.43
CA GLU A 95 -7.31 -4.78 6.47
C GLU A 95 -6.65 -6.06 5.96
N LEU A 96 -6.01 -5.97 4.80
CA LEU A 96 -5.34 -7.13 4.21
C LEU A 96 -4.47 -7.83 5.25
N VAL A 97 -3.50 -7.11 5.80
CA VAL A 97 -2.61 -7.67 6.81
C VAL A 97 -2.64 -6.85 8.10
N ARG A 98 -2.28 -7.48 9.21
CA ARG A 98 -2.26 -6.80 10.50
C ARG A 98 -0.92 -6.99 11.20
N VAL A 99 -0.59 -6.06 12.09
CA VAL A 99 0.67 -6.12 12.82
C VAL A 99 0.43 -6.38 14.30
N THR A 100 1.23 -7.27 14.87
CA THR A 100 1.11 -7.62 16.28
C THR A 100 2.40 -7.32 17.05
N ASN A 101 2.34 -7.41 18.37
CA ASN A 101 3.50 -7.15 19.21
C ASN A 101 3.87 -5.67 19.18
N LEU A 102 4.71 -5.25 20.11
CA LEU A 102 5.15 -3.86 20.19
C LEU A 102 3.97 -2.94 20.51
N ASN A 103 4.28 -1.71 20.90
CA ASN A 103 3.25 -0.74 21.23
C ASN A 103 2.82 0.04 19.99
N PRO A 104 1.60 0.59 20.03
CA PRO A 104 1.05 1.37 18.91
C PRO A 104 1.76 2.71 18.72
N ILE A 105 2.73 2.74 17.82
CA ILE A 105 3.49 3.96 17.55
C ILE A 105 2.81 4.79 16.46
N TYR A 106 3.01 6.10 16.52
CA TYR A 106 2.43 7.01 15.53
C TYR A 106 3.16 8.34 15.52
N ALA A 107 3.56 8.79 14.32
CA ALA A 107 4.26 10.05 14.17
C ALA A 107 4.49 10.38 12.70
N ASP A 108 3.42 10.77 12.02
CA ASP A 108 3.49 11.11 10.60
C ASP A 108 3.26 12.61 10.40
N GLY A 109 3.11 13.01 9.14
CA GLY A 109 2.88 14.40 8.83
C GLY A 109 2.69 14.64 7.34
N SER A 110 1.76 13.91 6.73
CA SER A 110 1.49 14.04 5.31
C SER A 110 0.33 15.01 5.07
N HIS A 111 -0.84 14.65 5.57
CA HIS A 111 -2.03 15.49 5.40
C HIS A 111 -3.19 14.95 6.24
N HIS A 112 -4.36 15.57 6.08
CA HIS A 112 -5.55 15.15 6.83
C HIS A 112 -5.29 15.22 8.33
N HIS A 113 -5.05 16.42 8.83
CA HIS A 113 -4.79 16.62 10.26
C HIS A 113 -5.72 17.67 10.84
N HIS A 114 -6.19 17.44 12.06
CA HIS A 114 -7.09 18.38 12.74
C HIS A 114 -6.55 18.76 14.11
N HIS A 115 -5.23 18.72 14.26
CA HIS A 115 -4.59 19.05 15.53
C HIS A 115 -3.79 20.35 15.40
N HIS A 116 -4.48 21.48 15.55
CA HIS A 116 -3.84 22.78 15.46
C HIS A 116 -4.29 23.70 16.59
N ASP A 1 -3.69 -4.36 19.49
CA ASP A 1 -3.57 -4.98 18.18
C ASP A 1 -3.81 -3.95 17.07
N VAL A 2 -2.81 -3.74 16.23
CA VAL A 2 -2.91 -2.79 15.13
C VAL A 2 -3.12 -3.50 13.80
N ILE A 3 -3.71 -2.80 12.84
CA ILE A 3 -3.95 -3.36 11.52
C ILE A 3 -3.35 -2.49 10.43
N ILE A 4 -2.54 -3.10 9.57
CA ILE A 4 -1.90 -2.37 8.47
C ILE A 4 -2.88 -2.14 7.32
N LYS A 5 -3.36 -0.91 7.20
CA LYS A 5 -4.29 -0.56 6.13
C LYS A 5 -3.71 0.53 5.24
N PRO A 6 -4.07 0.48 3.95
CA PRO A 6 -3.60 1.46 2.96
C PRO A 6 -4.21 2.84 3.18
N GLN A 7 -3.41 3.88 2.94
CA GLN A 7 -3.88 5.25 3.11
C GLN A 7 -4.68 5.70 1.91
N VAL A 8 -4.85 4.81 0.93
CA VAL A 8 -5.61 5.12 -0.27
C VAL A 8 -6.35 3.89 -0.78
N SER A 9 -7.23 4.11 -1.75
CA SER A 9 -8.01 3.02 -2.33
C SER A 9 -7.68 2.83 -3.81
N GLY A 10 -7.24 1.63 -4.16
CA GLY A 10 -6.87 1.33 -5.53
C GLY A 10 -6.78 -0.15 -5.81
N VAL A 11 -5.60 -0.61 -6.20
CA VAL A 11 -5.38 -2.01 -6.50
C VAL A 11 -3.96 -2.44 -6.12
N ILE A 12 -3.84 -3.60 -5.49
CA ILE A 12 -2.54 -4.12 -5.09
C ILE A 12 -1.60 -4.24 -6.29
N VAL A 13 -0.33 -3.97 -6.05
CA VAL A 13 0.69 -4.05 -7.11
C VAL A 13 1.78 -5.04 -6.74
N ASN A 14 2.15 -5.08 -5.47
CA ASN A 14 3.18 -5.98 -4.99
C ASN A 14 3.14 -6.12 -3.48
N LYS A 15 3.89 -7.07 -2.95
CA LYS A 15 3.93 -7.30 -1.50
C LYS A 15 5.31 -7.82 -1.08
N LEU A 16 6.10 -6.94 -0.48
CA LEU A 16 7.44 -7.30 -0.02
C LEU A 16 7.43 -7.69 1.46
N PHE A 17 6.50 -8.57 1.82
CA PHE A 17 6.39 -9.02 3.21
C PHE A 17 6.21 -10.53 3.27
N LYS A 18 6.22 -11.07 4.50
CA LYS A 18 6.06 -12.50 4.70
C LYS A 18 4.98 -12.78 5.73
N ALA A 19 4.44 -14.00 5.70
CA ALA A 19 3.40 -14.40 6.64
C ALA A 19 4.00 -14.94 7.93
N GLY A 20 3.90 -14.14 9.00
CA GLY A 20 4.45 -14.56 10.28
C GLY A 20 5.86 -14.05 10.52
N ASP A 21 6.22 -13.00 9.79
CA ASP A 21 7.56 -12.42 9.91
C ASP A 21 7.49 -11.07 10.63
N LYS A 22 8.60 -10.34 10.62
CA LYS A 22 8.67 -9.03 11.26
C LYS A 22 8.79 -7.93 10.22
N VAL A 23 8.63 -6.69 10.66
CA VAL A 23 8.73 -5.53 9.78
C VAL A 23 9.55 -4.42 10.41
N LYS A 24 9.98 -3.46 9.59
CA LYS A 24 10.77 -2.33 10.06
C LYS A 24 9.97 -1.03 9.97
N LYS A 25 10.14 -0.17 10.96
CA LYS A 25 9.45 1.12 10.99
C LYS A 25 9.76 1.92 9.74
N GLY A 26 8.91 1.79 8.72
CA GLY A 26 9.12 2.52 7.49
C GLY A 26 9.60 1.63 6.36
N GLN A 27 9.52 0.32 6.57
CA GLN A 27 9.97 -0.64 5.57
C GLN A 27 8.81 -1.04 4.66
N THR A 28 9.08 -1.09 3.36
CA THR A 28 8.06 -1.45 2.37
C THR A 28 7.54 -2.87 2.62
N LEU A 29 6.22 -3.01 2.63
CA LEU A 29 5.59 -4.31 2.85
C LEU A 29 4.56 -4.61 1.76
N PHE A 30 3.84 -3.59 1.34
CA PHE A 30 2.82 -3.74 0.30
C PHE A 30 2.89 -2.59 -0.70
N ILE A 31 2.07 -2.68 -1.75
CA ILE A 31 2.03 -1.66 -2.78
C ILE A 31 0.66 -1.57 -3.42
N ILE A 32 0.16 -0.35 -3.59
CA ILE A 32 -1.14 -0.13 -4.20
C ILE A 32 -1.12 1.07 -5.13
N GLU A 33 -1.73 0.91 -6.31
CA GLU A 33 -1.78 1.99 -7.29
C GLU A 33 -3.12 2.71 -7.23
N GLN A 34 -3.06 4.04 -7.22
CA GLN A 34 -4.27 4.86 -7.17
C GLN A 34 -4.02 6.23 -7.79
N ASP A 35 -4.99 7.12 -7.62
CA ASP A 35 -4.88 8.48 -8.17
C ASP A 35 -5.86 9.42 -7.48
N GLN A 36 -6.19 9.12 -6.24
CA GLN A 36 -7.12 9.94 -5.47
C GLN A 36 -6.55 10.27 -4.09
N ALA A 37 -5.33 9.81 -3.84
CA ALA A 37 -4.67 10.05 -2.57
C ALA A 37 -4.74 11.53 -2.17
N SER A 38 -4.06 12.36 -2.95
CA SER A 38 -4.05 13.80 -2.69
C SER A 38 -3.75 14.58 -3.97
N LYS A 39 -4.26 15.81 -4.02
CA LYS A 39 -4.05 16.67 -5.18
C LYS A 39 -2.56 16.89 -5.44
N ASP A 40 -1.75 16.70 -4.40
CA ASP A 40 -0.31 16.88 -4.51
C ASP A 40 0.34 15.68 -5.20
N PHE A 41 -0.47 14.68 -5.52
CA PHE A 41 0.02 13.48 -6.17
C PHE A 41 -0.30 13.50 -7.67
N ASN A 42 -1.54 13.15 -8.01
CA ASN A 42 -1.97 13.12 -9.40
C ASN A 42 -3.42 12.67 -9.51
N ARG A 43 -4.19 13.37 -10.34
CA ARG A 43 -5.59 13.05 -10.54
C ARG A 43 -5.91 12.86 -12.02
N SER A 44 -5.30 13.70 -12.86
CA SER A 44 -5.52 13.63 -14.30
C SER A 44 -5.28 12.22 -14.82
N LYS A 45 -4.42 11.48 -14.13
CA LYS A 45 -4.10 10.11 -14.52
C LYS A 45 -5.37 9.29 -14.71
N ALA A 46 -6.42 9.65 -13.97
CA ALA A 46 -7.70 8.95 -14.06
C ALA A 46 -8.83 9.79 -13.48
N LEU A 47 -9.68 10.32 -14.34
CA LEU A 47 -10.80 11.14 -13.90
C LEU A 47 -12.12 10.56 -14.39
N PHE A 48 -13.08 10.42 -13.47
CA PHE A 48 -14.38 9.88 -13.80
C PHE A 48 -15.46 10.46 -12.89
N SER A 49 -16.49 11.04 -13.50
CA SER A 49 -17.58 11.63 -12.74
C SER A 49 -18.68 12.14 -13.67
N GLN A 50 -18.29 12.90 -14.69
CA GLN A 50 -19.23 13.44 -15.65
C GLN A 50 -18.51 14.03 -16.85
N SER A 51 -17.99 13.16 -17.71
CA SER A 51 -17.26 13.59 -18.90
C SER A 51 -16.10 14.49 -18.53
N ALA A 52 -15.32 14.08 -17.54
CA ALA A 52 -14.17 14.85 -17.09
C ALA A 52 -13.17 15.06 -18.21
N ILE A 53 -12.71 13.95 -18.80
CA ILE A 53 -11.75 14.01 -19.89
C ILE A 53 -12.22 13.19 -21.08
N SER A 54 -12.50 13.87 -22.19
CA SER A 54 -12.95 13.18 -23.40
C SER A 54 -11.93 12.17 -23.88
N GLN A 55 -12.26 10.89 -23.76
CA GLN A 55 -11.36 9.82 -24.17
C GLN A 55 -11.21 9.80 -25.69
N LYS A 56 -12.12 10.49 -26.39
CA LYS A 56 -12.07 10.55 -27.84
C LYS A 56 -10.87 11.36 -28.31
N GLU A 57 -10.42 12.29 -27.47
CA GLU A 57 -9.27 13.12 -27.81
C GLU A 57 -8.15 12.95 -26.79
N TYR A 58 -8.44 12.21 -25.72
CA TYR A 58 -7.46 11.97 -24.66
C TYR A 58 -7.37 10.48 -24.34
N ASP A 59 -6.50 10.14 -23.40
CA ASP A 59 -6.31 8.76 -22.99
C ASP A 59 -5.26 8.64 -21.88
N SER A 60 -4.91 7.41 -21.54
CA SER A 60 -3.93 7.17 -20.49
C SER A 60 -2.52 7.02 -21.08
N SER A 61 -2.46 6.97 -22.41
CA SER A 61 -1.18 6.82 -23.11
C SER A 61 -0.30 8.05 -22.89
N LEU A 62 -0.93 9.18 -22.59
CA LEU A 62 -0.21 10.43 -22.36
C LEU A 62 0.25 10.53 -20.91
N ALA A 63 -0.53 9.95 -20.00
CA ALA A 63 -0.19 9.96 -18.58
C ALA A 63 0.27 8.59 -18.11
N THR A 64 0.41 8.44 -16.80
CA THR A 64 0.85 7.17 -16.22
C THR A 64 0.01 6.80 -14.99
N LEU A 65 0.44 5.77 -14.28
CA LEU A 65 -0.27 5.32 -13.10
C LEU A 65 0.69 5.10 -11.93
N ASP A 66 1.01 6.17 -11.23
CA ASP A 66 1.93 6.10 -10.09
C ASP A 66 1.50 5.00 -9.13
N HIS A 67 2.39 4.66 -8.20
CA HIS A 67 2.12 3.62 -7.22
C HIS A 67 2.48 4.08 -5.81
N THR A 68 1.70 3.66 -4.83
CA THR A 68 1.94 4.03 -3.44
C THR A 68 2.42 2.84 -2.62
N GLU A 69 3.72 2.80 -2.35
CA GLU A 69 4.30 1.69 -1.58
C GLU A 69 3.97 1.84 -0.10
N ILE A 70 3.36 0.80 0.47
CA ILE A 70 2.99 0.81 1.88
C ILE A 70 4.14 0.34 2.75
N LYS A 71 4.42 1.09 3.82
CA LYS A 71 5.50 0.74 4.73
C LYS A 71 4.96 0.49 6.14
N ALA A 72 5.77 -0.12 6.99
CA ALA A 72 5.38 -0.42 8.36
C ALA A 72 5.16 0.87 9.16
N PRO A 73 4.16 0.84 10.05
CA PRO A 73 3.83 1.99 10.89
C PRO A 73 4.90 2.27 11.95
N PHE A 74 5.30 1.23 12.67
CA PHE A 74 6.32 1.37 13.70
C PHE A 74 7.13 0.08 13.84
N ASP A 75 6.95 -0.83 12.90
CA ASP A 75 7.66 -2.10 12.92
C ASP A 75 7.05 -3.05 13.95
N GLY A 76 7.42 -4.33 13.86
CA GLY A 76 6.88 -5.31 14.79
C GLY A 76 6.69 -6.67 14.14
N THR A 77 5.45 -7.15 14.14
CA THR A 77 5.13 -8.44 13.55
C THR A 77 3.99 -8.32 12.55
N ILE A 78 4.02 -9.15 11.51
CA ILE A 78 2.99 -9.14 10.48
C ILE A 78 2.36 -10.52 10.33
N GLY A 79 1.04 -10.54 10.17
CA GLY A 79 0.33 -11.80 10.01
C GLY A 79 0.35 -12.29 8.57
N ASP A 80 -0.70 -12.99 8.18
CA ASP A 80 -0.80 -13.52 6.82
C ASP A 80 -1.65 -12.61 5.94
N ALA A 81 -1.37 -12.64 4.64
CA ALA A 81 -2.11 -11.81 3.69
C ALA A 81 -3.51 -12.36 3.45
N LEU A 82 -4.50 -11.48 3.48
CA LEU A 82 -5.89 -11.88 3.26
C LEU A 82 -6.24 -11.87 1.77
N VAL A 83 -5.84 -10.81 1.08
CA VAL A 83 -6.09 -10.68 -0.35
C VAL A 83 -4.85 -11.00 -1.17
N ASN A 84 -4.96 -10.83 -2.48
CA ASN A 84 -3.84 -11.10 -3.38
C ASN A 84 -3.47 -9.85 -4.17
N ILE A 85 -2.60 -10.02 -5.17
CA ILE A 85 -2.17 -8.91 -6.00
C ILE A 85 -3.08 -8.74 -7.22
N GLY A 86 -3.26 -7.50 -7.65
CA GLY A 86 -4.10 -7.22 -8.80
C GLY A 86 -5.57 -7.17 -8.44
N ASP A 87 -5.85 -7.04 -7.15
CA ASP A 87 -7.23 -6.98 -6.67
C ASP A 87 -7.52 -5.62 -6.04
N TYR A 88 -8.70 -5.08 -6.33
CA TYR A 88 -9.10 -3.78 -5.80
C TYR A 88 -9.13 -3.81 -4.27
N VAL A 89 -8.80 -2.68 -3.66
CA VAL A 89 -8.79 -2.57 -2.21
C VAL A 89 -9.19 -1.16 -1.75
N SER A 90 -9.84 -1.09 -0.60
CA SER A 90 -10.29 0.20 -0.06
C SER A 90 -9.22 0.80 0.84
N ALA A 91 -9.54 1.95 1.44
CA ALA A 91 -8.60 2.63 2.33
C ALA A 91 -8.36 1.82 3.60
N SER A 92 -9.23 1.99 4.59
CA SER A 92 -9.11 1.29 5.85
C SER A 92 -10.03 0.07 5.88
N THR A 93 -10.82 -0.10 4.82
CA THR A 93 -11.75 -1.22 4.73
C THR A 93 -11.02 -2.50 4.36
N THR A 94 -9.88 -2.37 3.68
CA THR A 94 -9.09 -3.52 3.27
C THR A 94 -8.00 -3.82 4.28
N GLU A 95 -8.28 -4.75 5.19
CA GLU A 95 -7.32 -5.13 6.21
C GLU A 95 -6.58 -6.40 5.82
N LEU A 96 -5.83 -6.32 4.72
CA LEU A 96 -5.08 -7.47 4.23
C LEU A 96 -4.36 -8.19 5.38
N VAL A 97 -3.47 -7.47 6.06
CA VAL A 97 -2.73 -8.03 7.18
C VAL A 97 -2.67 -7.05 8.34
N ARG A 98 -2.58 -7.59 9.55
CA ARG A 98 -2.51 -6.75 10.76
C ARG A 98 -1.12 -6.79 11.36
N VAL A 99 -0.77 -5.75 12.11
CA VAL A 99 0.53 -5.66 12.75
C VAL A 99 0.40 -5.56 14.26
N THR A 100 1.12 -6.42 14.97
CA THR A 100 1.09 -6.43 16.44
C THR A 100 2.48 -6.63 17.02
N ASN A 101 2.60 -6.46 18.33
CA ASN A 101 3.88 -6.64 19.01
C ASN A 101 4.88 -5.60 18.54
N LEU A 102 4.99 -4.52 19.30
CA LEU A 102 5.92 -3.44 18.96
C LEU A 102 6.41 -2.73 20.23
N ASN A 103 7.48 -1.95 20.08
CA ASN A 103 8.05 -1.22 21.20
C ASN A 103 7.28 0.08 21.46
N PRO A 104 7.32 0.55 22.71
CA PRO A 104 6.64 1.79 23.11
C PRO A 104 7.29 3.03 22.51
N ILE A 105 6.71 3.52 21.41
CA ILE A 105 7.24 4.70 20.73
C ILE A 105 6.37 5.92 21.02
N TYR A 106 6.99 7.09 21.06
CA TYR A 106 6.27 8.34 21.32
C TYR A 106 7.12 9.54 20.94
N ALA A 107 8.00 9.36 19.95
CA ALA A 107 8.86 10.44 19.50
C ALA A 107 9.60 10.03 18.22
N ASP A 108 10.40 10.95 17.69
CA ASP A 108 11.17 10.70 16.47
C ASP A 108 12.48 9.99 16.80
N GLY A 109 13.09 9.39 15.78
CA GLY A 109 14.34 8.68 15.97
C GLY A 109 15.16 8.59 14.69
N SER A 110 14.66 7.83 13.73
CA SER A 110 15.35 7.67 12.46
C SER A 110 15.51 9.00 11.74
N HIS A 111 14.38 9.60 11.38
CA HIS A 111 14.39 10.89 10.69
C HIS A 111 15.16 10.79 9.37
N HIS A 112 14.44 10.45 8.30
CA HIS A 112 15.05 10.33 6.98
C HIS A 112 14.90 11.62 6.18
N HIS A 113 15.83 11.86 5.27
CA HIS A 113 15.79 13.07 4.45
C HIS A 113 15.48 12.71 2.99
N HIS A 114 16.29 11.84 2.41
CA HIS A 114 16.11 11.41 1.03
C HIS A 114 16.24 12.60 0.07
N HIS A 115 16.40 12.30 -1.21
CA HIS A 115 16.55 13.34 -2.22
C HIS A 115 15.31 13.42 -3.11
N HIS A 116 14.55 14.50 -2.96
CA HIS A 116 13.33 14.69 -3.74
C HIS A 116 12.79 16.11 -3.55
N ASP A 1 -2.30 -4.28 19.36
CA ASP A 1 -2.90 -4.90 18.18
C ASP A 1 -3.27 -3.83 17.15
N VAL A 2 -2.55 -3.83 16.02
CA VAL A 2 -2.81 -2.86 14.96
C VAL A 2 -2.91 -3.55 13.61
N ILE A 3 -3.64 -2.94 12.68
CA ILE A 3 -3.81 -3.50 11.35
C ILE A 3 -3.21 -2.59 10.29
N ILE A 4 -2.51 -3.18 9.33
CA ILE A 4 -1.89 -2.42 8.26
C ILE A 4 -2.82 -2.30 7.06
N LYS A 5 -3.24 -1.07 6.75
CA LYS A 5 -4.12 -0.83 5.62
C LYS A 5 -3.61 0.32 4.76
N PRO A 6 -4.03 0.35 3.49
CA PRO A 6 -3.62 1.39 2.55
C PRO A 6 -4.23 2.75 2.88
N GLN A 7 -3.51 3.82 2.53
CA GLN A 7 -3.98 5.17 2.79
C GLN A 7 -4.84 5.68 1.64
N VAL A 8 -5.10 4.81 0.67
CA VAL A 8 -5.92 5.17 -0.49
C VAL A 8 -6.60 3.95 -1.08
N SER A 9 -7.45 4.19 -2.08
CA SER A 9 -8.17 3.10 -2.74
C SER A 9 -7.65 2.88 -4.15
N GLY A 10 -7.20 1.67 -4.43
CA GLY A 10 -6.69 1.35 -5.75
C GLY A 10 -6.66 -0.14 -6.02
N VAL A 11 -5.49 -0.65 -6.39
CA VAL A 11 -5.32 -2.07 -6.67
C VAL A 11 -3.95 -2.57 -6.24
N ILE A 12 -3.92 -3.72 -5.59
CA ILE A 12 -2.67 -4.31 -5.11
C ILE A 12 -1.67 -4.45 -6.26
N VAL A 13 -0.41 -4.16 -5.96
CA VAL A 13 0.64 -4.25 -6.97
C VAL A 13 1.62 -5.38 -6.64
N ASN A 14 1.85 -5.59 -5.35
CA ASN A 14 2.75 -6.64 -4.90
C ASN A 14 2.77 -6.74 -3.38
N LYS A 15 3.50 -7.71 -2.85
CA LYS A 15 3.60 -7.91 -1.41
C LYS A 15 5.05 -8.17 -0.99
N LEU A 16 5.67 -7.17 -0.39
CA LEU A 16 7.06 -7.28 0.06
C LEU A 16 7.12 -7.63 1.54
N PHE A 17 6.35 -8.64 1.94
CA PHE A 17 6.32 -9.09 3.33
C PHE A 17 6.26 -10.60 3.42
N LYS A 18 6.43 -11.13 4.63
CA LYS A 18 6.40 -12.57 4.85
C LYS A 18 5.42 -12.92 5.97
N ALA A 19 5.02 -14.19 6.02
CA ALA A 19 4.09 -14.66 7.04
C ALA A 19 4.83 -15.09 8.30
N GLY A 20 4.73 -14.28 9.35
CA GLY A 20 5.40 -14.59 10.59
C GLY A 20 6.71 -13.85 10.75
N ASP A 21 6.99 -12.94 9.83
CA ASP A 21 8.23 -12.17 9.87
C ASP A 21 8.04 -10.89 10.68
N LYS A 22 9.12 -10.13 10.84
CA LYS A 22 9.08 -8.87 11.59
C LYS A 22 9.04 -7.68 10.65
N VAL A 23 8.56 -6.54 11.16
CA VAL A 23 8.48 -5.33 10.37
C VAL A 23 9.41 -4.25 10.91
N LYS A 24 9.56 -3.17 10.15
CA LYS A 24 10.43 -2.07 10.55
C LYS A 24 9.75 -0.72 10.33
N LYS A 25 10.08 0.25 11.16
CA LYS A 25 9.50 1.59 11.05
C LYS A 25 9.73 2.17 9.66
N GLY A 26 8.73 2.03 8.79
CA GLY A 26 8.85 2.55 7.44
C GLY A 26 9.26 1.48 6.45
N GLN A 27 9.12 0.22 6.84
CA GLN A 27 9.48 -0.89 5.97
C GLN A 27 8.33 -1.25 5.04
N THR A 28 8.63 -1.38 3.75
CA THR A 28 7.61 -1.72 2.77
C THR A 28 7.08 -3.13 2.98
N LEU A 29 5.77 -3.29 2.84
CA LEU A 29 5.14 -4.60 3.02
C LEU A 29 4.12 -4.87 1.92
N PHE A 30 3.38 -3.83 1.53
CA PHE A 30 2.38 -3.95 0.48
C PHE A 30 2.46 -2.79 -0.49
N ILE A 31 1.80 -2.92 -1.64
CA ILE A 31 1.80 -1.88 -2.65
C ILE A 31 0.44 -1.78 -3.34
N ILE A 32 -0.02 -0.54 -3.55
CA ILE A 32 -1.30 -0.31 -4.18
C ILE A 32 -1.26 0.95 -5.04
N GLU A 33 -1.69 0.81 -6.30
CA GLU A 33 -1.70 1.93 -7.23
C GLU A 33 -3.06 2.62 -7.24
N GLN A 34 -3.06 3.92 -7.00
CA GLN A 34 -4.29 4.69 -6.98
C GLN A 34 -4.16 5.97 -7.79
N ASP A 35 -5.29 6.50 -8.26
CA ASP A 35 -5.29 7.72 -9.06
C ASP A 35 -6.71 8.07 -9.51
N GLN A 36 -7.69 7.75 -8.68
CA GLN A 36 -9.08 8.03 -9.01
C GLN A 36 -9.42 7.51 -10.40
N ALA A 37 -10.60 7.89 -10.89
CA ALA A 37 -11.05 7.47 -12.21
C ALA A 37 -10.16 8.05 -13.31
N SER A 38 -10.47 9.27 -13.73
CA SER A 38 -9.71 9.94 -14.77
C SER A 38 -10.28 11.32 -15.07
N LYS A 39 -10.65 12.04 -14.02
CA LYS A 39 -11.21 13.38 -14.16
C LYS A 39 -10.20 14.44 -13.73
N ASP A 40 -9.20 14.02 -12.98
CA ASP A 40 -8.17 14.93 -12.51
C ASP A 40 -6.78 14.29 -12.58
N PHE A 41 -6.74 12.96 -12.44
CA PHE A 41 -5.49 12.24 -12.49
C PHE A 41 -5.14 11.85 -13.93
N ASN A 42 -5.67 10.71 -14.38
CA ASN A 42 -5.42 10.23 -15.73
C ASN A 42 -6.06 8.87 -15.96
N ARG A 43 -5.68 8.22 -17.05
CA ARG A 43 -6.21 6.90 -17.38
C ARG A 43 -5.74 6.45 -18.76
N SER A 44 -5.51 7.42 -19.64
CA SER A 44 -5.05 7.11 -20.99
C SER A 44 -3.80 6.25 -20.96
N LYS A 45 -2.89 6.55 -20.03
CA LYS A 45 -1.65 5.79 -19.90
C LYS A 45 -1.93 4.30 -19.82
N ALA A 46 -2.67 3.89 -18.80
CA ALA A 46 -3.01 2.48 -18.61
C ALA A 46 -4.43 2.20 -19.09
N LEU A 47 -4.54 1.49 -20.21
CA LEU A 47 -5.84 1.14 -20.77
C LEU A 47 -6.07 -0.36 -20.73
N PHE A 48 -7.34 -0.77 -20.79
CA PHE A 48 -7.68 -2.19 -20.77
C PHE A 48 -8.79 -2.49 -21.78
N SER A 49 -8.88 -1.66 -22.81
CA SER A 49 -9.89 -1.83 -23.85
C SER A 49 -9.84 -3.25 -24.42
N GLN A 50 -10.84 -4.06 -24.07
CA GLN A 50 -10.91 -5.43 -24.55
C GLN A 50 -9.74 -6.25 -24.03
N SER A 51 -9.58 -7.45 -24.56
CA SER A 51 -8.49 -8.33 -24.16
C SER A 51 -7.17 -7.91 -24.79
N ALA A 52 -6.75 -6.69 -24.51
CA ALA A 52 -5.51 -6.16 -25.05
C ALA A 52 -4.40 -6.15 -24.00
N ILE A 53 -4.75 -5.74 -22.78
CA ILE A 53 -3.78 -5.70 -21.69
C ILE A 53 -4.45 -6.08 -20.36
N SER A 54 -4.73 -7.37 -20.19
CA SER A 54 -5.35 -7.86 -18.98
C SER A 54 -4.62 -7.36 -17.74
N GLN A 55 -5.23 -6.42 -17.04
CA GLN A 55 -4.64 -5.85 -15.83
C GLN A 55 -4.38 -6.94 -14.79
N LYS A 56 -5.00 -8.10 -14.98
CA LYS A 56 -4.84 -9.21 -14.06
C LYS A 56 -3.62 -10.05 -14.43
N GLU A 57 -2.96 -9.68 -15.53
CA GLU A 57 -1.79 -10.41 -15.99
C GLU A 57 -0.81 -9.47 -16.68
N TYR A 58 -1.04 -8.17 -16.53
CA TYR A 58 -0.18 -7.16 -17.14
C TYR A 58 0.98 -6.81 -16.21
N ASP A 59 1.80 -5.86 -16.64
CA ASP A 59 2.95 -5.42 -15.84
C ASP A 59 2.72 -4.03 -15.27
N SER A 60 3.49 -3.68 -14.26
CA SER A 60 3.37 -2.37 -13.61
C SER A 60 4.36 -1.37 -14.21
N SER A 61 5.44 -1.90 -14.79
CA SER A 61 6.46 -1.05 -15.41
C SER A 61 5.85 -0.13 -16.45
N LEU A 62 4.76 -0.58 -17.08
CA LEU A 62 4.08 0.21 -18.09
C LEU A 62 3.09 1.17 -17.46
N ALA A 63 2.67 0.86 -16.24
CA ALA A 63 1.72 1.71 -15.52
C ALA A 63 2.45 2.78 -14.72
N THR A 64 1.85 3.97 -14.65
CA THR A 64 2.44 5.08 -13.91
C THR A 64 1.38 6.09 -13.52
N LEU A 65 0.79 5.90 -12.34
CA LEU A 65 -0.24 6.81 -11.83
C LEU A 65 -0.08 7.03 -10.33
N ASP A 66 1.14 7.32 -9.91
CA ASP A 66 1.42 7.57 -8.50
C ASP A 66 0.98 6.38 -7.65
N HIS A 67 1.95 5.50 -7.34
CA HIS A 67 1.66 4.32 -6.54
C HIS A 67 1.95 4.59 -5.06
N THR A 68 1.07 4.11 -4.19
CA THR A 68 1.23 4.30 -2.75
C THR A 68 1.63 3.00 -2.08
N GLU A 69 2.90 2.93 -1.66
CA GLU A 69 3.42 1.74 -0.99
C GLU A 69 3.01 1.73 0.48
N ILE A 70 2.49 0.59 0.93
CA ILE A 70 2.06 0.44 2.31
C ILE A 70 3.22 -0.01 3.20
N LYS A 71 3.83 0.95 3.89
CA LYS A 71 4.94 0.66 4.78
C LYS A 71 4.45 0.48 6.22
N ALA A 72 5.05 -0.48 6.92
CA ALA A 72 4.68 -0.74 8.31
C ALA A 72 4.73 0.54 9.14
N PRO A 73 3.80 0.64 10.11
CA PRO A 73 3.71 1.81 11.00
C PRO A 73 4.88 1.88 11.97
N PHE A 74 5.42 0.72 12.34
CA PHE A 74 6.54 0.66 13.27
C PHE A 74 7.02 -0.77 13.44
N ASP A 75 8.26 -0.93 13.91
CA ASP A 75 8.84 -2.25 14.12
C ASP A 75 7.85 -3.16 14.86
N GLY A 76 7.86 -4.44 14.49
CA GLY A 76 6.96 -5.40 15.11
C GLY A 76 6.90 -6.70 14.36
N THR A 77 5.73 -7.35 14.40
CA THR A 77 5.54 -8.62 13.72
C THR A 77 4.40 -8.54 12.71
N ILE A 78 4.57 -9.22 11.58
CA ILE A 78 3.55 -9.22 10.54
C ILE A 78 2.90 -10.59 10.40
N GLY A 79 1.60 -10.61 10.12
CA GLY A 79 0.89 -11.87 9.96
C GLY A 79 0.87 -12.35 8.53
N ASP A 80 -0.20 -13.04 8.15
CA ASP A 80 -0.34 -13.56 6.79
C ASP A 80 -1.09 -12.56 5.91
N ALA A 81 -1.35 -12.96 4.67
CA ALA A 81 -2.05 -12.10 3.72
C ALA A 81 -3.55 -12.37 3.75
N LEU A 82 -4.33 -11.36 3.37
CA LEU A 82 -5.79 -11.49 3.35
C LEU A 82 -6.32 -11.36 1.93
N VAL A 83 -5.72 -10.46 1.15
CA VAL A 83 -6.14 -10.24 -0.22
C VAL A 83 -5.11 -10.79 -1.21
N ASN A 84 -5.35 -10.57 -2.49
CA ASN A 84 -4.45 -11.05 -3.53
C ASN A 84 -3.99 -9.90 -4.42
N ILE A 85 -2.95 -10.13 -5.21
CA ILE A 85 -2.42 -9.12 -6.11
C ILE A 85 -3.37 -8.89 -7.29
N GLY A 86 -3.34 -7.68 -7.83
CA GLY A 86 -4.20 -7.36 -8.96
C GLY A 86 -5.66 -7.28 -8.57
N ASP A 87 -5.93 -7.18 -7.27
CA ASP A 87 -7.29 -7.10 -6.77
C ASP A 87 -7.60 -5.69 -6.25
N TYR A 88 -8.74 -5.16 -6.66
CA TYR A 88 -9.15 -3.82 -6.23
C TYR A 88 -9.27 -3.75 -4.72
N VAL A 89 -8.93 -2.59 -4.15
CA VAL A 89 -9.00 -2.38 -2.71
C VAL A 89 -9.36 -0.93 -2.38
N SER A 90 -10.01 -0.74 -1.23
CA SER A 90 -10.40 0.60 -0.80
C SER A 90 -9.35 1.21 0.12
N ALA A 91 -9.70 2.34 0.72
CA ALA A 91 -8.78 3.03 1.62
C ALA A 91 -8.35 2.11 2.77
N SER A 92 -8.01 2.73 3.90
CA SER A 92 -7.58 1.97 5.08
C SER A 92 -8.62 0.92 5.46
N THR A 93 -9.84 1.09 4.94
CA THR A 93 -10.92 0.17 5.23
C THR A 93 -10.59 -1.24 4.75
N THR A 94 -9.77 -1.32 3.70
CA THR A 94 -9.38 -2.61 3.14
C THR A 94 -8.14 -3.16 3.84
N GLU A 95 -8.35 -3.98 4.86
CA GLU A 95 -7.24 -4.56 5.60
C GLU A 95 -6.75 -5.84 4.92
N LEU A 96 -5.49 -5.84 4.50
CA LEU A 96 -4.90 -6.99 3.83
C LEU A 96 -3.94 -7.72 4.77
N VAL A 97 -3.45 -7.00 5.78
CA VAL A 97 -2.52 -7.58 6.74
C VAL A 97 -2.53 -6.80 8.06
N ARG A 98 -2.19 -7.48 9.15
CA ARG A 98 -2.16 -6.85 10.46
C ARG A 98 -0.80 -7.01 11.11
N VAL A 99 -0.47 -6.10 12.03
CA VAL A 99 0.81 -6.14 12.72
C VAL A 99 0.61 -6.37 14.22
N THR A 100 1.53 -7.12 14.82
CA THR A 100 1.46 -7.42 16.24
C THR A 100 2.80 -7.15 16.92
N ASN A 101 2.79 -7.17 18.26
CA ASN A 101 3.99 -6.92 19.03
C ASN A 101 4.61 -5.57 18.67
N LEU A 102 4.24 -4.53 19.41
CA LEU A 102 4.76 -3.19 19.16
C LEU A 102 4.94 -2.43 20.47
N ASN A 103 5.44 -1.20 20.38
CA ASN A 103 5.66 -0.36 21.55
C ASN A 103 4.38 0.32 21.98
N PRO A 104 4.29 0.67 23.27
CA PRO A 104 3.11 1.33 23.84
C PRO A 104 2.97 2.77 23.35
N ILE A 105 2.17 2.95 22.31
CA ILE A 105 1.94 4.28 21.74
C ILE A 105 0.74 4.95 22.39
N TYR A 106 0.77 6.28 22.43
CA TYR A 106 -0.31 7.05 23.03
C TYR A 106 -0.25 8.51 22.58
N ALA A 107 0.28 8.74 21.40
CA ALA A 107 0.40 10.09 20.86
C ALA A 107 0.46 10.07 19.33
N ASP A 108 1.55 9.56 18.79
CA ASP A 108 1.73 9.48 17.35
C ASP A 108 1.73 10.88 16.72
N GLY A 109 2.06 10.95 15.43
CA GLY A 109 2.10 12.22 14.74
C GLY A 109 0.72 12.75 14.41
N SER A 110 0.65 13.58 13.38
CA SER A 110 -0.63 14.16 12.96
C SER A 110 -1.23 13.37 11.80
N HIS A 111 -0.49 13.28 10.70
CA HIS A 111 -0.95 12.55 9.53
C HIS A 111 0.16 12.41 8.50
N HIS A 112 0.64 13.54 7.99
CA HIS A 112 1.71 13.54 7.00
C HIS A 112 1.46 12.49 5.93
N HIS A 113 2.50 12.19 5.14
CA HIS A 113 2.40 11.19 4.08
C HIS A 113 3.77 10.82 3.55
N HIS A 114 4.61 11.83 3.32
CA HIS A 114 5.95 11.61 2.81
C HIS A 114 5.91 10.83 1.50
N HIS A 115 5.23 11.39 0.51
CA HIS A 115 5.12 10.74 -0.80
C HIS A 115 6.43 10.83 -1.56
N HIS A 116 6.56 10.01 -2.60
CA HIS A 116 7.77 10.00 -3.42
C HIS A 116 7.42 9.97 -4.90
N ASP A 1 -1.61 -5.38 18.47
CA ASP A 1 -2.97 -5.56 17.96
C ASP A 1 -3.37 -4.40 17.04
N VAL A 2 -2.67 -4.29 15.91
CA VAL A 2 -2.95 -3.23 14.95
C VAL A 2 -3.03 -3.78 13.53
N ILE A 3 -3.89 -3.18 12.72
CA ILE A 3 -4.06 -3.61 11.34
C ILE A 3 -3.32 -2.69 10.38
N ILE A 4 -2.71 -3.28 9.34
CA ILE A 4 -1.98 -2.51 8.36
C ILE A 4 -2.83 -2.23 7.13
N LYS A 5 -3.09 -0.95 6.87
CA LYS A 5 -3.90 -0.54 5.73
C LYS A 5 -3.24 0.62 4.98
N PRO A 6 -3.55 0.74 3.68
CA PRO A 6 -3.01 1.80 2.84
C PRO A 6 -3.55 3.18 3.20
N GLN A 7 -3.29 4.15 2.35
CA GLN A 7 -3.75 5.52 2.58
C GLN A 7 -4.70 5.97 1.48
N VAL A 8 -4.91 5.10 0.49
CA VAL A 8 -5.79 5.41 -0.63
C VAL A 8 -6.48 4.15 -1.15
N SER A 9 -7.30 4.31 -2.18
CA SER A 9 -8.01 3.19 -2.78
C SER A 9 -7.54 2.94 -4.21
N GLY A 10 -7.22 1.68 -4.50
CA GLY A 10 -6.76 1.33 -5.84
C GLY A 10 -6.72 -0.17 -6.06
N VAL A 11 -5.56 -0.67 -6.48
CA VAL A 11 -5.39 -2.10 -6.73
C VAL A 11 -4.01 -2.57 -6.29
N ILE A 12 -3.97 -3.69 -5.59
CA ILE A 12 -2.71 -4.25 -5.11
C ILE A 12 -1.72 -4.43 -6.26
N VAL A 13 -0.48 -4.00 -6.02
CA VAL A 13 0.57 -4.11 -7.03
C VAL A 13 1.55 -5.22 -6.69
N ASN A 14 1.78 -5.43 -5.40
CA ASN A 14 2.70 -6.47 -4.94
C ASN A 14 2.71 -6.55 -3.41
N LYS A 15 3.43 -7.53 -2.89
CA LYS A 15 3.52 -7.72 -1.44
C LYS A 15 4.97 -7.98 -1.02
N LEU A 16 5.64 -6.92 -0.58
CA LEU A 16 7.03 -7.03 -0.14
C LEU A 16 7.10 -7.39 1.34
N PHE A 17 6.37 -8.42 1.72
CA PHE A 17 6.35 -8.88 3.11
C PHE A 17 6.18 -10.40 3.19
N LYS A 18 6.36 -10.95 4.39
CA LYS A 18 6.23 -12.38 4.60
C LYS A 18 5.28 -12.68 5.76
N ALA A 19 4.70 -13.88 5.75
CA ALA A 19 3.78 -14.28 6.81
C ALA A 19 4.53 -14.89 7.98
N GLY A 20 4.59 -14.16 9.09
CA GLY A 20 5.28 -14.66 10.27
C GLY A 20 6.64 -14.02 10.46
N ASP A 21 6.88 -12.94 9.72
CA ASP A 21 8.15 -12.22 9.81
C ASP A 21 8.00 -10.93 10.60
N LYS A 22 9.09 -10.17 10.72
CA LYS A 22 9.06 -8.92 11.45
C LYS A 22 9.15 -7.73 10.49
N VAL A 23 8.62 -6.59 10.91
CA VAL A 23 8.64 -5.39 10.09
C VAL A 23 9.44 -4.28 10.77
N LYS A 24 9.53 -3.13 10.11
CA LYS A 24 10.27 -1.99 10.64
C LYS A 24 9.47 -0.70 10.48
N LYS A 25 9.96 0.38 11.09
CA LYS A 25 9.29 1.67 11.00
C LYS A 25 9.50 2.30 9.62
N GLY A 26 8.55 2.07 8.72
CA GLY A 26 8.64 2.61 7.38
C GLY A 26 9.08 1.58 6.35
N GLN A 27 9.01 0.31 6.74
CA GLN A 27 9.40 -0.77 5.84
C GLN A 27 8.26 -1.15 4.91
N THR A 28 8.54 -1.20 3.62
CA THR A 28 7.54 -1.55 2.62
C THR A 28 7.02 -2.97 2.84
N LEU A 29 5.71 -3.14 2.68
CA LEU A 29 5.09 -4.45 2.86
C LEU A 29 4.07 -4.72 1.76
N PHE A 30 3.33 -3.69 1.38
CA PHE A 30 2.32 -3.81 0.34
C PHE A 30 2.38 -2.63 -0.63
N ILE A 31 1.70 -2.76 -1.76
CA ILE A 31 1.67 -1.70 -2.76
C ILE A 31 0.30 -1.61 -3.43
N ILE A 32 -0.13 -0.38 -3.70
CA ILE A 32 -1.43 -0.17 -4.34
C ILE A 32 -1.34 0.95 -5.38
N GLU A 33 -1.93 0.73 -6.55
CA GLU A 33 -1.92 1.71 -7.61
C GLU A 33 -3.24 2.47 -7.67
N GLN A 34 -3.17 3.80 -7.66
CA GLN A 34 -4.35 4.63 -7.70
C GLN A 34 -4.09 5.90 -8.50
N ASP A 35 -5.00 6.87 -8.39
CA ASP A 35 -4.87 8.13 -9.10
C ASP A 35 -5.18 9.31 -8.18
N GLN A 36 -4.14 10.01 -7.75
CA GLN A 36 -4.30 11.16 -6.86
C GLN A 36 -3.15 12.13 -7.03
N ALA A 37 -2.43 12.02 -8.15
CA ALA A 37 -1.31 12.91 -8.43
C ALA A 37 -1.78 14.33 -8.68
N SER A 38 -2.61 14.51 -9.71
CA SER A 38 -3.12 15.82 -10.05
C SER A 38 -4.03 15.74 -11.28
N LYS A 39 -4.70 16.85 -11.58
CA LYS A 39 -5.61 16.90 -12.72
C LYS A 39 -4.94 17.56 -13.92
N ASP A 40 -3.67 17.91 -13.75
CA ASP A 40 -2.90 18.54 -14.83
C ASP A 40 -1.43 18.15 -14.76
N PHE A 41 -1.17 16.97 -14.20
CA PHE A 41 0.19 16.48 -14.06
C PHE A 41 0.51 15.46 -15.16
N ASN A 42 -0.02 14.25 -15.00
CA ASN A 42 0.21 13.18 -15.98
C ASN A 42 -0.38 13.56 -17.34
N ARG A 43 0.35 13.22 -18.40
CA ARG A 43 -0.10 13.52 -19.76
C ARG A 43 -0.75 12.30 -20.40
N SER A 44 -0.78 11.20 -19.66
CA SER A 44 -1.37 9.96 -20.17
C SER A 44 -0.63 9.46 -21.40
N LYS A 45 -0.81 8.19 -21.72
CA LYS A 45 -0.15 7.59 -22.87
C LYS A 45 -1.07 7.61 -24.09
N ALA A 46 -2.28 8.13 -23.91
CA ALA A 46 -3.25 8.21 -24.99
C ALA A 46 -3.92 6.86 -25.22
N LEU A 47 -5.12 6.70 -24.67
CA LEU A 47 -5.87 5.46 -24.81
C LEU A 47 -7.27 5.73 -25.35
N PHE A 48 -7.60 5.11 -26.48
CA PHE A 48 -8.90 5.29 -27.10
C PHE A 48 -9.21 4.13 -28.06
N SER A 49 -8.89 2.92 -27.63
CA SER A 49 -9.13 1.73 -28.44
C SER A 49 -10.59 1.33 -28.42
N GLN A 50 -11.46 2.26 -28.81
CA GLN A 50 -12.90 2.02 -28.83
C GLN A 50 -13.46 1.96 -27.41
N SER A 51 -13.08 0.92 -26.66
CA SER A 51 -13.55 0.76 -25.29
C SER A 51 -12.91 1.79 -24.37
N ALA A 52 -11.64 2.07 -24.59
CA ALA A 52 -10.91 3.04 -23.78
C ALA A 52 -11.65 4.37 -23.74
N ILE A 53 -12.19 4.78 -24.88
CA ILE A 53 -12.92 6.03 -24.98
C ILE A 53 -12.20 7.15 -24.23
N SER A 54 -12.91 8.24 -23.97
CA SER A 54 -12.34 9.38 -23.25
C SER A 54 -12.72 9.35 -21.78
N GLN A 55 -12.37 10.40 -21.06
CA GLN A 55 -12.67 10.50 -19.64
C GLN A 55 -14.16 10.79 -19.42
N LYS A 56 -14.87 11.06 -20.50
CA LYS A 56 -16.30 11.36 -20.44
C LYS A 56 -17.01 10.37 -19.52
N GLU A 57 -17.13 9.13 -19.97
CA GLU A 57 -17.79 8.08 -19.19
C GLU A 57 -16.79 7.01 -18.76
N TYR A 58 -16.27 7.14 -17.55
CA TYR A 58 -15.31 6.18 -17.03
C TYR A 58 -14.94 6.51 -15.59
N ASP A 59 -13.95 5.79 -15.07
CA ASP A 59 -13.49 6.00 -13.69
C ASP A 59 -12.08 6.59 -13.67
N SER A 60 -11.55 6.80 -12.47
CA SER A 60 -10.21 7.36 -12.32
C SER A 60 -9.19 6.25 -12.13
N SER A 61 -9.66 5.07 -11.75
CA SER A 61 -8.78 3.92 -11.53
C SER A 61 -7.92 3.66 -12.75
N LEU A 62 -8.46 3.97 -13.92
CA LEU A 62 -7.74 3.77 -15.18
C LEU A 62 -6.79 4.92 -15.46
N ALA A 63 -7.10 6.09 -14.90
CA ALA A 63 -6.27 7.27 -15.08
C ALA A 63 -4.94 7.12 -14.36
N THR A 64 -3.86 7.46 -15.06
CA THR A 64 -2.52 7.36 -14.48
C THR A 64 -2.26 5.96 -13.94
N LEU A 65 -1.07 5.77 -13.37
CA LEU A 65 -0.69 4.47 -12.82
C LEU A 65 0.18 4.65 -11.58
N ASP A 66 0.04 5.79 -10.92
CA ASP A 66 0.81 6.07 -9.72
C ASP A 66 0.33 5.22 -8.54
N HIS A 67 1.28 4.60 -7.85
CA HIS A 67 0.96 3.75 -6.71
C HIS A 67 1.60 4.29 -5.43
N THR A 68 1.34 3.60 -4.31
CA THR A 68 1.89 4.02 -3.03
C THR A 68 2.47 2.83 -2.27
N GLU A 69 3.67 3.01 -1.73
CA GLU A 69 4.33 1.95 -0.97
C GLU A 69 3.79 1.86 0.45
N ILE A 70 3.03 0.81 0.73
CA ILE A 70 2.45 0.61 2.04
C ILE A 70 3.50 0.21 3.06
N LYS A 71 4.00 1.18 3.81
CA LYS A 71 5.01 0.92 4.83
C LYS A 71 4.38 0.63 6.19
N ALA A 72 5.04 -0.18 6.99
CA ALA A 72 4.54 -0.53 8.32
C ALA A 72 4.58 0.67 9.25
N PRO A 73 3.63 0.73 10.18
CA PRO A 73 3.53 1.82 11.15
C PRO A 73 4.66 1.78 12.18
N PHE A 74 5.07 0.57 12.56
CA PHE A 74 6.13 0.39 13.53
C PHE A 74 6.66 -1.05 13.52
N ASP A 75 7.96 -1.19 13.75
CA ASP A 75 8.58 -2.51 13.75
C ASP A 75 7.79 -3.48 14.63
N GLY A 76 7.78 -4.75 14.25
CA GLY A 76 7.07 -5.76 15.01
C GLY A 76 6.69 -6.96 14.17
N THR A 77 6.16 -7.99 14.82
CA THR A 77 5.76 -9.21 14.13
C THR A 77 4.59 -8.95 13.19
N ILE A 78 4.52 -9.71 12.10
CA ILE A 78 3.45 -9.56 11.13
C ILE A 78 2.79 -10.90 10.83
N GLY A 79 1.50 -10.86 10.54
CA GLY A 79 0.77 -12.08 10.23
C GLY A 79 0.73 -12.37 8.74
N ASP A 80 -0.36 -13.01 8.30
CA ASP A 80 -0.51 -13.35 6.89
C ASP A 80 -1.38 -12.31 6.18
N ALA A 81 -1.29 -12.29 4.86
CA ALA A 81 -2.07 -11.34 4.05
C ALA A 81 -3.51 -11.80 3.91
N LEU A 82 -4.40 -10.84 3.63
CA LEU A 82 -5.82 -11.15 3.47
C LEU A 82 -6.23 -11.02 2.01
N VAL A 83 -5.66 -10.03 1.33
CA VAL A 83 -5.98 -9.79 -0.08
C VAL A 83 -4.86 -10.31 -0.99
N ASN A 84 -5.15 -10.39 -2.28
CA ASN A 84 -4.17 -10.88 -3.25
C ASN A 84 -3.79 -9.77 -4.24
N ILE A 85 -2.80 -10.05 -5.07
CA ILE A 85 -2.35 -9.09 -6.07
C ILE A 85 -3.35 -8.97 -7.21
N GLY A 86 -3.32 -7.81 -7.89
CA GLY A 86 -4.23 -7.58 -8.99
C GLY A 86 -5.68 -7.51 -8.54
N ASP A 87 -5.89 -7.35 -7.24
CA ASP A 87 -7.24 -7.26 -6.69
C ASP A 87 -7.53 -5.84 -6.21
N TYR A 88 -8.63 -5.27 -6.71
CA TYR A 88 -9.02 -3.91 -6.34
C TYR A 88 -9.39 -3.84 -4.85
N VAL A 89 -8.75 -2.91 -4.15
CA VAL A 89 -9.01 -2.72 -2.72
C VAL A 89 -9.44 -1.30 -2.42
N SER A 90 -10.23 -1.13 -1.37
CA SER A 90 -10.71 0.19 -0.97
C SER A 90 -9.65 0.93 -0.17
N ALA A 91 -10.03 2.08 0.38
CA ALA A 91 -9.12 2.89 1.17
C ALA A 91 -8.58 2.11 2.37
N SER A 92 -8.22 2.83 3.42
CA SER A 92 -7.68 2.20 4.63
C SER A 92 -8.59 1.05 5.09
N THR A 93 -9.85 1.11 4.68
CA THR A 93 -10.82 0.08 5.05
C THR A 93 -10.33 -1.30 4.65
N THR A 94 -9.48 -1.35 3.63
CA THR A 94 -8.94 -2.61 3.14
C THR A 94 -7.96 -3.21 4.14
N GLU A 95 -8.36 -4.32 4.77
CA GLU A 95 -7.52 -4.98 5.75
C GLU A 95 -6.73 -6.13 5.11
N LEU A 96 -5.42 -5.98 5.06
CA LEU A 96 -4.55 -7.01 4.47
C LEU A 96 -3.90 -7.86 5.56
N VAL A 97 -3.04 -7.24 6.35
CA VAL A 97 -2.35 -7.95 7.43
C VAL A 97 -2.24 -7.08 8.68
N ARG A 98 -2.19 -7.73 9.83
CA ARG A 98 -2.08 -7.01 11.11
C ARG A 98 -0.71 -7.24 11.75
N VAL A 99 -0.26 -6.26 12.51
CA VAL A 99 1.03 -6.34 13.18
C VAL A 99 0.86 -6.66 14.66
N THR A 100 1.64 -7.62 15.15
CA THR A 100 1.57 -8.01 16.56
C THR A 100 2.96 -8.05 17.18
N ASN A 101 3.00 -8.17 18.51
CA ASN A 101 4.27 -8.22 19.23
C ASN A 101 5.18 -7.05 18.82
N LEU A 102 6.43 -7.12 19.24
CA LEU A 102 7.40 -6.07 18.92
C LEU A 102 8.82 -6.63 18.92
N ASN A 103 9.14 -7.43 19.92
CA ASN A 103 10.47 -8.03 20.04
C ASN A 103 10.65 -9.15 19.03
N PRO A 104 11.90 -9.42 18.66
CA PRO A 104 12.23 -10.48 17.69
C PRO A 104 12.00 -11.88 18.26
N ILE A 105 12.25 -12.89 17.43
CA ILE A 105 12.06 -14.27 17.86
C ILE A 105 13.13 -15.18 17.25
N TYR A 106 13.56 -16.17 18.03
CA TYR A 106 14.58 -17.11 17.58
C TYR A 106 14.60 -18.36 18.44
N ALA A 107 13.42 -18.77 18.91
CA ALA A 107 13.30 -19.95 19.74
C ALA A 107 11.83 -20.27 20.04
N ASP A 108 11.21 -21.02 19.14
CA ASP A 108 9.80 -21.40 19.29
C ASP A 108 9.40 -22.44 18.25
N GLY A 109 9.45 -22.04 16.98
CA GLY A 109 9.08 -22.95 15.90
C GLY A 109 7.62 -23.34 15.97
N SER A 110 6.78 -22.60 15.25
CA SER A 110 5.35 -22.89 15.23
C SER A 110 4.99 -23.77 14.05
N HIS A 111 5.32 -23.31 12.84
CA HIS A 111 5.03 -24.07 11.62
C HIS A 111 3.53 -24.25 11.45
N HIS A 112 2.86 -23.19 11.00
CA HIS A 112 1.42 -23.22 10.77
C HIS A 112 1.09 -23.95 9.47
N HIS A 113 -0.20 -24.12 9.20
CA HIS A 113 -0.64 -24.80 7.99
C HIS A 113 -1.92 -24.16 7.45
N HIS A 114 -2.31 -24.55 6.23
CA HIS A 114 -3.51 -24.01 5.61
C HIS A 114 -3.76 -24.67 4.26
N HIS A 115 -5.00 -24.57 3.77
CA HIS A 115 -5.36 -25.17 2.49
C HIS A 115 -6.76 -24.72 2.07
N HIS A 116 -7.23 -25.25 0.94
CA HIS A 116 -8.55 -24.91 0.44
C HIS A 116 -8.63 -23.43 0.07
N ASP A 1 -1.85 -4.60 18.51
CA ASP A 1 -3.18 -4.93 18.00
C ASP A 1 -3.64 -3.91 16.97
N VAL A 2 -2.91 -3.83 15.86
CA VAL A 2 -3.24 -2.90 14.78
C VAL A 2 -3.26 -3.60 13.43
N ILE A 3 -4.07 -3.06 12.51
CA ILE A 3 -4.18 -3.64 11.18
C ILE A 3 -3.53 -2.74 10.13
N ILE A 4 -2.68 -3.33 9.31
CA ILE A 4 -1.99 -2.57 8.26
C ILE A 4 -2.84 -2.48 6.99
N LYS A 5 -3.28 -1.27 6.68
CA LYS A 5 -4.10 -1.05 5.49
C LYS A 5 -3.57 0.12 4.68
N PRO A 6 -3.89 0.13 3.37
CA PRO A 6 -3.46 1.19 2.45
C PRO A 6 -4.15 2.52 2.74
N GLN A 7 -3.38 3.60 2.64
CA GLN A 7 -3.92 4.94 2.89
C GLN A 7 -4.49 5.54 1.61
N VAL A 8 -4.68 4.70 0.60
CA VAL A 8 -5.22 5.15 -0.68
C VAL A 8 -5.98 4.04 -1.38
N SER A 9 -7.01 4.42 -2.14
CA SER A 9 -7.83 3.45 -2.85
C SER A 9 -7.27 3.19 -4.24
N GLY A 10 -7.41 1.95 -4.72
CA GLY A 10 -6.91 1.60 -6.03
C GLY A 10 -6.87 0.09 -6.25
N VAL A 11 -5.70 -0.44 -6.57
CA VAL A 11 -5.53 -1.86 -6.81
C VAL A 11 -4.15 -2.34 -6.37
N ILE A 12 -4.11 -3.48 -5.69
CA ILE A 12 -2.86 -4.05 -5.22
C ILE A 12 -1.88 -4.25 -6.37
N VAL A 13 -0.59 -4.02 -6.10
CA VAL A 13 0.44 -4.19 -7.11
C VAL A 13 1.42 -5.28 -6.71
N ASN A 14 1.72 -5.36 -5.42
CA ASN A 14 2.66 -6.37 -4.91
C ASN A 14 2.62 -6.43 -3.39
N LYS A 15 3.35 -7.37 -2.82
CA LYS A 15 3.40 -7.53 -1.37
C LYS A 15 4.80 -7.90 -0.92
N LEU A 16 5.55 -6.91 -0.44
CA LEU A 16 6.91 -7.13 0.03
C LEU A 16 6.94 -7.41 1.53
N PHE A 17 6.26 -8.47 1.94
CA PHE A 17 6.20 -8.84 3.35
C PHE A 17 6.06 -10.36 3.51
N LYS A 18 6.36 -10.85 4.70
CA LYS A 18 6.26 -12.28 4.99
C LYS A 18 5.43 -12.53 6.25
N ALA A 19 5.00 -13.78 6.43
CA ALA A 19 4.20 -14.14 7.58
C ALA A 19 5.08 -14.56 8.75
N GLY A 20 4.94 -13.85 9.87
CA GLY A 20 5.73 -14.16 11.04
C GLY A 20 7.16 -13.65 10.93
N ASP A 21 7.35 -12.63 10.09
CA ASP A 21 8.68 -12.05 9.90
C ASP A 21 8.84 -10.79 10.75
N LYS A 22 10.01 -10.17 10.65
CA LYS A 22 10.31 -8.96 11.41
C LYS A 22 10.18 -7.72 10.52
N VAL A 23 9.33 -6.78 10.92
CA VAL A 23 9.13 -5.56 10.17
C VAL A 23 9.85 -4.38 10.82
N LYS A 24 10.03 -3.31 10.06
CA LYS A 24 10.69 -2.11 10.56
C LYS A 24 9.80 -0.88 10.42
N LYS A 25 10.00 0.09 11.30
CA LYS A 25 9.22 1.32 11.27
C LYS A 25 9.32 2.00 9.92
N GLY A 26 8.37 1.72 9.03
CA GLY A 26 8.37 2.31 7.71
C GLY A 26 8.83 1.34 6.64
N GLN A 27 8.84 0.05 6.98
CA GLN A 27 9.25 -0.98 6.03
C GLN A 27 8.14 -1.29 5.04
N THR A 28 8.52 -1.64 3.81
CA THR A 28 7.56 -1.95 2.77
C THR A 28 6.93 -3.32 3.01
N LEU A 29 5.63 -3.41 2.80
CA LEU A 29 4.90 -4.67 2.98
C LEU A 29 3.89 -4.89 1.86
N PHE A 30 3.20 -3.84 1.48
CA PHE A 30 2.20 -3.91 0.41
C PHE A 30 2.39 -2.77 -0.58
N ILE A 31 1.63 -2.83 -1.69
CA ILE A 31 1.72 -1.80 -2.71
C ILE A 31 0.39 -1.66 -3.45
N ILE A 32 -0.03 -0.43 -3.70
CA ILE A 32 -1.28 -0.16 -4.40
C ILE A 32 -1.17 1.09 -5.28
N GLU A 33 -1.71 1.00 -6.48
CA GLU A 33 -1.67 2.12 -7.42
C GLU A 33 -3.01 2.86 -7.45
N GLN A 34 -2.94 4.18 -7.42
CA GLN A 34 -4.15 5.00 -7.44
C GLN A 34 -3.98 6.19 -8.38
N ASP A 35 -4.91 7.14 -8.30
CA ASP A 35 -4.87 8.33 -9.15
C ASP A 35 -6.07 9.23 -8.87
N GLN A 36 -7.18 8.62 -8.46
CA GLN A 36 -8.40 9.37 -8.17
C GLN A 36 -8.99 9.95 -9.45
N ALA A 37 -8.66 9.35 -10.59
CA ALA A 37 -9.17 9.80 -11.88
C ALA A 37 -10.32 8.94 -12.36
N SER A 38 -10.93 8.21 -11.42
CA SER A 38 -12.05 7.33 -11.75
C SER A 38 -11.61 6.22 -12.69
N LYS A 39 -11.18 5.10 -12.12
CA LYS A 39 -10.74 3.96 -12.91
C LYS A 39 -11.82 3.52 -13.89
N ASP A 40 -13.07 3.82 -13.54
CA ASP A 40 -14.20 3.45 -14.40
C ASP A 40 -14.16 4.21 -15.72
N PHE A 41 -13.32 5.24 -15.77
CA PHE A 41 -13.18 6.05 -16.98
C PHE A 41 -11.89 5.72 -17.73
N ASN A 42 -10.81 6.38 -17.34
CA ASN A 42 -9.52 6.16 -17.98
C ASN A 42 -8.46 7.09 -17.40
N ARG A 43 -7.31 6.52 -17.03
CA ARG A 43 -6.22 7.29 -16.47
C ARG A 43 -4.92 7.04 -17.23
N SER A 44 -4.32 5.88 -17.00
CA SER A 44 -3.07 5.52 -17.67
C SER A 44 -2.12 6.71 -17.70
N LYS A 45 -1.25 6.73 -18.72
CA LYS A 45 -0.29 7.81 -18.88
C LYS A 45 -0.94 9.16 -18.61
N ALA A 46 -1.87 9.54 -19.48
CA ALA A 46 -2.57 10.81 -19.34
C ALA A 46 -3.63 10.98 -20.43
N LEU A 47 -4.22 9.86 -20.85
CA LEU A 47 -5.25 9.88 -21.89
C LEU A 47 -4.69 10.46 -23.19
N PHE A 48 -5.48 10.37 -24.26
CA PHE A 48 -5.07 10.88 -25.56
C PHE A 48 -6.11 11.86 -26.10
N SER A 49 -5.68 12.69 -27.05
CA SER A 49 -6.57 13.67 -27.66
C SER A 49 -5.83 14.49 -28.73
N GLN A 50 -6.56 15.40 -29.36
CA GLN A 50 -5.98 16.24 -30.40
C GLN A 50 -4.74 16.97 -29.89
N SER A 51 -4.70 17.20 -28.58
CA SER A 51 -3.58 17.89 -27.96
C SER A 51 -3.76 17.98 -26.45
N ALA A 52 -4.01 16.83 -25.82
CA ALA A 52 -4.19 16.77 -24.38
C ALA A 52 -3.04 17.47 -23.66
N ILE A 53 -1.83 17.00 -23.89
CA ILE A 53 -0.65 17.57 -23.26
C ILE A 53 0.42 17.90 -24.28
N SER A 54 0.91 19.14 -24.24
CA SER A 54 1.94 19.59 -25.18
C SER A 54 3.12 18.62 -25.19
N GLN A 55 3.85 18.60 -26.30
CA GLN A 55 5.01 17.72 -26.43
C GLN A 55 6.30 18.47 -26.15
N LYS A 56 6.18 19.77 -25.88
CA LYS A 56 7.34 20.60 -25.59
C LYS A 56 7.63 20.62 -24.10
N GLU A 57 8.80 20.09 -23.73
CA GLU A 57 9.19 20.04 -22.32
C GLU A 57 8.20 19.23 -21.50
N TYR A 58 7.41 18.40 -22.18
CA TYR A 58 6.42 17.58 -21.51
C TYR A 58 6.56 16.11 -21.93
N ASP A 59 6.71 15.23 -20.96
CA ASP A 59 6.85 13.81 -21.23
C ASP A 59 5.82 13.00 -20.44
N SER A 60 5.98 11.68 -20.44
CA SER A 60 5.06 10.79 -19.73
C SER A 60 5.56 10.51 -18.33
N SER A 61 6.86 10.66 -18.12
CA SER A 61 7.46 10.41 -16.82
C SER A 61 6.73 11.18 -15.72
N LEU A 62 6.23 12.35 -16.07
CA LEU A 62 5.50 13.19 -15.11
C LEU A 62 4.03 12.79 -15.07
N ALA A 63 3.50 12.37 -16.21
CA ALA A 63 2.10 11.97 -16.31
C ALA A 63 1.98 10.46 -16.47
N THR A 64 1.80 9.76 -15.35
CA THR A 64 1.67 8.31 -15.37
C THR A 64 0.83 7.82 -14.19
N LEU A 65 0.84 6.51 -13.97
CA LEU A 65 0.08 5.91 -12.87
C LEU A 65 0.98 5.63 -11.67
N ASP A 66 1.24 6.66 -10.88
CA ASP A 66 2.09 6.53 -9.70
C ASP A 66 1.62 5.36 -8.83
N HIS A 67 2.45 4.99 -7.86
CA HIS A 67 2.12 3.89 -6.96
C HIS A 67 2.39 4.27 -5.51
N THR A 68 1.54 3.79 -4.61
CA THR A 68 1.68 4.09 -3.20
C THR A 68 2.03 2.83 -2.40
N GLU A 69 3.29 2.71 -2.02
CA GLU A 69 3.75 1.56 -1.26
C GLU A 69 3.25 1.63 0.19
N ILE A 70 2.59 0.56 0.62
CA ILE A 70 2.05 0.50 1.98
C ILE A 70 3.11 0.00 2.96
N LYS A 71 3.67 0.93 3.73
CA LYS A 71 4.69 0.61 4.71
C LYS A 71 4.06 0.33 6.09
N ALA A 72 4.80 -0.34 6.95
CA ALA A 72 4.33 -0.65 8.29
C ALA A 72 4.41 0.57 9.20
N PRO A 73 3.45 0.69 10.13
CA PRO A 73 3.39 1.81 11.08
C PRO A 73 4.51 1.74 12.11
N PHE A 74 4.86 0.52 12.52
CA PHE A 74 5.91 0.32 13.52
C PHE A 74 6.58 -1.04 13.33
N ASP A 75 7.75 -1.21 13.93
CA ASP A 75 8.49 -2.46 13.83
C ASP A 75 7.86 -3.53 14.73
N GLY A 76 8.26 -4.78 14.53
CA GLY A 76 7.73 -5.86 15.32
C GLY A 76 7.44 -7.11 14.49
N THR A 77 6.33 -7.76 14.79
CA THR A 77 5.94 -8.97 14.07
C THR A 77 4.81 -8.68 13.08
N ILE A 78 4.92 -9.22 11.87
CA ILE A 78 3.91 -9.02 10.84
C ILE A 78 3.06 -10.28 10.66
N GLY A 79 1.77 -10.08 10.40
CA GLY A 79 0.88 -11.20 10.19
C GLY A 79 1.00 -11.79 8.81
N ASP A 80 -0.06 -12.46 8.36
CA ASP A 80 -0.07 -13.08 7.05
C ASP A 80 -0.92 -12.27 6.07
N ALA A 81 -1.03 -12.77 4.84
CA ALA A 81 -1.80 -12.08 3.81
C ALA A 81 -3.27 -12.51 3.86
N LEU A 82 -4.16 -11.62 3.44
CA LEU A 82 -5.59 -11.91 3.43
C LEU A 82 -6.13 -11.91 2.00
N VAL A 83 -5.78 -10.89 1.23
CA VAL A 83 -6.24 -10.78 -0.15
C VAL A 83 -5.11 -11.11 -1.12
N ASN A 84 -5.40 -10.96 -2.42
CA ASN A 84 -4.40 -11.26 -3.45
C ASN A 84 -3.98 -9.97 -4.16
N ILE A 85 -3.16 -10.13 -5.20
CA ILE A 85 -2.68 -8.99 -5.97
C ILE A 85 -3.63 -8.67 -7.12
N GLY A 86 -3.73 -7.39 -7.46
CA GLY A 86 -4.60 -6.97 -8.55
C GLY A 86 -6.05 -6.84 -8.12
N ASP A 87 -6.26 -6.80 -6.80
CA ASP A 87 -7.61 -6.68 -6.26
C ASP A 87 -7.91 -5.23 -5.86
N TYR A 88 -9.06 -4.73 -6.29
CA TYR A 88 -9.46 -3.36 -5.98
C TYR A 88 -9.57 -3.16 -4.47
N VAL A 89 -8.84 -2.17 -3.96
CA VAL A 89 -8.85 -1.87 -2.53
C VAL A 89 -9.59 -0.56 -2.26
N SER A 90 -10.05 -0.38 -1.03
CA SER A 90 -10.76 0.83 -0.64
C SER A 90 -10.11 1.47 0.58
N ALA A 91 -9.11 2.30 0.34
CA ALA A 91 -8.40 2.99 1.42
C ALA A 91 -8.04 2.02 2.53
N SER A 92 -7.88 2.54 3.74
CA SER A 92 -7.52 1.73 4.90
C SER A 92 -8.62 0.71 5.19
N THR A 93 -9.79 0.91 4.59
CA THR A 93 -10.92 0.00 4.79
C THR A 93 -10.56 -1.42 4.36
N THR A 94 -9.66 -1.54 3.39
CA THR A 94 -9.23 -2.84 2.90
C THR A 94 -8.09 -3.39 3.74
N GLU A 95 -8.42 -4.37 4.59
CA GLU A 95 -7.42 -4.99 5.46
C GLU A 95 -6.86 -6.26 4.81
N LEU A 96 -5.58 -6.20 4.43
CA LEU A 96 -4.93 -7.35 3.80
C LEU A 96 -3.97 -8.02 4.78
N VAL A 97 -3.54 -7.28 5.79
CA VAL A 97 -2.62 -7.81 6.80
C VAL A 97 -2.70 -7.01 8.09
N ARG A 98 -2.29 -7.63 9.19
CA ARG A 98 -2.32 -6.98 10.49
C ARG A 98 -0.96 -7.08 11.17
N VAL A 99 -0.67 -6.11 12.04
CA VAL A 99 0.60 -6.10 12.76
C VAL A 99 0.39 -6.38 14.24
N THR A 100 1.24 -7.25 14.80
CA THR A 100 1.15 -7.61 16.20
C THR A 100 2.53 -7.62 16.87
N ASN A 101 2.54 -7.72 18.18
CA ASN A 101 3.80 -7.74 18.93
C ASN A 101 4.64 -6.51 18.61
N LEU A 102 5.89 -6.53 19.06
CA LEU A 102 6.80 -5.42 18.82
C LEU A 102 8.24 -5.82 19.15
N ASN A 103 8.49 -6.13 20.41
CA ASN A 103 9.82 -6.54 20.84
C ASN A 103 10.23 -7.87 20.23
N PRO A 104 11.54 -8.10 20.11
CA PRO A 104 12.08 -9.34 19.54
C PRO A 104 11.85 -10.54 20.45
N ILE A 105 10.77 -11.28 20.18
CA ILE A 105 10.45 -12.46 20.96
C ILE A 105 10.77 -13.74 20.20
N TYR A 106 11.14 -14.78 20.94
CA TYR A 106 11.48 -16.06 20.32
C TYR A 106 11.48 -17.18 21.36
N ALA A 107 10.33 -17.36 22.01
CA ALA A 107 10.19 -18.40 23.04
C ALA A 107 8.73 -18.81 23.21
N ASP A 108 8.35 -19.92 22.59
CA ASP A 108 6.99 -20.41 22.68
C ASP A 108 6.94 -21.78 23.35
N GLY A 109 5.92 -22.01 24.16
CA GLY A 109 5.78 -23.27 24.86
C GLY A 109 4.62 -24.10 24.34
N SER A 110 3.67 -23.44 23.69
CA SER A 110 2.50 -24.12 23.14
C SER A 110 2.90 -25.04 21.99
N HIS A 111 3.94 -24.65 21.26
CA HIS A 111 4.42 -25.43 20.13
C HIS A 111 4.72 -26.88 20.56
N HIS A 112 4.03 -27.83 19.94
CA HIS A 112 4.22 -29.23 20.25
C HIS A 112 5.62 -29.70 19.84
N HIS A 113 6.20 -30.59 20.64
CA HIS A 113 7.54 -31.11 20.36
C HIS A 113 7.50 -32.10 19.21
N HIS A 114 8.39 -31.92 18.24
CA HIS A 114 8.46 -32.81 17.09
C HIS A 114 9.31 -34.04 17.40
N HIS A 115 9.60 -34.83 16.37
CA HIS A 115 10.40 -36.03 16.53
C HIS A 115 11.86 -35.67 16.81
N HIS A 116 12.38 -34.70 16.08
CA HIS A 116 13.77 -34.26 16.26
C HIS A 116 13.91 -33.41 17.52
N ASP A 1 -2.64 -6.12 17.06
CA ASP A 1 -2.28 -4.80 17.55
C ASP A 1 -2.79 -3.71 16.61
N VAL A 2 -2.61 -3.93 15.31
CA VAL A 2 -3.05 -2.98 14.30
C VAL A 2 -3.29 -3.66 12.96
N ILE A 3 -3.92 -2.94 12.04
CA ILE A 3 -4.20 -3.48 10.71
C ILE A 3 -3.59 -2.60 9.63
N ILE A 4 -2.47 -3.03 9.07
CA ILE A 4 -1.79 -2.28 8.02
C ILE A 4 -2.71 -2.07 6.82
N LYS A 5 -3.00 -0.81 6.52
CA LYS A 5 -3.86 -0.47 5.39
C LYS A 5 -3.25 0.64 4.55
N PRO A 6 -3.65 0.71 3.28
CA PRO A 6 -3.16 1.72 2.34
C PRO A 6 -3.66 3.11 2.68
N GLN A 7 -3.27 4.09 1.85
CA GLN A 7 -3.69 5.47 2.06
C GLN A 7 -4.67 5.92 0.98
N VAL A 8 -4.89 5.05 0.00
CA VAL A 8 -5.81 5.35 -1.10
C VAL A 8 -6.53 4.10 -1.57
N SER A 9 -7.44 4.28 -2.53
CA SER A 9 -8.20 3.16 -3.07
C SER A 9 -7.78 2.85 -4.50
N GLY A 10 -7.39 1.61 -4.74
CA GLY A 10 -6.96 1.21 -6.07
C GLY A 10 -6.87 -0.29 -6.23
N VAL A 11 -5.71 -0.77 -6.69
CA VAL A 11 -5.50 -2.21 -6.88
C VAL A 11 -4.11 -2.62 -6.41
N ILE A 12 -4.04 -3.73 -5.69
CA ILE A 12 -2.77 -4.24 -5.18
C ILE A 12 -1.75 -4.38 -6.31
N VAL A 13 -0.49 -4.03 -6.01
CA VAL A 13 0.58 -4.12 -6.99
C VAL A 13 1.60 -5.19 -6.59
N ASN A 14 1.86 -5.28 -5.30
CA ASN A 14 2.82 -6.26 -4.79
C ASN A 14 2.78 -6.31 -3.26
N LYS A 15 3.53 -7.25 -2.68
CA LYS A 15 3.59 -7.40 -1.23
C LYS A 15 5.01 -7.73 -0.78
N LEU A 16 5.74 -6.69 -0.38
CA LEU A 16 7.11 -6.87 0.09
C LEU A 16 7.15 -7.28 1.56
N PHE A 17 6.52 -8.42 1.86
CA PHE A 17 6.48 -8.92 3.23
C PHE A 17 6.16 -10.41 3.23
N LYS A 18 6.39 -11.05 4.38
CA LYS A 18 6.14 -12.47 4.53
C LYS A 18 5.24 -12.74 5.73
N ALA A 19 4.79 -13.98 5.87
CA ALA A 19 3.93 -14.38 6.98
C ALA A 19 4.76 -14.79 8.19
N GLY A 20 4.79 -13.94 9.20
CA GLY A 20 5.54 -14.24 10.41
C GLY A 20 6.96 -13.69 10.35
N ASP A 21 7.17 -12.68 9.52
CA ASP A 21 8.48 -12.06 9.38
C ASP A 21 8.60 -10.82 10.26
N LYS A 22 9.83 -10.36 10.46
CA LYS A 22 10.08 -9.18 11.28
C LYS A 22 9.81 -7.90 10.50
N VAL A 23 9.12 -6.95 11.13
CA VAL A 23 8.81 -5.69 10.49
C VAL A 23 9.62 -4.55 11.11
N LYS A 24 9.87 -3.52 10.31
CA LYS A 24 10.64 -2.36 10.77
C LYS A 24 9.77 -1.11 10.80
N LYS A 25 10.34 -0.01 11.29
CA LYS A 25 9.61 1.25 11.37
C LYS A 25 9.60 1.96 10.02
N GLY A 26 8.63 1.63 9.19
CA GLY A 26 8.52 2.24 7.88
C GLY A 26 8.92 1.30 6.76
N GLN A 27 9.00 0.01 7.08
CA GLN A 27 9.37 -1.00 6.09
C GLN A 27 8.19 -1.32 5.17
N THR A 28 8.45 -1.33 3.87
CA THR A 28 7.42 -1.62 2.89
C THR A 28 6.91 -3.05 3.03
N LEU A 29 5.61 -3.23 2.89
CA LEU A 29 5.00 -4.56 3.01
C LEU A 29 3.96 -4.78 1.92
N PHE A 30 3.20 -3.73 1.62
CA PHE A 30 2.16 -3.81 0.58
C PHE A 30 2.31 -2.66 -0.42
N ILE A 31 1.59 -2.77 -1.53
CA ILE A 31 1.64 -1.74 -2.56
C ILE A 31 0.32 -1.68 -3.33
N ILE A 32 -0.12 -0.47 -3.65
CA ILE A 32 -1.35 -0.27 -4.38
C ILE A 32 -1.24 0.87 -5.38
N GLU A 33 -1.70 0.63 -6.60
CA GLU A 33 -1.64 1.65 -7.65
C GLU A 33 -3.00 2.31 -7.85
N GLN A 34 -3.01 3.64 -7.82
CA GLN A 34 -4.25 4.39 -7.99
C GLN A 34 -4.77 4.26 -9.42
N ASP A 35 -6.09 4.30 -9.58
CA ASP A 35 -6.71 4.20 -10.90
C ASP A 35 -8.22 4.21 -10.78
N GLN A 36 -8.73 4.94 -9.79
CA GLN A 36 -10.17 5.03 -9.57
C GLN A 36 -10.85 5.76 -10.74
N ALA A 37 -10.06 6.54 -11.48
CA ALA A 37 -10.59 7.29 -12.62
C ALA A 37 -11.42 6.39 -13.53
N SER A 38 -10.75 5.45 -14.19
CA SER A 38 -11.43 4.53 -15.10
C SER A 38 -10.44 3.56 -15.73
N LYS A 39 -10.90 2.34 -15.99
CA LYS A 39 -10.05 1.31 -16.59
C LYS A 39 -9.76 1.64 -18.05
N ASP A 40 -10.82 1.85 -18.83
CA ASP A 40 -10.67 2.17 -20.25
C ASP A 40 -9.85 3.44 -20.43
N PHE A 41 -9.87 4.30 -19.42
CA PHE A 41 -9.13 5.55 -19.47
C PHE A 41 -7.66 5.31 -19.85
N ASN A 42 -6.87 4.85 -18.89
CA ASN A 42 -5.46 4.57 -19.12
C ASN A 42 -4.70 5.86 -19.40
N ARG A 43 -4.76 6.30 -20.66
CA ARG A 43 -4.06 7.52 -21.07
C ARG A 43 -2.61 7.51 -20.61
N SER A 44 -2.03 6.31 -20.54
CA SER A 44 -0.64 6.16 -20.12
C SER A 44 0.28 6.01 -21.33
N LYS A 45 1.59 6.02 -21.07
CA LYS A 45 2.57 5.89 -22.13
C LYS A 45 3.09 4.45 -22.22
N ALA A 46 3.85 4.04 -21.21
CA ALA A 46 4.41 2.69 -21.17
C ALA A 46 5.25 2.48 -19.92
N LEU A 47 5.88 1.31 -19.83
CA LEU A 47 6.72 0.98 -18.67
C LEU A 47 7.82 0.01 -19.07
N PHE A 48 9.06 0.50 -19.06
CA PHE A 48 10.21 -0.33 -19.42
C PHE A 48 9.90 -1.20 -20.64
N SER A 49 10.73 -2.20 -20.86
CA SER A 49 10.55 -3.11 -22.00
C SER A 49 10.94 -2.43 -23.29
N GLN A 50 10.12 -1.49 -23.75
CA GLN A 50 10.40 -0.76 -24.98
C GLN A 50 11.00 0.60 -24.69
N SER A 51 12.02 0.62 -23.83
CA SER A 51 12.68 1.87 -23.47
C SER A 51 11.66 2.93 -23.06
N ALA A 52 10.57 2.49 -22.44
CA ALA A 52 9.53 3.39 -21.99
C ALA A 52 10.11 4.57 -21.22
N ILE A 53 10.82 4.27 -20.14
CA ILE A 53 11.43 5.30 -19.31
C ILE A 53 12.79 4.84 -18.77
N SER A 54 13.79 5.71 -18.91
CA SER A 54 15.14 5.39 -18.44
C SER A 54 15.15 5.21 -16.92
N GLN A 55 14.98 3.97 -16.48
CA GLN A 55 14.98 3.66 -15.05
C GLN A 55 16.14 4.35 -14.34
N LYS A 56 17.22 4.59 -15.07
CA LYS A 56 18.40 5.25 -14.52
C LYS A 56 18.03 6.60 -13.92
N GLU A 57 17.77 6.63 -12.62
CA GLU A 57 17.40 7.86 -11.94
C GLU A 57 16.28 8.58 -12.68
N TYR A 58 15.37 7.81 -13.25
CA TYR A 58 14.24 8.38 -13.99
C TYR A 58 13.54 9.45 -13.17
N ASP A 59 12.63 10.17 -13.81
CA ASP A 59 11.89 11.24 -13.15
C ASP A 59 10.41 10.87 -13.03
N SER A 60 9.93 10.79 -11.79
CA SER A 60 8.54 10.43 -11.53
C SER A 60 7.60 11.38 -12.28
N SER A 61 8.08 12.58 -12.56
CA SER A 61 7.28 13.58 -13.26
C SER A 61 7.00 13.15 -14.69
N LEU A 62 7.82 12.22 -15.19
CA LEU A 62 7.65 11.71 -16.55
C LEU A 62 7.02 10.32 -16.54
N ALA A 63 6.73 9.83 -15.35
CA ALA A 63 6.12 8.50 -15.20
C ALA A 63 4.80 8.59 -14.44
N THR A 64 3.70 8.61 -15.18
CA THR A 64 2.37 8.69 -14.58
C THR A 64 2.00 7.40 -13.86
N LEU A 65 0.75 7.28 -13.47
CA LEU A 65 0.27 6.09 -12.77
C LEU A 65 1.10 5.81 -11.53
N ASP A 66 1.23 6.81 -10.67
CA ASP A 66 2.00 6.66 -9.44
C ASP A 66 1.58 5.42 -8.68
N HIS A 67 2.39 5.04 -7.69
CA HIS A 67 2.10 3.86 -6.88
C HIS A 67 2.24 4.18 -5.39
N THR A 68 1.23 3.77 -4.61
CA THR A 68 1.24 4.01 -3.18
C THR A 68 1.76 2.79 -2.42
N GLU A 69 2.97 2.90 -1.88
CA GLU A 69 3.58 1.81 -1.13
C GLU A 69 3.13 1.84 0.33
N ILE A 70 2.52 0.74 0.77
CA ILE A 70 2.04 0.64 2.15
C ILE A 70 3.16 0.22 3.09
N LYS A 71 3.68 1.18 3.85
CA LYS A 71 4.76 0.92 4.80
C LYS A 71 4.20 0.63 6.19
N ALA A 72 5.01 0.01 7.03
CA ALA A 72 4.60 -0.31 8.40
C ALA A 72 4.85 0.86 9.34
N PRO A 73 3.94 1.04 10.32
CA PRO A 73 4.04 2.12 11.29
C PRO A 73 5.19 1.92 12.26
N PHE A 74 5.28 0.72 12.83
CA PHE A 74 6.34 0.39 13.78
C PHE A 74 6.81 -1.04 13.61
N ASP A 75 8.03 -1.31 14.05
CA ASP A 75 8.61 -2.65 13.94
C ASP A 75 7.74 -3.67 14.65
N GLY A 76 8.20 -4.91 14.69
CA GLY A 76 7.45 -5.97 15.34
C GLY A 76 7.27 -7.19 14.46
N THR A 77 6.13 -7.87 14.61
CA THR A 77 5.83 -9.05 13.83
C THR A 77 4.58 -8.85 12.98
N ILE A 78 4.61 -9.37 11.75
CA ILE A 78 3.48 -9.25 10.85
C ILE A 78 2.84 -10.61 10.57
N GLY A 79 1.53 -10.61 10.38
CA GLY A 79 0.81 -11.85 10.12
C GLY A 79 0.83 -12.22 8.66
N ASP A 80 -0.27 -12.82 8.19
CA ASP A 80 -0.38 -13.23 6.80
C ASP A 80 -1.33 -12.32 6.03
N ALA A 81 -1.08 -12.17 4.73
CA ALA A 81 -1.92 -11.32 3.89
C ALA A 81 -3.34 -11.85 3.82
N LEU A 82 -4.31 -10.94 3.67
CA LEU A 82 -5.71 -11.32 3.59
C LEU A 82 -6.21 -11.28 2.14
N VAL A 83 -5.76 -10.28 1.40
CA VAL A 83 -6.15 -10.13 0.00
C VAL A 83 -5.05 -10.60 -0.93
N ASN A 84 -5.32 -10.56 -2.24
CA ASN A 84 -4.34 -10.98 -3.24
C ASN A 84 -3.89 -9.80 -4.09
N ILE A 85 -3.01 -10.07 -5.05
CA ILE A 85 -2.51 -9.03 -5.93
C ILE A 85 -3.38 -8.89 -7.17
N GLY A 86 -3.51 -7.66 -7.67
CA GLY A 86 -4.31 -7.41 -8.85
C GLY A 86 -5.79 -7.33 -8.53
N ASP A 87 -6.11 -7.15 -7.25
CA ASP A 87 -7.50 -7.04 -6.81
C ASP A 87 -7.79 -5.66 -6.24
N TYR A 88 -8.97 -5.13 -6.56
CA TYR A 88 -9.36 -3.81 -6.07
C TYR A 88 -9.55 -3.82 -4.55
N VAL A 89 -9.21 -2.71 -3.93
CA VAL A 89 -9.34 -2.58 -2.48
C VAL A 89 -9.51 -1.12 -2.06
N SER A 90 -10.13 -0.91 -0.91
CA SER A 90 -10.35 0.45 -0.40
C SER A 90 -9.09 0.99 0.26
N ALA A 91 -9.21 2.18 0.85
CA ALA A 91 -8.08 2.81 1.53
C ALA A 91 -7.91 2.26 2.94
N SER A 92 -8.70 2.76 3.87
CA SER A 92 -8.63 2.32 5.26
C SER A 92 -9.67 1.24 5.54
N THR A 93 -10.41 0.86 4.51
CA THR A 93 -11.44 -0.17 4.63
C THR A 93 -10.90 -1.53 4.24
N THR A 94 -9.76 -1.55 3.56
CA THR A 94 -9.15 -2.79 3.12
C THR A 94 -8.16 -3.33 4.16
N GLU A 95 -8.48 -4.47 4.74
CA GLU A 95 -7.63 -5.08 5.75
C GLU A 95 -6.83 -6.25 5.16
N LEU A 96 -5.55 -6.02 4.91
CA LEU A 96 -4.67 -7.04 4.35
C LEU A 96 -4.00 -7.85 5.46
N VAL A 97 -3.13 -7.20 6.22
CA VAL A 97 -2.43 -7.86 7.30
C VAL A 97 -2.47 -7.03 8.58
N ARG A 98 -2.23 -7.67 9.71
CA ARG A 98 -2.25 -7.00 11.00
C ARG A 98 -0.89 -7.11 11.70
N VAL A 99 -0.60 -6.16 12.58
CA VAL A 99 0.66 -6.15 13.31
C VAL A 99 0.48 -6.74 14.71
N THR A 100 1.51 -7.44 15.17
CA THR A 100 1.47 -8.07 16.49
C THR A 100 2.76 -7.83 17.25
N ASN A 101 2.78 -8.18 18.53
CA ASN A 101 3.97 -8.01 19.37
C ASN A 101 4.21 -6.53 19.66
N LEU A 102 5.37 -6.23 20.23
CA LEU A 102 5.72 -4.86 20.56
C LEU A 102 4.79 -4.30 21.64
N ASN A 103 4.90 -2.99 21.89
CA ASN A 103 4.05 -2.34 22.88
C ASN A 103 3.03 -1.43 22.21
N PRO A 104 1.89 -1.23 22.89
CA PRO A 104 0.81 -0.38 22.38
C PRO A 104 1.18 1.10 22.37
N ILE A 105 0.26 1.94 21.89
CA ILE A 105 0.50 3.37 21.83
C ILE A 105 -0.77 4.15 22.13
N TYR A 106 -0.63 5.27 22.83
CA TYR A 106 -1.76 6.11 23.17
C TYR A 106 -1.30 7.48 23.68
N ALA A 107 -0.17 7.94 23.15
CA ALA A 107 0.37 9.24 23.54
C ALA A 107 1.64 9.55 22.76
N ASP A 108 1.94 10.84 22.62
CA ASP A 108 3.13 11.27 21.89
C ASP A 108 3.18 10.66 20.50
N GLY A 109 2.22 11.05 19.66
CA GLY A 109 2.17 10.52 18.30
C GLY A 109 3.24 11.11 17.41
N SER A 110 2.83 11.59 16.24
CA SER A 110 3.76 12.17 15.29
C SER A 110 4.17 13.58 15.72
N HIS A 111 3.29 14.24 16.46
CA HIS A 111 3.56 15.60 16.93
C HIS A 111 3.84 15.58 18.44
N HIS A 112 4.30 16.72 18.95
CA HIS A 112 4.61 16.84 20.37
C HIS A 112 3.45 17.49 21.13
N HIS A 113 3.37 17.22 22.42
CA HIS A 113 2.30 17.78 23.25
C HIS A 113 2.37 19.30 23.27
N HIS A 114 1.21 19.94 23.25
CA HIS A 114 1.13 21.40 23.26
C HIS A 114 -0.29 21.87 23.46
N HIS A 115 -0.54 22.58 24.56
CA HIS A 115 -1.88 23.08 24.86
C HIS A 115 -2.40 23.96 23.72
N HIS A 116 -3.68 24.33 23.80
CA HIS A 116 -4.30 25.16 22.78
C HIS A 116 -5.56 25.83 23.31
N ASP A 1 -4.06 -4.73 19.32
CA ASP A 1 -3.38 -5.05 18.07
C ASP A 1 -3.58 -3.95 17.03
N VAL A 2 -2.65 -3.86 16.09
CA VAL A 2 -2.73 -2.85 15.05
C VAL A 2 -2.88 -3.48 13.66
N ILE A 3 -3.48 -2.75 12.74
CA ILE A 3 -3.69 -3.24 11.38
C ILE A 3 -2.95 -2.37 10.36
N ILE A 4 -2.35 -3.03 9.37
CA ILE A 4 -1.61 -2.32 8.33
C ILE A 4 -2.44 -2.19 7.05
N LYS A 5 -2.82 -0.96 6.72
CA LYS A 5 -3.62 -0.70 5.52
C LYS A 5 -3.03 0.45 4.72
N PRO A 6 -3.45 0.57 3.45
CA PRO A 6 -2.99 1.62 2.55
C PRO A 6 -3.50 3.00 2.95
N GLN A 7 -3.27 3.99 2.09
CA GLN A 7 -3.70 5.35 2.36
C GLN A 7 -4.66 5.83 1.29
N VAL A 8 -4.93 4.98 0.30
CA VAL A 8 -5.82 5.32 -0.79
C VAL A 8 -6.45 4.07 -1.41
N SER A 9 -7.50 4.26 -2.18
CA SER A 9 -8.19 3.15 -2.82
C SER A 9 -7.64 2.91 -4.23
N GLY A 10 -7.69 1.66 -4.66
CA GLY A 10 -7.19 1.31 -5.99
C GLY A 10 -7.04 -0.18 -6.17
N VAL A 11 -5.84 -0.62 -6.54
CA VAL A 11 -5.57 -2.04 -6.76
C VAL A 11 -4.16 -2.40 -6.30
N ILE A 12 -4.03 -3.56 -5.65
CA ILE A 12 -2.74 -4.02 -5.16
C ILE A 12 -1.75 -4.17 -6.31
N VAL A 13 -0.49 -3.83 -6.04
CA VAL A 13 0.57 -3.93 -7.05
C VAL A 13 1.59 -5.00 -6.67
N ASN A 14 1.80 -5.18 -5.37
CA ASN A 14 2.75 -6.17 -4.88
C ASN A 14 2.71 -6.26 -3.36
N LYS A 15 3.40 -7.24 -2.81
CA LYS A 15 3.45 -7.44 -1.37
C LYS A 15 4.86 -7.80 -0.91
N LEU A 16 5.62 -6.79 -0.47
CA LEU A 16 6.99 -7.00 -0.01
C LEU A 16 7.01 -7.32 1.48
N PHE A 17 6.35 -8.42 1.85
CA PHE A 17 6.30 -8.84 3.25
C PHE A 17 6.16 -10.35 3.36
N LYS A 18 6.33 -10.87 4.57
CA LYS A 18 6.24 -12.31 4.81
C LYS A 18 5.28 -12.59 5.97
N ALA A 19 4.77 -13.83 6.01
CA ALA A 19 3.85 -14.23 7.06
C ALA A 19 4.61 -14.77 8.27
N GLY A 20 4.65 -13.99 9.34
CA GLY A 20 5.35 -14.40 10.55
C GLY A 20 6.77 -13.88 10.61
N ASP A 21 7.03 -12.80 9.87
CA ASP A 21 8.36 -12.20 9.85
C ASP A 21 8.38 -10.92 10.67
N LYS A 22 9.58 -10.36 10.85
CA LYS A 22 9.75 -9.13 11.61
C LYS A 22 9.58 -7.90 10.71
N VAL A 23 8.90 -6.89 11.22
CA VAL A 23 8.68 -5.66 10.47
C VAL A 23 9.58 -4.54 10.96
N LYS A 24 9.69 -3.48 10.17
CA LYS A 24 10.52 -2.34 10.52
C LYS A 24 9.76 -1.03 10.34
N LYS A 25 10.09 -0.04 11.17
CA LYS A 25 9.44 1.26 11.10
C LYS A 25 9.62 1.90 9.72
N GLY A 26 8.62 1.74 8.87
CA GLY A 26 8.68 2.30 7.53
C GLY A 26 9.10 1.27 6.49
N GLN A 27 9.02 -0.01 6.85
CA GLN A 27 9.39 -1.09 5.95
C GLN A 27 8.24 -1.43 5.01
N THR A 28 8.52 -1.44 3.72
CA THR A 28 7.51 -1.75 2.71
C THR A 28 6.96 -3.17 2.90
N LEU A 29 5.65 -3.31 2.77
CA LEU A 29 5.00 -4.61 2.92
C LEU A 29 3.97 -4.83 1.82
N PHE A 30 3.27 -3.76 1.46
CA PHE A 30 2.24 -3.84 0.42
C PHE A 30 2.29 -2.62 -0.49
N ILE A 31 1.64 -2.72 -1.64
CA ILE A 31 1.61 -1.62 -2.59
C ILE A 31 0.27 -1.57 -3.34
N ILE A 32 -0.20 -0.36 -3.62
CA ILE A 32 -1.46 -0.18 -4.34
C ILE A 32 -1.37 0.98 -5.33
N GLU A 33 -1.98 0.80 -6.49
CA GLU A 33 -1.97 1.83 -7.52
C GLU A 33 -3.33 2.50 -7.63
N GLN A 34 -3.38 3.79 -7.34
CA GLN A 34 -4.62 4.55 -7.41
C GLN A 34 -5.35 4.28 -8.72
N ASP A 35 -6.63 4.64 -8.76
CA ASP A 35 -7.44 4.43 -9.96
C ASP A 35 -8.77 5.18 -9.84
N GLN A 36 -8.77 6.29 -9.11
CA GLN A 36 -9.97 7.09 -8.92
C GLN A 36 -10.51 7.57 -10.26
N ALA A 37 -11.49 8.48 -10.21
CA ALA A 37 -12.09 9.01 -11.41
C ALA A 37 -11.03 9.57 -12.36
N SER A 38 -9.87 9.92 -11.81
CA SER A 38 -8.78 10.47 -12.61
C SER A 38 -8.39 9.50 -13.71
N LYS A 39 -8.73 8.23 -13.54
CA LYS A 39 -8.42 7.20 -14.53
C LYS A 39 -9.47 7.16 -15.63
N ASP A 40 -10.74 7.28 -15.23
CA ASP A 40 -11.84 7.27 -16.18
C ASP A 40 -11.66 8.35 -17.25
N PHE A 41 -10.86 9.36 -16.93
CA PHE A 41 -10.60 10.45 -17.86
C PHE A 41 -9.29 10.23 -18.61
N ASN A 42 -8.18 10.63 -18.00
CA ASN A 42 -6.87 10.49 -18.62
C ASN A 42 -5.78 10.99 -17.68
N ARG A 43 -5.70 12.30 -17.52
CA ARG A 43 -4.69 12.90 -16.64
C ARG A 43 -3.31 12.85 -17.30
N SER A 44 -2.85 11.65 -17.63
CA SER A 44 -1.55 11.47 -18.26
C SER A 44 -0.44 12.02 -17.37
N LYS A 45 0.77 12.02 -17.89
CA LYS A 45 1.93 12.52 -17.15
C LYS A 45 2.10 14.02 -17.36
N ALA A 46 1.91 14.46 -18.60
CA ALA A 46 2.04 15.87 -18.94
C ALA A 46 0.68 16.50 -19.21
N LEU A 47 0.68 17.72 -19.73
CA LEU A 47 -0.56 18.43 -20.04
C LEU A 47 -1.34 18.72 -18.76
N PHE A 48 -1.14 19.92 -18.21
CA PHE A 48 -1.84 20.32 -16.99
C PHE A 48 -2.04 21.83 -16.96
N SER A 49 -3.08 22.29 -17.65
CA SER A 49 -3.39 23.72 -17.71
C SER A 49 -4.43 24.09 -16.66
N GLN A 50 -4.28 25.27 -16.07
CA GLN A 50 -5.22 25.74 -15.06
C GLN A 50 -6.65 25.74 -15.58
N SER A 51 -6.77 25.88 -16.90
CA SER A 51 -8.09 25.91 -17.53
C SER A 51 -8.82 24.58 -17.34
N ALA A 52 -8.04 23.51 -17.16
CA ALA A 52 -8.61 22.18 -16.96
C ALA A 52 -9.05 21.98 -15.52
N ILE A 53 -8.11 22.14 -14.59
CA ILE A 53 -8.41 21.98 -13.16
C ILE A 53 -7.90 23.17 -12.37
N SER A 54 -8.36 23.27 -11.12
CA SER A 54 -7.95 24.37 -10.25
C SER A 54 -6.80 23.95 -9.34
N GLN A 55 -5.58 24.16 -9.82
CA GLN A 55 -4.39 23.81 -9.05
C GLN A 55 -4.45 24.40 -7.65
N LYS A 56 -5.11 25.54 -7.52
CA LYS A 56 -5.24 26.20 -6.23
C LYS A 56 -5.86 25.27 -5.19
N GLU A 57 -6.63 24.30 -5.66
CA GLU A 57 -7.28 23.34 -4.77
C GLU A 57 -7.04 21.91 -5.25
N TYR A 58 -6.03 21.73 -6.09
CA TYR A 58 -5.71 20.42 -6.64
C TYR A 58 -4.21 20.26 -6.81
N ASP A 59 -3.79 19.06 -7.20
CA ASP A 59 -2.37 18.77 -7.40
C ASP A 59 -2.18 17.65 -8.42
N SER A 60 -0.96 17.52 -8.93
CA SER A 60 -0.66 16.48 -9.91
C SER A 60 -0.34 15.15 -9.23
N SER A 61 0.15 15.24 -7.99
CA SER A 61 0.49 14.04 -7.23
C SER A 61 -0.73 13.16 -7.01
N LEU A 62 -1.90 13.79 -6.95
CA LEU A 62 -3.15 13.07 -6.74
C LEU A 62 -3.92 12.91 -8.05
N ALA A 63 -3.32 13.39 -9.14
CA ALA A 63 -3.94 13.30 -10.44
C ALA A 63 -3.07 12.52 -11.42
N THR A 64 -2.94 11.21 -11.18
CA THR A 64 -2.14 10.34 -12.02
C THR A 64 -2.17 8.90 -11.53
N LEU A 65 -1.34 8.06 -12.13
CA LEU A 65 -1.27 6.65 -11.74
C LEU A 65 -0.27 6.44 -10.61
N ASP A 66 0.01 7.51 -9.87
CA ASP A 66 0.94 7.45 -8.75
C ASP A 66 0.65 6.22 -7.88
N HIS A 67 1.71 5.46 -7.57
CA HIS A 67 1.57 4.26 -6.76
C HIS A 67 1.72 4.61 -5.27
N THR A 68 1.15 3.76 -4.41
CA THR A 68 1.22 3.98 -2.98
C THR A 68 2.01 2.86 -2.30
N GLU A 69 2.97 3.25 -1.47
CA GLU A 69 3.79 2.27 -0.75
C GLU A 69 3.29 2.07 0.67
N ILE A 70 2.70 0.91 0.92
CA ILE A 70 2.17 0.60 2.24
C ILE A 70 3.28 0.17 3.19
N LYS A 71 3.81 1.13 3.95
CA LYS A 71 4.88 0.85 4.89
C LYS A 71 4.31 0.66 6.30
N ALA A 72 4.93 -0.26 7.05
CA ALA A 72 4.49 -0.55 8.41
C ALA A 72 4.64 0.68 9.31
N PRO A 73 3.72 0.83 10.26
CA PRO A 73 3.74 1.96 11.20
C PRO A 73 4.88 1.87 12.20
N PHE A 74 5.28 0.64 12.52
CA PHE A 74 6.37 0.41 13.47
C PHE A 74 6.81 -1.04 13.44
N ASP A 75 8.11 -1.26 13.67
CA ASP A 75 8.66 -2.61 13.67
C ASP A 75 7.86 -3.53 14.59
N GLY A 76 7.87 -4.82 14.28
CA GLY A 76 7.14 -5.78 15.09
C GLY A 76 6.91 -7.09 14.38
N THR A 77 5.74 -7.68 14.58
CA THR A 77 5.41 -8.95 13.95
C THR A 77 4.24 -8.79 12.97
N ILE A 78 4.37 -9.40 11.81
CA ILE A 78 3.32 -9.33 10.79
C ILE A 78 2.65 -10.68 10.59
N GLY A 79 1.34 -10.66 10.35
CA GLY A 79 0.60 -11.89 10.15
C GLY A 79 0.61 -12.33 8.70
N ASP A 80 -0.42 -13.08 8.31
CA ASP A 80 -0.53 -13.57 6.94
C ASP A 80 -1.42 -12.66 6.10
N ALA A 81 -1.12 -12.57 4.81
CA ALA A 81 -1.89 -11.73 3.90
C ALA A 81 -3.36 -12.17 3.87
N LEU A 82 -4.24 -11.23 3.55
CA LEU A 82 -5.67 -11.51 3.49
C LEU A 82 -6.17 -11.49 2.05
N VAL A 83 -5.66 -10.52 1.27
CA VAL A 83 -6.06 -10.39 -0.12
C VAL A 83 -4.92 -10.80 -1.05
N ASN A 84 -5.15 -10.67 -2.36
CA ASN A 84 -4.14 -11.02 -3.36
C ASN A 84 -3.73 -9.79 -4.16
N ILE A 85 -2.85 -10.00 -5.15
CA ILE A 85 -2.39 -8.92 -5.99
C ILE A 85 -3.32 -8.70 -7.17
N GLY A 86 -3.42 -7.45 -7.62
CA GLY A 86 -4.29 -7.13 -8.74
C GLY A 86 -5.75 -7.08 -8.35
N ASP A 87 -6.02 -7.02 -7.05
CA ASP A 87 -7.39 -6.97 -6.55
C ASP A 87 -7.75 -5.56 -6.09
N TYR A 88 -8.94 -5.11 -6.48
CA TYR A 88 -9.41 -3.78 -6.11
C TYR A 88 -9.50 -3.63 -4.60
N VAL A 89 -8.71 -2.72 -4.04
CA VAL A 89 -8.70 -2.48 -2.61
C VAL A 89 -9.60 -1.29 -2.25
N SER A 90 -10.19 -1.35 -1.06
CA SER A 90 -11.07 -0.29 -0.60
C SER A 90 -10.36 0.60 0.43
N ALA A 91 -9.57 1.55 -0.07
CA ALA A 91 -8.85 2.46 0.79
C ALA A 91 -8.21 1.72 1.97
N SER A 92 -7.98 2.44 3.06
CA SER A 92 -7.36 1.85 4.24
C SER A 92 -8.23 0.71 4.80
N THR A 93 -9.51 0.71 4.41
CA THR A 93 -10.43 -0.31 4.86
C THR A 93 -10.12 -1.67 4.24
N THR A 94 -9.17 -1.68 3.31
CA THR A 94 -8.77 -2.91 2.63
C THR A 94 -7.75 -3.67 3.47
N GLU A 95 -7.98 -3.75 4.77
CA GLU A 95 -7.08 -4.45 5.67
C GLU A 95 -6.62 -5.77 5.06
N LEU A 96 -5.34 -5.83 4.69
CA LEU A 96 -4.78 -7.04 4.09
C LEU A 96 -3.99 -7.84 5.13
N VAL A 97 -3.65 -7.19 6.23
CA VAL A 97 -2.89 -7.85 7.30
C VAL A 97 -2.79 -6.96 8.53
N ARG A 98 -2.44 -7.57 9.66
CA ARG A 98 -2.31 -6.82 10.91
C ARG A 98 -0.94 -7.09 11.55
N VAL A 99 -0.50 -6.14 12.39
CA VAL A 99 0.78 -6.27 13.07
C VAL A 99 0.58 -6.49 14.57
N THR A 100 1.39 -7.37 15.15
CA THR A 100 1.30 -7.67 16.56
C THR A 100 2.60 -7.32 17.28
N ASN A 101 2.58 -7.37 18.61
CA ASN A 101 3.75 -7.05 19.41
C ASN A 101 4.09 -5.57 19.33
N LEU A 102 5.15 -5.17 20.02
CA LEU A 102 5.58 -3.78 20.01
C LEU A 102 4.65 -2.93 20.86
N ASN A 103 3.39 -2.83 20.45
CA ASN A 103 2.40 -2.04 21.18
C ASN A 103 1.73 -2.89 22.26
N PRO A 104 1.21 -2.21 23.30
CA PRO A 104 0.54 -2.87 24.42
C PRO A 104 -0.80 -3.48 24.02
N ILE A 105 -0.82 -4.79 23.83
CA ILE A 105 -2.04 -5.49 23.44
C ILE A 105 -2.56 -6.36 24.59
N TYR A 106 -3.70 -5.97 25.14
CA TYR A 106 -4.31 -6.71 26.24
C TYR A 106 -5.81 -6.92 26.00
N ALA A 107 -6.46 -5.88 25.50
CA ALA A 107 -7.89 -5.95 25.21
C ALA A 107 -8.22 -7.17 24.37
N ASP A 108 -9.31 -7.85 24.71
CA ASP A 108 -9.75 -9.04 23.99
C ASP A 108 -10.92 -8.72 23.07
N GLY A 109 -10.68 -7.87 22.08
CA GLY A 109 -11.73 -7.50 21.15
C GLY A 109 -12.13 -6.05 21.29
N SER A 110 -11.30 -5.15 20.79
CA SER A 110 -11.58 -3.72 20.87
C SER A 110 -12.95 -3.41 20.27
N HIS A 111 -13.38 -4.22 19.32
CA HIS A 111 -14.68 -4.03 18.67
C HIS A 111 -15.80 -3.98 19.70
N HIS A 112 -17.01 -3.67 19.25
CA HIS A 112 -18.17 -3.60 20.13
C HIS A 112 -17.99 -2.49 21.17
N HIS A 113 -18.58 -1.34 20.90
CA HIS A 113 -18.49 -0.20 21.82
C HIS A 113 -19.84 0.09 22.46
N HIS A 114 -20.91 -0.12 21.70
CA HIS A 114 -22.26 0.12 22.19
C HIS A 114 -22.43 1.58 22.59
N HIS A 115 -22.42 2.46 21.59
CA HIS A 115 -22.57 3.90 21.83
C HIS A 115 -24.02 4.33 21.60
N HIS A 116 -24.75 4.54 22.70
CA HIS A 116 -26.14 4.95 22.62
C HIS A 116 -26.69 5.30 24.00
N ASP A 1 -0.23 -3.60 17.51
CA ASP A 1 -1.67 -3.51 17.71
C ASP A 1 -2.30 -2.57 16.67
N VAL A 2 -1.78 -2.62 15.45
CA VAL A 2 -2.28 -1.78 14.37
C VAL A 2 -2.39 -2.57 13.07
N ILE A 3 -3.44 -2.29 12.30
CA ILE A 3 -3.65 -2.97 11.03
C ILE A 3 -3.00 -2.20 9.88
N ILE A 4 -2.32 -2.93 9.00
CA ILE A 4 -1.66 -2.31 7.86
C ILE A 4 -2.60 -2.24 6.65
N LYS A 5 -3.08 -1.03 6.36
CA LYS A 5 -3.99 -0.82 5.24
C LYS A 5 -3.52 0.34 4.37
N PRO A 6 -3.92 0.33 3.09
CA PRO A 6 -3.56 1.38 2.13
C PRO A 6 -4.23 2.71 2.45
N GLN A 7 -3.49 3.80 2.27
CA GLN A 7 -4.01 5.14 2.54
C GLN A 7 -4.85 5.62 1.36
N VAL A 8 -4.95 4.80 0.32
CA VAL A 8 -5.72 5.15 -0.86
C VAL A 8 -6.45 3.94 -1.43
N SER A 9 -7.46 4.19 -2.25
CA SER A 9 -8.24 3.12 -2.86
C SER A 9 -7.79 2.85 -4.30
N GLY A 10 -7.66 1.58 -4.64
CA GLY A 10 -7.24 1.22 -5.99
C GLY A 10 -7.07 -0.27 -6.17
N VAL A 11 -5.85 -0.71 -6.42
CA VAL A 11 -5.57 -2.13 -6.61
C VAL A 11 -4.15 -2.47 -6.15
N ILE A 12 -3.97 -3.70 -5.67
CA ILE A 12 -2.67 -4.15 -5.19
C ILE A 12 -1.67 -4.25 -6.34
N VAL A 13 -0.42 -3.90 -6.04
CA VAL A 13 0.64 -3.96 -7.05
C VAL A 13 1.65 -5.06 -6.74
N ASN A 14 1.91 -5.26 -5.45
CA ASN A 14 2.85 -6.28 -5.02
C ASN A 14 2.82 -6.45 -3.50
N LYS A 15 3.55 -7.44 -3.01
CA LYS A 15 3.61 -7.70 -1.57
C LYS A 15 5.05 -8.01 -1.14
N LEU A 16 5.74 -6.99 -0.63
CA LEU A 16 7.12 -7.15 -0.19
C LEU A 16 7.16 -7.49 1.31
N PHE A 17 6.53 -8.58 1.69
CA PHE A 17 6.50 -9.01 3.08
C PHE A 17 6.34 -10.52 3.19
N LYS A 18 6.40 -11.04 4.40
CA LYS A 18 6.28 -12.47 4.64
C LYS A 18 5.23 -12.75 5.72
N ALA A 19 4.68 -13.96 5.70
CA ALA A 19 3.67 -14.35 6.69
C ALA A 19 4.32 -14.88 7.96
N GLY A 20 4.27 -14.07 9.02
CA GLY A 20 4.87 -14.48 10.29
C GLY A 20 6.26 -13.92 10.48
N ASP A 21 6.64 -12.98 9.62
CA ASP A 21 7.95 -12.36 9.71
C ASP A 21 7.91 -11.09 10.55
N LYS A 22 9.04 -10.40 10.64
CA LYS A 22 9.14 -9.17 11.41
C LYS A 22 9.13 -7.96 10.50
N VAL A 23 8.64 -6.83 11.01
CA VAL A 23 8.58 -5.60 10.24
C VAL A 23 9.40 -4.50 10.90
N LYS A 24 9.47 -3.34 10.24
CA LYS A 24 10.22 -2.21 10.76
C LYS A 24 9.40 -0.92 10.68
N LYS A 25 9.99 0.18 11.12
CA LYS A 25 9.31 1.46 11.10
C LYS A 25 9.40 2.10 9.72
N GLY A 26 8.37 1.87 8.90
CA GLY A 26 8.35 2.43 7.56
C GLY A 26 8.84 1.44 6.52
N GLN A 27 8.91 0.17 6.90
CA GLN A 27 9.37 -0.87 5.99
C GLN A 27 8.28 -1.26 5.00
N THR A 28 8.59 -1.20 3.71
CA THR A 28 7.63 -1.53 2.67
C THR A 28 7.20 -3.00 2.77
N LEU A 29 5.89 -3.22 2.83
CA LEU A 29 5.35 -4.57 2.92
C LEU A 29 4.35 -4.84 1.81
N PHE A 30 3.65 -3.78 1.38
CA PHE A 30 2.66 -3.91 0.33
C PHE A 30 2.68 -2.68 -0.57
N ILE A 31 2.00 -2.77 -1.72
CA ILE A 31 1.94 -1.66 -2.66
C ILE A 31 0.57 -1.61 -3.34
N ILE A 32 0.06 -0.40 -3.54
CA ILE A 32 -1.24 -0.21 -4.19
C ILE A 32 -1.25 1.06 -5.02
N GLU A 33 -1.80 0.97 -6.23
CA GLU A 33 -1.88 2.11 -7.13
C GLU A 33 -3.22 2.84 -6.97
N GLN A 34 -3.15 4.16 -6.83
CA GLN A 34 -4.35 4.97 -6.66
C GLN A 34 -4.38 6.09 -7.69
N ASP A 35 -5.16 7.14 -7.39
CA ASP A 35 -5.28 8.28 -8.30
C ASP A 35 -6.29 7.99 -9.40
N GLN A 36 -6.86 6.79 -9.39
CA GLN A 36 -7.83 6.39 -10.39
C GLN A 36 -7.35 6.77 -11.80
N ALA A 37 -6.17 6.29 -12.16
CA ALA A 37 -5.60 6.58 -13.48
C ALA A 37 -5.93 5.48 -14.47
N SER A 38 -7.08 4.84 -14.29
CA SER A 38 -7.50 3.77 -15.17
C SER A 38 -6.53 2.59 -15.10
N LYS A 39 -6.88 1.51 -15.78
CA LYS A 39 -6.04 0.32 -15.80
C LYS A 39 -5.36 0.16 -17.16
N ASP A 40 -6.14 0.24 -18.23
CA ASP A 40 -5.61 0.11 -19.58
C ASP A 40 -5.41 1.47 -20.22
N PHE A 41 -5.04 2.45 -19.40
CA PHE A 41 -4.82 3.82 -19.89
C PHE A 41 -3.47 4.35 -19.40
N ASN A 42 -3.32 5.68 -19.44
CA ASN A 42 -2.08 6.31 -19.01
C ASN A 42 -1.04 6.30 -20.12
N ARG A 43 -1.42 5.75 -21.28
CA ARG A 43 -0.53 5.68 -22.43
C ARG A 43 0.60 4.67 -22.16
N SER A 44 1.41 4.94 -21.16
CA SER A 44 2.52 4.06 -20.81
C SER A 44 3.55 4.03 -21.93
N LYS A 45 4.79 4.40 -21.60
CA LYS A 45 5.87 4.42 -22.57
C LYS A 45 5.94 3.10 -23.34
N ALA A 46 6.27 2.03 -22.63
CA ALA A 46 6.35 0.71 -23.24
C ALA A 46 6.57 -0.37 -22.19
N LEU A 47 6.07 -1.57 -22.46
CA LEU A 47 6.21 -2.69 -21.54
C LEU A 47 7.63 -3.24 -21.55
N PHE A 48 7.88 -4.23 -20.70
CA PHE A 48 9.20 -4.84 -20.62
C PHE A 48 9.33 -6.00 -21.60
N SER A 49 10.51 -6.13 -22.21
CA SER A 49 10.76 -7.19 -23.17
C SER A 49 12.20 -7.69 -23.08
N GLN A 50 12.77 -7.59 -21.87
CA GLN A 50 14.14 -8.02 -21.65
C GLN A 50 15.12 -7.19 -22.48
N SER A 51 15.78 -6.25 -21.83
CA SER A 51 16.75 -5.39 -22.50
C SER A 51 16.13 -4.75 -23.74
N ALA A 52 14.91 -4.22 -23.58
CA ALA A 52 14.21 -3.58 -24.69
C ALA A 52 14.24 -2.07 -24.55
N ILE A 53 14.48 -1.59 -23.33
CA ILE A 53 14.54 -0.16 -23.07
C ILE A 53 15.79 0.21 -22.27
N SER A 54 16.65 -0.79 -22.04
CA SER A 54 17.88 -0.57 -21.29
C SER A 54 17.58 -0.16 -19.85
N GLN A 55 18.54 -0.36 -18.97
CA GLN A 55 18.38 -0.01 -17.56
C GLN A 55 19.02 1.34 -17.26
N LYS A 56 20.01 1.72 -18.07
CA LYS A 56 20.70 2.99 -17.89
C LYS A 56 20.10 4.06 -18.79
N GLU A 57 18.83 3.91 -19.12
CA GLU A 57 18.14 4.87 -19.97
C GLU A 57 16.65 4.90 -19.67
N TYR A 58 16.28 4.46 -18.47
CA TYR A 58 14.89 4.43 -18.06
C TYR A 58 14.75 4.91 -16.62
N ASP A 59 15.14 6.15 -16.36
CA ASP A 59 15.05 6.73 -15.03
C ASP A 59 13.60 6.91 -14.60
N SER A 60 13.38 7.60 -13.50
CA SER A 60 12.05 7.85 -12.99
C SER A 60 11.48 9.16 -13.52
N SER A 61 12.38 10.05 -13.91
CA SER A 61 11.98 11.36 -14.43
C SER A 61 11.06 11.20 -15.65
N LEU A 62 11.24 10.09 -16.36
CA LEU A 62 10.42 9.81 -17.55
C LEU A 62 9.23 8.94 -17.19
N ALA A 63 9.33 8.23 -16.08
CA ALA A 63 8.25 7.35 -15.62
C ALA A 63 7.14 8.16 -14.95
N THR A 64 5.90 7.96 -15.41
CA THR A 64 4.76 8.67 -14.86
C THR A 64 3.78 7.70 -14.20
N LEU A 65 4.02 7.42 -12.91
CA LEU A 65 3.15 6.52 -12.16
C LEU A 65 3.26 6.79 -10.67
N ASP A 66 2.17 7.26 -10.08
CA ASP A 66 2.13 7.55 -8.65
C ASP A 66 1.49 6.40 -7.87
N HIS A 67 2.33 5.58 -7.23
CA HIS A 67 1.85 4.45 -6.46
C HIS A 67 2.03 4.68 -4.96
N THR A 68 1.14 4.13 -4.16
CA THR A 68 1.20 4.28 -2.72
C THR A 68 1.89 3.09 -2.06
N GLU A 69 3.10 3.30 -1.57
CA GLU A 69 3.86 2.25 -0.91
C GLU A 69 3.36 2.00 0.50
N ILE A 70 2.75 0.84 0.72
CA ILE A 70 2.23 0.49 2.04
C ILE A 70 3.35 0.14 2.99
N LYS A 71 3.85 1.14 3.72
CA LYS A 71 4.93 0.94 4.67
C LYS A 71 4.38 0.71 6.08
N ALA A 72 4.97 -0.22 6.81
CA ALA A 72 4.53 -0.52 8.17
C ALA A 72 4.72 0.69 9.08
N PRO A 73 3.84 0.81 10.08
CA PRO A 73 3.89 1.92 11.05
C PRO A 73 5.09 1.82 11.98
N PHE A 74 5.29 0.63 12.55
CA PHE A 74 6.40 0.40 13.47
C PHE A 74 6.84 -1.06 13.44
N ASP A 75 8.09 -1.30 13.82
CA ASP A 75 8.63 -2.65 13.85
C ASP A 75 7.75 -3.57 14.69
N GLY A 76 7.77 -4.87 14.36
CA GLY A 76 6.97 -5.83 15.09
C GLY A 76 6.71 -7.10 14.30
N THR A 77 5.61 -7.77 14.61
CA THR A 77 5.25 -9.01 13.92
C THR A 77 4.16 -8.76 12.88
N ILE A 78 4.21 -9.50 11.79
CA ILE A 78 3.22 -9.37 10.73
C ILE A 78 2.46 -10.67 10.51
N GLY A 79 1.16 -10.56 10.26
CA GLY A 79 0.34 -11.73 10.04
C GLY A 79 0.50 -12.30 8.65
N ASP A 80 -0.45 -13.12 8.23
CA ASP A 80 -0.41 -13.74 6.91
C ASP A 80 -1.25 -12.95 5.91
N ALA A 81 -0.78 -12.87 4.67
CA ALA A 81 -1.49 -12.15 3.64
C ALA A 81 -2.92 -12.67 3.49
N LEU A 82 -3.88 -11.75 3.57
CA LEU A 82 -5.29 -12.12 3.45
C LEU A 82 -5.71 -12.14 1.98
N VAL A 83 -5.29 -11.14 1.23
CA VAL A 83 -5.62 -11.06 -0.19
C VAL A 83 -4.39 -11.26 -1.06
N ASN A 84 -4.57 -11.12 -2.37
CA ASN A 84 -3.47 -11.29 -3.31
C ASN A 84 -3.27 -10.03 -4.15
N ILE A 85 -2.45 -10.14 -5.19
CA ILE A 85 -2.18 -9.01 -6.08
C ILE A 85 -3.34 -8.77 -7.03
N GLY A 86 -3.43 -7.55 -7.55
CA GLY A 86 -4.50 -7.20 -8.47
C GLY A 86 -5.86 -7.18 -7.80
N ASP A 87 -5.86 -7.15 -6.47
CA ASP A 87 -7.11 -7.13 -5.72
C ASP A 87 -7.52 -5.70 -5.39
N TYR A 88 -8.71 -5.31 -5.83
CA TYR A 88 -9.22 -3.96 -5.58
C TYR A 88 -9.32 -3.69 -4.09
N VAL A 89 -8.74 -2.57 -3.66
CA VAL A 89 -8.77 -2.19 -2.25
C VAL A 89 -9.55 -0.90 -2.05
N SER A 90 -9.99 -0.66 -0.81
CA SER A 90 -10.75 0.53 -0.49
C SER A 90 -10.13 1.27 0.70
N ALA A 91 -9.25 2.21 0.41
CA ALA A 91 -8.58 2.99 1.44
C ALA A 91 -8.11 2.10 2.59
N SER A 92 -7.93 2.68 3.76
CA SER A 92 -7.48 1.93 4.93
C SER A 92 -8.55 0.93 5.38
N THR A 93 -9.74 1.05 4.81
CA THR A 93 -10.84 0.16 5.15
C THR A 93 -10.50 -1.28 4.77
N THR A 94 -9.71 -1.45 3.72
CA THR A 94 -9.32 -2.78 3.26
C THR A 94 -8.16 -3.33 4.09
N GLU A 95 -8.48 -4.21 5.03
CA GLU A 95 -7.47 -4.81 5.88
C GLU A 95 -7.04 -6.17 5.34
N LEU A 96 -5.77 -6.27 4.96
CA LEU A 96 -5.22 -7.52 4.42
C LEU A 96 -4.30 -8.19 5.43
N VAL A 97 -3.64 -7.38 6.25
CA VAL A 97 -2.72 -7.89 7.27
C VAL A 97 -2.51 -6.88 8.38
N ARG A 98 -2.47 -7.37 9.61
CA ARG A 98 -2.27 -6.51 10.77
C ARG A 98 -0.95 -6.81 11.47
N VAL A 99 -0.42 -5.83 12.19
CA VAL A 99 0.84 -6.00 12.90
C VAL A 99 0.61 -6.17 14.40
N THR A 100 1.17 -7.23 14.97
CA THR A 100 1.04 -7.49 16.39
C THR A 100 2.37 -7.37 17.11
N ASN A 101 2.33 -7.40 18.43
CA ASN A 101 3.54 -7.29 19.24
C ASN A 101 4.15 -5.90 19.12
N LEU A 102 5.17 -5.63 19.93
CA LEU A 102 5.84 -4.34 19.90
C LEU A 102 4.90 -3.21 20.26
N ASN A 103 5.45 -2.05 20.59
CA ASN A 103 4.64 -0.89 20.97
C ASN A 103 4.69 0.17 19.89
N PRO A 104 3.61 0.97 19.80
CA PRO A 104 3.49 2.04 18.81
C PRO A 104 4.45 3.20 19.09
N ILE A 105 5.39 3.41 18.19
CA ILE A 105 6.37 4.49 18.34
C ILE A 105 6.06 5.65 17.40
N TYR A 106 6.56 6.83 17.73
CA TYR A 106 6.34 8.02 16.91
C TYR A 106 7.55 8.94 16.96
N ALA A 107 8.11 9.11 18.14
CA ALA A 107 9.27 9.97 18.33
C ALA A 107 10.37 9.62 17.32
N ASP A 108 11.32 10.54 17.16
CA ASP A 108 12.43 10.34 16.22
C ASP A 108 13.57 9.58 16.88
N GLY A 109 14.37 8.90 16.07
CA GLY A 109 15.49 8.14 16.60
C GLY A 109 16.68 8.13 15.65
N SER A 110 17.82 7.65 16.14
CA SER A 110 19.03 7.59 15.34
C SER A 110 18.83 6.67 14.13
N HIS A 111 18.31 5.48 14.38
CA HIS A 111 18.08 4.51 13.31
C HIS A 111 19.39 4.10 12.65
N HIS A 112 19.35 2.99 11.91
CA HIS A 112 20.54 2.49 11.23
C HIS A 112 20.41 2.70 9.72
N HIS A 113 21.56 2.83 9.05
CA HIS A 113 21.57 3.03 7.60
C HIS A 113 22.53 2.04 6.94
N HIS A 114 22.43 1.93 5.61
CA HIS A 114 23.29 1.03 4.86
C HIS A 114 23.20 1.32 3.36
N HIS A 115 24.04 0.66 2.57
CA HIS A 115 24.06 0.85 1.13
C HIS A 115 24.90 -0.22 0.45
N HIS A 116 26.17 -0.30 0.84
CA HIS A 116 27.08 -1.29 0.27
C HIS A 116 27.14 -1.15 -1.25
N ASP A 1 -4.13 -7.19 16.89
CA ASP A 1 -4.21 -5.90 17.59
C ASP A 1 -4.01 -4.74 16.61
N VAL A 2 -2.89 -4.76 15.90
CA VAL A 2 -2.58 -3.71 14.93
C VAL A 2 -2.77 -4.21 13.50
N ILE A 3 -3.33 -3.35 12.67
CA ILE A 3 -3.57 -3.71 11.26
C ILE A 3 -2.84 -2.74 10.33
N ILE A 4 -2.38 -3.27 9.20
CA ILE A 4 -1.67 -2.47 8.21
C ILE A 4 -2.49 -2.29 6.94
N LYS A 5 -2.85 -1.04 6.64
CA LYS A 5 -3.64 -0.73 5.46
C LYS A 5 -3.01 0.41 4.67
N PRO A 6 -3.41 0.55 3.40
CA PRO A 6 -2.90 1.60 2.52
C PRO A 6 -3.39 2.99 2.93
N GLN A 7 -2.75 4.02 2.37
CA GLN A 7 -3.11 5.40 2.69
C GLN A 7 -3.97 6.00 1.58
N VAL A 8 -4.27 5.19 0.57
CA VAL A 8 -5.08 5.65 -0.56
C VAL A 8 -5.92 4.50 -1.12
N SER A 9 -6.88 4.85 -1.97
CA SER A 9 -7.76 3.85 -2.57
C SER A 9 -7.24 3.44 -3.96
N GLY A 10 -6.87 2.17 -4.09
CA GLY A 10 -6.36 1.68 -5.35
C GLY A 10 -6.51 0.17 -5.48
N VAL A 11 -5.47 -0.48 -5.98
CA VAL A 11 -5.48 -1.93 -6.16
C VAL A 11 -4.11 -2.53 -5.90
N ILE A 12 -4.09 -3.68 -5.23
CA ILE A 12 -2.84 -4.36 -4.91
C ILE A 12 -1.98 -4.56 -6.16
N VAL A 13 -0.70 -4.24 -6.05
CA VAL A 13 0.22 -4.38 -7.17
C VAL A 13 1.31 -5.39 -6.86
N ASN A 14 1.81 -5.36 -5.62
CA ASN A 14 2.86 -6.27 -5.20
C ASN A 14 2.79 -6.52 -3.70
N LYS A 15 3.64 -7.41 -3.21
CA LYS A 15 3.67 -7.74 -1.79
C LYS A 15 5.10 -8.04 -1.34
N LEU A 16 5.77 -7.03 -0.79
CA LEU A 16 7.14 -7.20 -0.31
C LEU A 16 7.17 -7.44 1.19
N PHE A 17 6.44 -8.46 1.63
CA PHE A 17 6.39 -8.81 3.04
C PHE A 17 6.49 -10.32 3.25
N LYS A 18 6.55 -10.75 4.51
CA LYS A 18 6.66 -12.16 4.83
C LYS A 18 5.59 -12.56 5.86
N ALA A 19 5.30 -13.85 5.92
CA ALA A 19 4.30 -14.36 6.86
C ALA A 19 4.94 -14.71 8.20
N GLY A 20 4.59 -13.94 9.23
CA GLY A 20 5.13 -14.18 10.55
C GLY A 20 6.48 -13.51 10.75
N ASP A 21 6.77 -12.49 9.95
CA ASP A 21 8.02 -11.78 10.04
C ASP A 21 7.85 -10.46 10.79
N LYS A 22 8.96 -9.85 11.19
CA LYS A 22 8.94 -8.60 11.92
C LYS A 22 9.04 -7.41 10.96
N VAL A 23 8.26 -6.37 11.22
CA VAL A 23 8.27 -5.18 10.39
C VAL A 23 9.05 -4.04 11.06
N LYS A 24 9.23 -2.95 10.33
CA LYS A 24 9.94 -1.79 10.84
C LYS A 24 9.14 -0.51 10.63
N LYS A 25 9.70 0.61 11.07
CA LYS A 25 9.03 1.90 10.93
C LYS A 25 9.21 2.46 9.52
N GLY A 26 8.26 2.13 8.64
CA GLY A 26 8.34 2.61 7.27
C GLY A 26 8.83 1.54 6.31
N GLN A 27 8.83 0.29 6.77
CA GLN A 27 9.30 -0.82 5.95
C GLN A 27 8.22 -1.25 4.96
N THR A 28 8.59 -1.35 3.69
CA THR A 28 7.66 -1.75 2.64
C THR A 28 7.15 -3.17 2.87
N LEU A 29 5.86 -3.37 2.63
CA LEU A 29 5.24 -4.68 2.81
C LEU A 29 4.31 -5.01 1.64
N PHE A 30 3.63 -3.99 1.13
CA PHE A 30 2.71 -4.17 0.01
C PHE A 30 2.76 -2.97 -0.93
N ILE A 31 1.97 -3.03 -1.99
CA ILE A 31 1.92 -1.96 -2.97
C ILE A 31 0.51 -1.80 -3.55
N ILE A 32 0.09 -0.55 -3.74
CA ILE A 32 -1.23 -0.27 -4.29
C ILE A 32 -1.19 0.94 -5.23
N GLU A 33 -1.91 0.85 -6.33
CA GLU A 33 -1.96 1.93 -7.31
C GLU A 33 -3.30 2.64 -7.27
N GLN A 34 -3.28 3.94 -7.00
CA GLN A 34 -4.50 4.74 -6.93
C GLN A 34 -5.42 4.42 -8.10
N ASP A 35 -6.70 4.76 -7.95
CA ASP A 35 -7.68 4.51 -9.01
C ASP A 35 -7.93 5.77 -9.82
N GLN A 36 -7.83 6.92 -9.16
CA GLN A 36 -8.06 8.21 -9.82
C GLN A 36 -7.34 8.25 -11.16
N ALA A 37 -8.11 8.41 -12.23
CA ALA A 37 -7.56 8.48 -13.58
C ALA A 37 -6.93 9.84 -13.85
N SER A 38 -6.87 10.67 -12.82
CA SER A 38 -6.29 12.00 -12.94
C SER A 38 -7.12 12.86 -13.90
N LYS A 39 -7.56 14.01 -13.41
CA LYS A 39 -8.37 14.93 -14.21
C LYS A 39 -7.53 15.53 -15.34
N ASP A 40 -6.49 16.26 -14.98
CA ASP A 40 -5.61 16.90 -15.95
C ASP A 40 -4.50 15.92 -16.38
N PHE A 41 -4.36 14.83 -15.66
CA PHE A 41 -3.34 13.83 -15.97
C PHE A 41 -2.04 14.50 -16.38
N ASN A 42 -1.22 14.85 -15.40
CA ASN A 42 0.05 15.50 -15.66
C ASN A 42 1.22 14.60 -15.28
N ARG A 43 2.43 15.14 -15.34
CA ARG A 43 3.63 14.37 -15.00
C ARG A 43 4.45 15.09 -13.94
N SER A 44 3.82 15.41 -12.82
CA SER A 44 4.49 16.10 -11.73
C SER A 44 5.01 15.11 -10.69
N LYS A 45 5.32 13.90 -11.13
CA LYS A 45 5.81 12.86 -10.24
C LYS A 45 7.23 13.18 -9.77
N ALA A 46 8.17 13.22 -10.70
CA ALA A 46 9.56 13.52 -10.38
C ALA A 46 10.41 13.62 -11.65
N LEU A 47 10.50 14.82 -12.20
CA LEU A 47 11.27 15.04 -13.41
C LEU A 47 11.99 16.39 -13.36
N PHE A 48 13.17 16.45 -13.98
CA PHE A 48 13.95 17.68 -13.99
C PHE A 48 15.34 17.43 -14.61
N SER A 49 15.79 16.20 -14.53
CA SER A 49 17.10 15.83 -15.07
C SER A 49 17.31 16.46 -16.45
N GLN A 50 18.56 16.77 -16.76
CA GLN A 50 18.91 17.38 -18.04
C GLN A 50 18.31 16.59 -19.19
N SER A 51 17.33 17.19 -19.88
CA SER A 51 16.68 16.54 -21.01
C SER A 51 16.20 15.14 -20.63
N ALA A 52 15.61 15.04 -19.44
CA ALA A 52 15.10 13.76 -18.95
C ALA A 52 13.77 13.42 -19.61
N ILE A 53 12.82 14.36 -19.55
CA ILE A 53 11.51 14.15 -20.14
C ILE A 53 11.24 15.16 -21.25
N SER A 54 10.71 14.67 -22.38
CA SER A 54 10.41 15.54 -23.52
C SER A 54 9.06 15.17 -24.13
N GLN A 55 8.05 15.99 -23.84
CA GLN A 55 6.71 15.75 -24.36
C GLN A 55 6.75 15.48 -25.87
N LYS A 56 7.79 16.00 -26.53
CA LYS A 56 7.94 15.80 -27.96
C LYS A 56 7.66 14.36 -28.36
N GLU A 57 8.21 13.43 -27.58
CA GLU A 57 8.02 12.01 -27.86
C GLU A 57 8.12 11.19 -26.57
N TYR A 58 7.85 11.84 -25.44
CA TYR A 58 7.91 11.18 -24.15
C TYR A 58 7.09 9.89 -24.16
N ASP A 59 7.31 9.05 -23.15
CA ASP A 59 6.60 7.78 -23.03
C ASP A 59 5.78 7.73 -21.74
N SER A 60 4.99 6.67 -21.60
CA SER A 60 4.16 6.51 -20.41
C SER A 60 4.92 5.75 -19.31
N SER A 61 6.09 5.23 -19.67
CA SER A 61 6.92 4.49 -18.72
C SER A 61 7.24 5.34 -17.50
N LEU A 62 7.31 6.65 -17.70
CA LEU A 62 7.61 7.58 -16.62
C LEU A 62 6.37 7.85 -15.77
N ALA A 63 5.20 7.56 -16.33
CA ALA A 63 3.95 7.77 -15.62
C ALA A 63 3.34 6.44 -15.18
N THR A 64 3.26 6.26 -13.86
CA THR A 64 2.71 5.03 -13.30
C THR A 64 1.53 5.33 -12.38
N LEU A 65 0.75 6.34 -12.73
CA LEU A 65 -0.42 6.73 -11.93
C LEU A 65 -0.03 6.91 -10.47
N ASP A 66 1.25 7.14 -10.23
CA ASP A 66 1.75 7.33 -8.86
C ASP A 66 1.32 6.19 -7.96
N HIS A 67 2.20 5.19 -7.81
CA HIS A 67 1.91 4.03 -6.97
C HIS A 67 2.28 4.30 -5.51
N THR A 68 1.35 4.05 -4.61
CA THR A 68 1.58 4.27 -3.19
C THR A 68 2.06 2.99 -2.50
N GLU A 69 3.36 2.97 -2.16
CA GLU A 69 3.95 1.80 -1.50
C GLU A 69 3.43 1.67 -0.07
N ILE A 70 2.98 0.47 0.28
CA ILE A 70 2.46 0.21 1.62
C ILE A 70 3.59 -0.10 2.59
N LYS A 71 3.82 0.80 3.53
CA LYS A 71 4.87 0.62 4.53
C LYS A 71 4.29 0.55 5.93
N ALA A 72 4.76 -0.41 6.72
CA ALA A 72 4.28 -0.58 8.09
C ALA A 72 4.35 0.73 8.86
N PRO A 73 3.38 0.95 9.75
CA PRO A 73 3.31 2.16 10.58
C PRO A 73 4.41 2.21 11.63
N PHE A 74 4.82 1.03 12.11
CA PHE A 74 5.87 0.95 13.12
C PHE A 74 6.33 -0.49 13.30
N ASP A 75 7.54 -0.66 13.82
CA ASP A 75 8.11 -1.98 14.04
C ASP A 75 7.10 -2.89 14.76
N GLY A 76 6.98 -4.12 14.27
CA GLY A 76 6.05 -5.06 14.88
C GLY A 76 6.19 -6.45 14.29
N THR A 77 5.10 -7.23 14.34
CA THR A 77 5.10 -8.59 13.82
C THR A 77 3.95 -8.81 12.85
N ILE A 78 4.24 -8.71 11.56
CA ILE A 78 3.22 -8.91 10.54
C ILE A 78 2.88 -10.39 10.37
N GLY A 79 1.60 -10.67 10.15
CA GLY A 79 1.17 -12.04 9.98
C GLY A 79 1.12 -12.45 8.52
N ASP A 80 0.08 -13.20 8.15
CA ASP A 80 -0.09 -13.65 6.79
C ASP A 80 -1.16 -12.84 6.06
N ALA A 81 -0.99 -12.66 4.76
CA ALA A 81 -1.94 -11.90 3.96
C ALA A 81 -3.28 -12.63 3.86
N LEU A 82 -4.34 -11.86 3.63
CA LEU A 82 -5.68 -12.44 3.51
C LEU A 82 -6.26 -12.20 2.12
N VAL A 83 -5.67 -11.25 1.40
CA VAL A 83 -6.13 -10.93 0.05
C VAL A 83 -5.10 -11.37 -0.99
N ASN A 84 -5.36 -11.06 -2.25
CA ASN A 84 -4.46 -11.41 -3.34
C ASN A 84 -4.15 -10.20 -4.21
N ILE A 85 -3.12 -10.33 -5.04
CA ILE A 85 -2.71 -9.25 -5.93
C ILE A 85 -3.68 -9.10 -7.10
N GLY A 86 -3.85 -7.88 -7.57
CA GLY A 86 -4.74 -7.63 -8.69
C GLY A 86 -6.16 -7.35 -8.24
N ASP A 87 -6.36 -7.22 -6.94
CA ASP A 87 -7.68 -6.96 -6.38
C ASP A 87 -7.75 -5.56 -5.80
N TYR A 88 -8.81 -4.83 -6.15
CA TYR A 88 -9.00 -3.47 -5.66
C TYR A 88 -9.01 -3.43 -4.13
N VAL A 89 -8.69 -2.27 -3.57
CA VAL A 89 -8.66 -2.10 -2.13
C VAL A 89 -8.95 -0.65 -1.74
N SER A 90 -9.53 -0.47 -0.56
CA SER A 90 -9.86 0.86 -0.07
C SER A 90 -8.72 1.44 0.77
N ALA A 91 -8.95 2.62 1.33
CA ALA A 91 -7.94 3.27 2.15
C ALA A 91 -7.61 2.44 3.38
N SER A 92 -8.37 2.64 4.46
CA SER A 92 -8.14 1.90 5.69
C SER A 92 -9.17 0.77 5.84
N THR A 93 -10.07 0.68 4.88
CA THR A 93 -11.11 -0.35 4.90
C THR A 93 -10.55 -1.70 4.46
N THR A 94 -9.39 -1.66 3.80
CA THR A 94 -8.75 -2.89 3.32
C THR A 94 -7.66 -3.35 4.29
N GLU A 95 -7.99 -4.36 5.09
CA GLU A 95 -7.05 -4.90 6.07
C GLU A 95 -6.40 -6.18 5.55
N LEU A 96 -5.65 -6.06 4.45
CA LEU A 96 -4.98 -7.21 3.86
C LEU A 96 -4.34 -8.08 4.93
N VAL A 97 -3.39 -7.52 5.66
CA VAL A 97 -2.70 -8.24 6.71
C VAL A 97 -2.54 -7.38 7.96
N ARG A 98 -2.59 -8.02 9.12
CA ARG A 98 -2.45 -7.31 10.39
C ARG A 98 -1.22 -7.79 11.16
N VAL A 99 -0.63 -6.89 11.94
CA VAL A 99 0.55 -7.24 12.73
C VAL A 99 0.24 -7.23 14.22
N THR A 100 1.07 -7.94 14.99
CA THR A 100 0.88 -8.02 16.43
C THR A 100 2.13 -7.58 17.18
N ASN A 101 2.02 -7.46 18.50
CA ASN A 101 3.14 -7.04 19.33
C ASN A 101 3.43 -5.55 19.14
N LEU A 102 2.46 -4.72 19.50
CA LEU A 102 2.61 -3.28 19.37
C LEU A 102 2.01 -2.56 20.58
N ASN A 103 2.02 -1.23 20.54
CA ASN A 103 1.47 -0.43 21.63
C ASN A 103 0.08 -0.90 22.01
N PRO A 104 -0.33 -0.62 23.25
CA PRO A 104 -1.64 -1.00 23.77
C PRO A 104 -2.77 -0.20 23.12
N ILE A 105 -3.40 -0.79 22.10
CA ILE A 105 -4.49 -0.12 21.40
C ILE A 105 -5.81 -0.29 22.16
N TYR A 106 -6.48 0.83 22.42
CA TYR A 106 -7.75 0.80 23.14
C TYR A 106 -8.57 2.05 22.84
N ALA A 107 -9.68 1.87 22.15
CA ALA A 107 -10.55 2.99 21.80
C ALA A 107 -11.87 2.50 21.22
N ASP A 108 -12.88 2.41 22.07
CA ASP A 108 -14.21 1.96 21.64
C ASP A 108 -14.98 3.09 20.96
N GLY A 109 -16.16 2.76 20.45
CA GLY A 109 -16.98 3.75 19.78
C GLY A 109 -18.46 3.51 19.97
N SER A 110 -19.28 4.12 19.11
CA SER A 110 -20.73 3.96 19.20
C SER A 110 -21.16 2.60 18.66
N HIS A 111 -20.76 2.30 17.43
CA HIS A 111 -21.11 1.04 16.79
C HIS A 111 -22.62 0.91 16.62
N HIS A 112 -23.09 1.12 15.39
CA HIS A 112 -24.51 1.03 15.10
C HIS A 112 -24.87 -0.35 14.54
N HIS A 113 -26.10 -0.49 14.07
CA HIS A 113 -26.56 -1.75 13.51
C HIS A 113 -27.05 -1.56 12.07
N HIS A 114 -28.19 -0.91 11.92
CA HIS A 114 -28.77 -0.66 10.60
C HIS A 114 -30.01 0.20 10.71
N HIS A 115 -30.44 0.76 9.58
CA HIS A 115 -31.62 1.61 9.53
C HIS A 115 -32.85 0.83 9.09
N HIS A 116 -33.95 1.54 8.87
CA HIS A 116 -35.19 0.90 8.44
C HIS A 116 -35.72 1.56 7.16
N ASP A 1 -2.51 -5.44 18.01
CA ASP A 1 -3.93 -5.16 17.78
C ASP A 1 -4.10 -4.09 16.70
N VAL A 2 -3.33 -4.22 15.62
CA VAL A 2 -3.39 -3.27 14.52
C VAL A 2 -3.41 -3.99 13.18
N ILE A 3 -3.86 -3.30 12.14
CA ILE A 3 -3.92 -3.87 10.80
C ILE A 3 -3.22 -2.97 9.79
N ILE A 4 -2.29 -3.56 9.04
CA ILE A 4 -1.54 -2.81 8.03
C ILE A 4 -2.44 -2.42 6.86
N LYS A 5 -2.77 -1.14 6.76
CA LYS A 5 -3.62 -0.64 5.70
C LYS A 5 -2.99 0.59 5.03
N PRO A 6 -3.34 0.81 3.76
CA PRO A 6 -2.83 1.95 2.99
C PRO A 6 -3.38 3.28 3.48
N GLN A 7 -3.14 4.34 2.71
CA GLN A 7 -3.62 5.67 3.06
C GLN A 7 -4.52 6.23 1.97
N VAL A 8 -4.78 5.43 0.95
CA VAL A 8 -5.62 5.85 -0.17
C VAL A 8 -6.35 4.66 -0.78
N SER A 9 -7.26 4.95 -1.71
CA SER A 9 -8.03 3.90 -2.37
C SER A 9 -7.40 3.53 -3.71
N GLY A 10 -7.27 2.24 -3.96
CA GLY A 10 -6.68 1.77 -5.21
C GLY A 10 -6.73 0.27 -5.35
N VAL A 11 -5.62 -0.33 -5.77
CA VAL A 11 -5.55 -1.77 -5.95
C VAL A 11 -4.13 -2.28 -5.67
N ILE A 12 -4.04 -3.46 -5.07
CA ILE A 12 -2.76 -4.06 -4.76
C ILE A 12 -1.91 -4.25 -6.01
N VAL A 13 -0.63 -3.93 -5.92
CA VAL A 13 0.28 -4.06 -7.05
C VAL A 13 1.35 -5.11 -6.77
N ASN A 14 1.82 -5.17 -5.52
CA ASN A 14 2.84 -6.13 -5.13
C ASN A 14 2.78 -6.38 -3.63
N LYS A 15 3.52 -7.40 -3.19
CA LYS A 15 3.57 -7.74 -1.77
C LYS A 15 4.99 -8.13 -1.35
N LEU A 16 5.69 -7.18 -0.73
CA LEU A 16 7.06 -7.42 -0.28
C LEU A 16 7.09 -7.68 1.22
N PHE A 17 6.40 -8.72 1.66
CA PHE A 17 6.35 -9.08 3.08
C PHE A 17 6.30 -10.60 3.26
N LYS A 18 6.51 -11.05 4.49
CA LYS A 18 6.49 -12.47 4.80
C LYS A 18 5.57 -12.75 5.97
N ALA A 19 5.09 -13.99 6.05
CA ALA A 19 4.20 -14.40 7.13
C ALA A 19 4.99 -14.89 8.35
N GLY A 20 4.88 -14.15 9.45
CA GLY A 20 5.60 -14.52 10.66
C GLY A 20 6.97 -13.87 10.74
N ASP A 21 7.15 -12.76 10.04
CA ASP A 21 8.42 -12.06 10.03
C ASP A 21 8.31 -10.73 10.77
N LYS A 22 9.45 -10.07 10.96
CA LYS A 22 9.47 -8.79 11.66
C LYS A 22 9.31 -7.64 10.67
N VAL A 23 8.69 -6.55 11.13
CA VAL A 23 8.47 -5.38 10.30
C VAL A 23 9.22 -4.17 10.84
N LYS A 24 9.58 -3.25 9.94
CA LYS A 24 10.31 -2.05 10.33
C LYS A 24 9.50 -0.80 10.00
N LYS A 25 9.30 0.05 11.00
CA LYS A 25 8.55 1.30 10.81
C LYS A 25 9.07 2.07 9.61
N GLY A 26 8.39 1.93 8.47
CA GLY A 26 8.80 2.62 7.27
C GLY A 26 9.37 1.69 6.23
N GLN A 27 9.13 0.39 6.40
CA GLN A 27 9.64 -0.60 5.47
C GLN A 27 8.55 -1.03 4.49
N THR A 28 8.86 -0.99 3.20
CA THR A 28 7.91 -1.38 2.17
C THR A 28 7.47 -2.83 2.34
N LEU A 29 6.17 -3.03 2.49
CA LEU A 29 5.60 -4.36 2.66
C LEU A 29 4.57 -4.67 1.59
N PHE A 30 3.90 -3.62 1.12
CA PHE A 30 2.88 -3.78 0.08
C PHE A 30 2.92 -2.61 -0.91
N ILE A 31 2.05 -2.65 -1.91
CA ILE A 31 2.00 -1.60 -2.92
C ILE A 31 0.57 -1.45 -3.46
N ILE A 32 0.15 -0.20 -3.65
CA ILE A 32 -1.18 0.08 -4.16
C ILE A 32 -1.16 1.27 -5.11
N GLU A 33 -1.91 1.16 -6.21
CA GLU A 33 -1.96 2.24 -7.20
C GLU A 33 -3.29 2.98 -7.12
N GLN A 34 -3.23 4.30 -7.10
CA GLN A 34 -4.43 5.12 -7.01
C GLN A 34 -4.51 6.08 -8.20
N ASP A 35 -3.39 6.28 -8.87
CA ASP A 35 -3.32 7.17 -10.01
C ASP A 35 -3.47 8.63 -9.58
N GLN A 36 -3.58 8.85 -8.27
CA GLN A 36 -3.73 10.19 -7.74
C GLN A 36 -2.37 10.80 -7.41
N ALA A 37 -1.32 10.01 -7.61
CA ALA A 37 0.04 10.48 -7.35
C ALA A 37 0.74 10.90 -8.63
N SER A 38 0.02 10.82 -9.75
CA SER A 38 0.58 11.18 -11.04
C SER A 38 0.22 12.62 -11.39
N LYS A 39 0.20 13.49 -10.39
CA LYS A 39 -0.13 14.89 -10.59
C LYS A 39 1.13 15.76 -10.49
N ASP A 40 2.27 15.12 -10.29
CA ASP A 40 3.54 15.84 -10.17
C ASP A 40 4.68 14.86 -9.92
N PHE A 41 4.63 13.69 -10.55
CA PHE A 41 5.66 12.68 -10.39
C PHE A 41 5.84 11.88 -11.68
N ASN A 42 4.72 11.39 -12.23
CA ASN A 42 4.77 10.61 -13.45
C ASN A 42 5.53 11.34 -14.54
N ARG A 43 6.49 10.65 -15.16
CA ARG A 43 7.30 11.25 -16.22
C ARG A 43 6.55 11.23 -17.55
N SER A 44 5.33 10.70 -17.53
CA SER A 44 4.51 10.62 -18.73
C SER A 44 5.15 9.70 -19.76
N LYS A 45 4.30 8.95 -20.48
CA LYS A 45 4.78 8.03 -21.50
C LYS A 45 4.71 8.66 -22.88
N ALA A 46 3.53 9.17 -23.24
CA ALA A 46 3.34 9.81 -24.53
C ALA A 46 3.40 11.33 -24.42
N LEU A 47 3.52 12.00 -25.55
CA LEU A 47 3.59 13.46 -25.58
C LEU A 47 2.96 14.01 -26.86
N PHE A 48 1.90 14.79 -26.69
CA PHE A 48 1.20 15.39 -27.83
C PHE A 48 1.04 14.37 -28.96
N SER A 49 0.69 14.87 -30.13
CA SER A 49 0.49 14.00 -31.30
C SER A 49 -0.71 13.09 -31.09
N GLN A 50 -1.39 12.77 -32.20
CA GLN A 50 -2.56 11.90 -32.14
C GLN A 50 -3.47 12.28 -30.97
N SER A 51 -4.38 11.37 -30.61
CA SER A 51 -5.31 11.62 -29.52
C SER A 51 -4.61 11.47 -28.17
N ALA A 52 -3.59 12.30 -27.95
CA ALA A 52 -2.85 12.26 -26.69
C ALA A 52 -3.78 12.41 -25.50
N ILE A 53 -4.76 13.30 -25.61
CA ILE A 53 -5.71 13.54 -24.54
C ILE A 53 -7.07 13.95 -25.09
N SER A 54 -7.16 15.20 -25.53
CA SER A 54 -8.39 15.74 -26.09
C SER A 54 -9.51 15.71 -25.04
N GLN A 55 -9.69 16.82 -24.35
CA GLN A 55 -10.72 16.93 -23.32
C GLN A 55 -12.09 16.54 -23.88
N LYS A 56 -12.23 16.64 -25.20
CA LYS A 56 -13.48 16.30 -25.86
C LYS A 56 -14.02 14.97 -25.37
N GLU A 57 -13.13 13.98 -25.24
CA GLU A 57 -13.52 12.65 -24.78
C GLU A 57 -12.35 11.95 -24.10
N TYR A 58 -11.44 12.75 -23.54
CA TYR A 58 -10.27 12.20 -22.87
C TYR A 58 -10.67 11.10 -21.89
N ASP A 59 -9.77 10.13 -21.70
CA ASP A 59 -10.03 9.02 -20.79
C ASP A 59 -8.90 8.86 -19.79
N SER A 60 -8.85 7.72 -19.12
CA SER A 60 -7.82 7.45 -18.12
C SER A 60 -6.59 6.83 -18.78
N SER A 61 -6.79 6.27 -19.97
CA SER A 61 -5.69 5.64 -20.70
C SER A 61 -4.51 6.58 -20.83
N LEU A 62 -4.80 7.88 -20.98
CA LEU A 62 -3.76 8.89 -21.12
C LEU A 62 -3.02 9.09 -19.79
N ALA A 63 -3.77 9.07 -18.70
CA ALA A 63 -3.20 9.25 -17.37
C ALA A 63 -2.32 8.06 -16.99
N THR A 64 -1.10 8.36 -16.56
CA THR A 64 -0.15 7.32 -16.17
C THR A 64 -0.71 6.48 -15.03
N LEU A 65 0.13 5.61 -14.47
CA LEU A 65 -0.28 4.74 -13.38
C LEU A 65 0.65 4.90 -12.18
N ASP A 66 0.39 5.92 -11.36
CA ASP A 66 1.21 6.19 -10.19
C ASP A 66 0.89 5.19 -9.08
N HIS A 67 1.93 4.66 -8.44
CA HIS A 67 1.77 3.69 -7.36
C HIS A 67 2.28 4.26 -6.04
N THR A 68 1.86 3.64 -4.94
CA THR A 68 2.27 4.09 -3.62
C THR A 68 2.70 2.91 -2.75
N GLU A 69 4.00 2.83 -2.46
CA GLU A 69 4.52 1.75 -1.63
C GLU A 69 4.01 1.86 -0.19
N ILE A 70 3.43 0.77 0.29
CA ILE A 70 2.90 0.74 1.66
C ILE A 70 3.98 0.35 2.66
N LYS A 71 4.42 1.31 3.46
CA LYS A 71 5.45 1.06 4.47
C LYS A 71 4.82 0.71 5.80
N ALA A 72 5.63 0.17 6.71
CA ALA A 72 5.15 -0.20 8.04
C ALA A 72 4.70 1.02 8.82
N PRO A 73 3.62 0.86 9.60
CA PRO A 73 3.06 1.95 10.42
C PRO A 73 3.97 2.31 11.58
N PHE A 74 4.44 1.31 12.30
CA PHE A 74 5.32 1.53 13.45
C PHE A 74 6.18 0.29 13.71
N ASP A 75 6.14 -0.66 12.79
CA ASP A 75 6.92 -1.89 12.93
C ASP A 75 6.27 -2.83 13.94
N GLY A 76 6.72 -4.09 13.94
CA GLY A 76 6.17 -5.06 14.85
C GLY A 76 6.14 -6.46 14.27
N THR A 77 5.13 -7.24 14.64
CA THR A 77 4.99 -8.60 14.14
C THR A 77 3.89 -8.70 13.09
N ILE A 78 4.21 -9.32 11.97
CA ILE A 78 3.25 -9.48 10.89
C ILE A 78 2.78 -10.93 10.77
N GLY A 79 1.54 -11.12 10.35
CA GLY A 79 1.00 -12.46 10.19
C GLY A 79 0.85 -12.86 8.74
N ASP A 80 -0.11 -13.73 8.46
CA ASP A 80 -0.36 -14.20 7.11
C ASP A 80 -1.13 -13.15 6.30
N ALA A 81 -1.37 -13.45 5.03
CA ALA A 81 -2.09 -12.54 4.16
C ALA A 81 -3.53 -13.01 3.94
N LEU A 82 -4.43 -12.06 3.76
CA LEU A 82 -5.85 -12.38 3.54
C LEU A 82 -6.17 -12.41 2.05
N VAL A 83 -5.90 -11.30 1.37
CA VAL A 83 -6.17 -11.20 -0.06
C VAL A 83 -4.87 -11.29 -0.87
N ASN A 84 -5.00 -11.29 -2.19
CA ASN A 84 -3.84 -11.36 -3.06
C ASN A 84 -3.71 -10.08 -3.89
N ILE A 85 -2.74 -10.08 -4.81
CA ILE A 85 -2.51 -8.92 -5.66
C ILE A 85 -3.57 -8.82 -6.76
N GLY A 86 -3.74 -7.62 -7.29
CA GLY A 86 -4.73 -7.41 -8.34
C GLY A 86 -6.12 -7.16 -7.79
N ASP A 87 -6.24 -7.15 -6.47
CA ASP A 87 -7.53 -6.93 -5.82
C ASP A 87 -7.67 -5.46 -5.39
N TYR A 88 -8.69 -4.79 -5.92
CA TYR A 88 -8.94 -3.39 -5.60
C TYR A 88 -9.18 -3.22 -4.11
N VAL A 89 -8.36 -2.39 -3.47
CA VAL A 89 -8.48 -2.13 -2.04
C VAL A 89 -9.32 -0.89 -1.78
N SER A 90 -10.01 -0.86 -0.65
CA SER A 90 -10.84 0.28 -0.28
C SER A 90 -10.18 1.11 0.81
N ALA A 91 -9.45 2.14 0.39
CA ALA A 91 -8.77 3.03 1.33
C ALA A 91 -8.08 2.22 2.42
N SER A 92 -7.91 2.84 3.58
CA SER A 92 -7.26 2.19 4.72
C SER A 92 -8.16 1.12 5.32
N THR A 93 -9.37 0.99 4.77
CA THR A 93 -10.32 0.00 5.26
C THR A 93 -9.93 -1.40 4.81
N THR A 94 -9.12 -1.48 3.77
CA THR A 94 -8.67 -2.77 3.25
C THR A 94 -7.75 -3.48 4.25
N GLU A 95 -8.31 -4.43 4.98
CA GLU A 95 -7.56 -5.18 5.97
C GLU A 95 -7.04 -6.49 5.38
N LEU A 96 -5.85 -6.43 4.76
CA LEU A 96 -5.25 -7.61 4.16
C LEU A 96 -4.46 -8.40 5.19
N VAL A 97 -3.48 -7.75 5.81
CA VAL A 97 -2.65 -8.40 6.82
C VAL A 97 -2.76 -7.68 8.16
N ARG A 98 -2.64 -8.44 9.25
CA ARG A 98 -2.72 -7.88 10.59
C ARG A 98 -1.35 -7.86 11.26
N VAL A 99 -1.16 -6.95 12.20
CA VAL A 99 0.09 -6.83 12.92
C VAL A 99 -0.11 -6.96 14.42
N THR A 100 0.79 -7.69 15.08
CA THR A 100 0.71 -7.90 16.51
C THR A 100 1.99 -7.47 17.20
N ASN A 101 1.97 -7.47 18.53
CA ASN A 101 3.14 -7.08 19.32
C ASN A 101 3.40 -5.58 19.20
N LEU A 102 2.42 -4.78 19.63
CA LEU A 102 2.54 -3.33 19.58
C LEU A 102 1.95 -2.68 20.82
N ASN A 103 2.09 -1.36 20.93
CA ASN A 103 1.56 -0.64 22.08
C ASN A 103 0.10 -0.97 22.32
N PRO A 104 -0.36 -0.77 23.56
CA PRO A 104 -1.75 -1.05 23.95
C PRO A 104 -2.72 -0.06 23.32
N ILE A 105 -3.27 -0.42 22.16
CA ILE A 105 -4.22 0.43 21.47
C ILE A 105 -5.62 0.27 22.04
N TYR A 106 -6.26 1.39 22.36
CA TYR A 106 -7.61 1.38 22.91
C TYR A 106 -8.31 2.71 22.68
N ALA A 107 -8.98 2.83 21.53
CA ALA A 107 -9.69 4.05 21.18
C ALA A 107 -10.38 3.92 19.83
N ASP A 108 -11.62 3.45 19.85
CA ASP A 108 -12.39 3.27 18.62
C ASP A 108 -13.78 3.88 18.76
N GLY A 109 -14.34 4.35 17.65
CA GLY A 109 -15.66 4.95 17.67
C GLY A 109 -16.10 5.42 16.30
N SER A 110 -15.89 4.59 15.29
CA SER A 110 -16.26 4.93 13.91
C SER A 110 -17.63 4.34 13.56
N HIS A 111 -17.89 3.14 14.06
CA HIS A 111 -19.17 2.47 13.81
C HIS A 111 -19.34 2.18 12.32
N HIS A 112 -20.42 1.50 11.97
CA HIS A 112 -20.70 1.16 10.58
C HIS A 112 -22.19 1.23 10.30
N HIS A 113 -22.64 2.38 9.78
CA HIS A 113 -24.05 2.58 9.46
C HIS A 113 -24.24 3.83 8.62
N HIS A 114 -25.49 4.14 8.30
CA HIS A 114 -25.81 5.32 7.50
C HIS A 114 -25.16 6.58 8.08
N HIS A 115 -24.99 7.58 7.24
CA HIS A 115 -24.38 8.84 7.67
C HIS A 115 -25.16 9.45 8.83
N HIS A 116 -24.49 9.62 9.96
CA HIS A 116 -25.13 10.20 11.14
C HIS A 116 -24.10 10.88 12.04
N ASP A 1 -4.03 -4.83 19.16
CA ASP A 1 -3.03 -4.76 18.10
C ASP A 1 -3.42 -3.68 17.07
N VAL A 2 -2.70 -3.67 15.95
CA VAL A 2 -2.97 -2.70 14.89
C VAL A 2 -3.02 -3.36 13.53
N ILE A 3 -3.75 -2.74 12.60
CA ILE A 3 -3.89 -3.28 11.25
C ILE A 3 -3.08 -2.46 10.25
N ILE A 4 -2.65 -3.12 9.18
CA ILE A 4 -1.87 -2.45 8.15
C ILE A 4 -2.70 -2.25 6.88
N LYS A 5 -3.07 -1.00 6.61
CA LYS A 5 -3.86 -0.67 5.42
C LYS A 5 -3.25 0.51 4.67
N PRO A 6 -3.62 0.64 3.39
CA PRO A 6 -3.12 1.73 2.53
C PRO A 6 -3.68 3.09 2.94
N GLN A 7 -3.15 4.15 2.33
CA GLN A 7 -3.60 5.50 2.62
C GLN A 7 -4.62 5.97 1.59
N VAL A 8 -4.85 5.15 0.56
CA VAL A 8 -5.80 5.48 -0.48
C VAL A 8 -6.42 4.23 -1.08
N SER A 9 -7.32 4.43 -2.05
CA SER A 9 -7.99 3.31 -2.71
C SER A 9 -7.32 2.99 -4.04
N GLY A 10 -7.18 1.70 -4.33
CA GLY A 10 -6.56 1.29 -5.58
C GLY A 10 -6.54 -0.23 -5.74
N VAL A 11 -5.46 -0.74 -6.31
CA VAL A 11 -5.31 -2.17 -6.52
C VAL A 11 -3.92 -2.65 -6.12
N ILE A 12 -3.86 -3.79 -5.45
CA ILE A 12 -2.59 -4.36 -5.00
C ILE A 12 -1.61 -4.48 -6.17
N VAL A 13 -0.33 -4.25 -5.89
CA VAL A 13 0.70 -4.34 -6.91
C VAL A 13 1.73 -5.40 -6.56
N ASN A 14 2.13 -5.44 -5.29
CA ASN A 14 3.11 -6.41 -4.83
C ASN A 14 3.10 -6.51 -3.30
N LYS A 15 3.89 -7.44 -2.77
CA LYS A 15 3.97 -7.64 -1.33
C LYS A 15 5.42 -7.85 -0.89
N LEU A 16 5.93 -6.93 -0.09
CA LEU A 16 7.30 -7.01 0.41
C LEU A 16 7.33 -7.47 1.85
N PHE A 17 6.63 -8.56 2.14
CA PHE A 17 6.57 -9.10 3.49
C PHE A 17 6.34 -10.61 3.47
N LYS A 18 6.64 -11.27 4.59
CA LYS A 18 6.48 -12.71 4.69
C LYS A 18 5.34 -13.05 5.65
N ALA A 19 5.05 -14.35 5.78
CA ALA A 19 4.00 -14.81 6.67
C ALA A 19 4.54 -15.04 8.08
N GLY A 20 4.16 -14.15 9.00
CA GLY A 20 4.62 -14.29 10.38
C GLY A 20 5.93 -13.59 10.61
N ASP A 21 6.47 -12.95 9.58
CA ASP A 21 7.74 -12.24 9.68
C ASP A 21 7.60 -10.98 10.53
N LYS A 22 8.62 -10.13 10.49
CA LYS A 22 8.59 -8.89 11.26
C LYS A 22 8.70 -7.67 10.34
N VAL A 23 8.21 -6.53 10.82
CA VAL A 23 8.25 -5.31 10.03
C VAL A 23 9.22 -4.29 10.64
N LYS A 24 9.47 -3.22 9.90
CA LYS A 24 10.39 -2.17 10.37
C LYS A 24 9.79 -0.80 10.13
N LYS A 25 10.13 0.15 11.00
CA LYS A 25 9.63 1.52 10.88
C LYS A 25 9.96 2.11 9.51
N GLY A 26 9.00 2.06 8.61
CA GLY A 26 9.20 2.59 7.27
C GLY A 26 9.32 1.50 6.22
N GLN A 27 9.66 0.30 6.66
CA GLN A 27 9.81 -0.84 5.76
C GLN A 27 8.56 -1.02 4.91
N THR A 28 8.74 -1.49 3.68
CA THR A 28 7.62 -1.72 2.77
C THR A 28 7.03 -3.10 2.96
N LEU A 29 5.72 -3.21 2.74
CA LEU A 29 5.03 -4.49 2.88
C LEU A 29 4.02 -4.70 1.76
N PHE A 30 3.14 -3.71 1.56
CA PHE A 30 2.13 -3.78 0.52
C PHE A 30 2.28 -2.62 -0.46
N ILE A 31 1.58 -2.71 -1.58
CA ILE A 31 1.63 -1.67 -2.60
C ILE A 31 0.32 -1.59 -3.38
N ILE A 32 -0.21 -0.38 -3.50
CA ILE A 32 -1.46 -0.16 -4.22
C ILE A 32 -1.36 1.04 -5.14
N GLU A 33 -1.81 0.87 -6.38
CA GLU A 33 -1.78 1.96 -7.36
C GLU A 33 -3.11 2.70 -7.39
N GLN A 34 -3.04 4.03 -7.42
CA GLN A 34 -4.25 4.85 -7.45
C GLN A 34 -4.06 6.02 -8.41
N ASP A 35 -5.01 6.97 -8.37
CA ASP A 35 -4.96 8.14 -9.24
C ASP A 35 -5.20 9.41 -8.44
N GLN A 36 -4.51 9.54 -7.31
CA GLN A 36 -4.64 10.71 -6.45
C GLN A 36 -3.62 10.68 -5.33
N ALA A 37 -2.36 10.94 -5.68
CA ALA A 37 -1.28 10.95 -4.68
C ALA A 37 -0.90 12.36 -4.29
N SER A 38 -0.86 13.26 -5.28
CA SER A 38 -0.50 14.65 -5.04
C SER A 38 -0.82 15.51 -6.27
N LYS A 39 -0.77 16.82 -6.07
CA LYS A 39 -1.05 17.76 -7.16
C LYS A 39 0.24 18.19 -7.86
N ASP A 40 1.36 17.60 -7.44
CA ASP A 40 2.66 17.93 -8.01
C ASP A 40 3.70 16.89 -7.61
N PHE A 41 3.32 15.61 -7.70
CA PHE A 41 4.23 14.52 -7.35
C PHE A 41 4.46 13.60 -8.54
N ASN A 42 3.38 13.03 -9.06
CA ASN A 42 3.46 12.13 -10.20
C ASN A 42 4.23 12.77 -11.34
N ARG A 43 5.24 12.06 -11.84
CA ARG A 43 6.06 12.56 -12.94
C ARG A 43 5.53 12.04 -14.28
N SER A 44 4.52 12.72 -14.80
CA SER A 44 3.92 12.32 -16.08
C SER A 44 5.01 11.97 -17.09
N LYS A 45 4.74 10.94 -17.89
CA LYS A 45 5.69 10.50 -18.91
C LYS A 45 5.33 11.07 -20.27
N ALA A 46 4.22 10.59 -20.84
CA ALA A 46 3.76 11.05 -22.14
C ALA A 46 3.28 12.50 -22.07
N LEU A 47 2.82 12.91 -20.90
CA LEU A 47 2.33 14.27 -20.69
C LEU A 47 1.08 14.53 -21.54
N PHE A 48 0.56 15.75 -21.45
CA PHE A 48 -0.63 16.13 -22.21
C PHE A 48 -0.45 15.81 -23.69
N SER A 49 0.80 15.80 -24.15
CA SER A 49 1.11 15.51 -25.53
C SER A 49 0.27 16.40 -26.47
N GLN A 50 0.32 16.09 -27.76
CA GLN A 50 -0.44 16.85 -28.75
C GLN A 50 -1.92 16.79 -28.47
N SER A 51 -2.36 15.73 -27.81
CA SER A 51 -3.77 15.54 -27.48
C SER A 51 -3.98 14.28 -26.67
N ALA A 52 -3.67 14.36 -25.37
CA ALA A 52 -3.83 13.22 -24.48
C ALA A 52 -5.27 13.08 -24.00
N ILE A 53 -5.78 14.13 -23.37
CA ILE A 53 -7.16 14.13 -22.87
C ILE A 53 -7.80 15.50 -23.04
N SER A 54 -9.12 15.51 -23.15
CA SER A 54 -9.87 16.75 -23.32
C SER A 54 -10.06 17.46 -21.99
N GLN A 55 -9.05 18.22 -21.58
CA GLN A 55 -9.10 18.95 -20.31
C GLN A 55 -10.41 19.74 -20.19
N LYS A 56 -10.98 20.09 -21.34
CA LYS A 56 -12.23 20.85 -21.37
C LYS A 56 -13.29 20.18 -20.49
N GLU A 57 -13.20 18.86 -20.37
CA GLU A 57 -14.15 18.11 -19.56
C GLU A 57 -13.46 16.95 -18.85
N TYR A 58 -12.13 16.98 -18.84
CA TYR A 58 -11.35 15.94 -18.19
C TYR A 58 -10.14 16.52 -17.47
N ASP A 59 -9.35 15.65 -16.85
CA ASP A 59 -8.16 16.08 -16.12
C ASP A 59 -7.17 14.92 -15.96
N SER A 60 -5.94 15.26 -15.58
CA SER A 60 -4.90 14.25 -15.39
C SER A 60 -4.82 13.84 -13.92
N SER A 61 -5.20 14.75 -13.04
CA SER A 61 -5.16 14.48 -11.60
C SER A 61 -6.03 13.28 -11.25
N LEU A 62 -7.00 12.99 -12.10
CA LEU A 62 -7.91 11.87 -11.87
C LEU A 62 -7.38 10.61 -12.54
N ALA A 63 -6.21 10.71 -13.17
CA ALA A 63 -5.59 9.57 -13.84
C ALA A 63 -4.08 9.77 -13.97
N THR A 64 -3.34 9.24 -13.00
CA THR A 64 -1.89 9.36 -13.02
C THR A 64 -1.22 8.01 -12.70
N LEU A 65 -2.04 6.98 -12.57
CA LEU A 65 -1.54 5.65 -12.26
C LEU A 65 -0.50 5.70 -11.15
N ASP A 66 -0.65 6.66 -10.25
CA ASP A 66 0.27 6.81 -9.13
C ASP A 66 0.35 5.52 -8.32
N HIS A 67 1.47 5.35 -7.62
CA HIS A 67 1.68 4.16 -6.81
C HIS A 67 1.89 4.53 -5.34
N THR A 68 1.40 3.68 -4.45
CA THR A 68 1.53 3.92 -3.01
C THR A 68 2.02 2.68 -2.29
N GLU A 69 3.23 2.75 -1.77
CA GLU A 69 3.82 1.62 -1.05
C GLU A 69 3.39 1.63 0.42
N ILE A 70 2.54 0.68 0.78
CA ILE A 70 2.05 0.58 2.15
C ILE A 70 3.15 0.12 3.09
N LYS A 71 3.75 1.07 3.80
CA LYS A 71 4.83 0.77 4.74
C LYS A 71 4.28 0.63 6.16
N ALA A 72 4.98 -0.15 6.98
CA ALA A 72 4.56 -0.36 8.36
C ALA A 72 4.78 0.90 9.20
N PRO A 73 3.85 1.16 10.13
CA PRO A 73 3.92 2.33 11.01
C PRO A 73 5.05 2.22 12.03
N PHE A 74 5.36 0.99 12.43
CA PHE A 74 6.43 0.75 13.40
C PHE A 74 6.81 -0.72 13.43
N ASP A 75 8.09 -0.99 13.69
CA ASP A 75 8.59 -2.35 13.74
C ASP A 75 7.64 -3.25 14.56
N GLY A 76 7.46 -4.48 14.09
CA GLY A 76 6.59 -5.41 14.78
C GLY A 76 6.50 -6.76 14.09
N THR A 77 5.30 -7.33 14.04
CA THR A 77 5.09 -8.61 13.41
C THR A 77 3.99 -8.54 12.36
N ILE A 78 4.02 -9.46 11.41
CA ILE A 78 3.01 -9.51 10.35
C ILE A 78 2.24 -10.82 10.39
N GLY A 79 0.91 -10.71 10.27
CA GLY A 79 0.07 -11.90 10.29
C GLY A 79 -0.16 -12.47 8.91
N ASP A 80 0.84 -12.34 8.05
CA ASP A 80 0.74 -12.83 6.68
C ASP A 80 -0.39 -12.14 5.92
N ALA A 81 -0.37 -12.26 4.60
CA ALA A 81 -1.40 -11.64 3.77
C ALA A 81 -2.69 -12.45 3.78
N LEU A 82 -3.79 -11.80 3.44
CA LEU A 82 -5.09 -12.47 3.42
C LEU A 82 -5.75 -12.34 2.05
N VAL A 83 -5.41 -11.27 1.34
CA VAL A 83 -5.96 -11.02 0.01
C VAL A 83 -4.97 -11.40 -1.08
N ASN A 84 -5.33 -11.13 -2.33
CA ASN A 84 -4.48 -11.45 -3.46
C ASN A 84 -4.04 -10.17 -4.18
N ILE A 85 -3.03 -10.30 -5.04
CA ILE A 85 -2.51 -9.16 -5.79
C ILE A 85 -3.36 -8.90 -7.03
N GLY A 86 -3.41 -7.63 -7.44
CA GLY A 86 -4.19 -7.27 -8.62
C GLY A 86 -5.66 -7.14 -8.32
N ASP A 87 -6.00 -7.03 -7.04
CA ASP A 87 -7.39 -6.90 -6.62
C ASP A 87 -7.64 -5.54 -6.00
N TYR A 88 -8.76 -4.92 -6.37
CA TYR A 88 -9.12 -3.61 -5.85
C TYR A 88 -9.35 -3.66 -4.34
N VAL A 89 -8.98 -2.59 -3.65
CA VAL A 89 -9.16 -2.52 -2.20
C VAL A 89 -9.42 -1.08 -1.76
N SER A 90 -10.02 -0.95 -0.57
CA SER A 90 -10.34 0.37 -0.03
C SER A 90 -9.11 1.01 0.59
N ALA A 91 -9.31 2.16 1.24
CA ALA A 91 -8.22 2.88 1.88
C ALA A 91 -7.82 2.22 3.19
N SER A 92 -8.51 2.59 4.28
CA SER A 92 -8.23 2.03 5.59
C SER A 92 -9.18 0.89 5.92
N THR A 93 -10.10 0.62 5.00
CA THR A 93 -11.09 -0.44 5.18
C THR A 93 -10.53 -1.79 4.76
N THR A 94 -9.52 -1.77 3.90
CA THR A 94 -8.89 -2.99 3.42
C THR A 94 -7.79 -3.45 4.37
N GLU A 95 -8.05 -4.53 5.11
CA GLU A 95 -7.08 -5.07 6.05
C GLU A 95 -6.40 -6.31 5.47
N LEU A 96 -5.71 -6.12 4.34
CA LEU A 96 -5.01 -7.23 3.69
C LEU A 96 -4.05 -7.91 4.66
N VAL A 97 -3.68 -7.20 5.72
CA VAL A 97 -2.77 -7.73 6.72
C VAL A 97 -2.71 -6.84 7.95
N ARG A 98 -2.65 -7.44 9.13
CA ARG A 98 -2.58 -6.70 10.38
C ARG A 98 -1.25 -6.94 11.09
N VAL A 99 -0.78 -5.92 11.81
CA VAL A 99 0.48 -6.02 12.53
C VAL A 99 0.24 -6.38 14.00
N THR A 100 1.08 -7.27 14.52
CA THR A 100 0.96 -7.70 15.91
C THR A 100 2.27 -7.52 16.65
N ASN A 101 2.24 -7.69 17.97
CA ASN A 101 3.42 -7.55 18.80
C ASN A 101 3.94 -6.11 18.75
N LEU A 102 3.32 -5.24 19.54
CA LEU A 102 3.72 -3.84 19.60
C LEU A 102 3.45 -3.25 20.98
N ASN A 103 2.17 -3.07 21.30
CA ASN A 103 1.78 -2.52 22.59
C ASN A 103 1.13 -3.59 23.46
N PRO A 104 1.20 -3.39 24.79
CA PRO A 104 0.63 -4.33 25.76
C PRO A 104 -0.90 -4.32 25.75
N ILE A 105 -1.48 -5.23 24.97
CA ILE A 105 -2.92 -5.33 24.87
C ILE A 105 -3.48 -6.34 25.88
N TYR A 106 -2.60 -6.86 26.72
CA TYR A 106 -3.00 -7.84 27.73
C TYR A 106 -3.26 -9.20 27.10
N ALA A 107 -4.22 -9.25 26.18
CA ALA A 107 -4.57 -10.49 25.51
C ALA A 107 -4.95 -11.58 26.51
N ASP A 108 -6.25 -11.67 26.79
CA ASP A 108 -6.75 -12.68 27.74
C ASP A 108 -8.13 -13.18 27.32
N GLY A 109 -8.44 -13.03 26.04
CA GLY A 109 -9.72 -13.48 25.53
C GLY A 109 -9.87 -13.24 24.03
N SER A 110 -10.28 -14.28 23.31
CA SER A 110 -10.46 -14.18 21.87
C SER A 110 -11.92 -13.91 21.51
N HIS A 111 -12.83 -14.48 22.29
CA HIS A 111 -14.25 -14.29 22.07
C HIS A 111 -14.60 -12.81 21.96
N HIS A 112 -15.58 -12.49 21.12
CA HIS A 112 -16.00 -11.11 20.94
C HIS A 112 -17.38 -11.04 20.27
N HIS A 113 -17.83 -9.83 19.98
CA HIS A 113 -19.13 -9.63 19.34
C HIS A 113 -19.07 -9.99 17.87
N HIS A 114 -20.15 -9.68 17.14
CA HIS A 114 -20.21 -9.96 15.71
C HIS A 114 -21.50 -9.43 15.12
N HIS A 115 -22.60 -9.61 15.83
CA HIS A 115 -23.91 -9.15 15.37
C HIS A 115 -23.86 -7.67 15.02
N HIS A 116 -24.86 -7.21 14.26
CA HIS A 116 -24.92 -5.81 13.85
C HIS A 116 -25.99 -5.07 14.65
N ASP A 1 -2.86 -6.51 17.23
CA ASP A 1 -3.09 -5.23 17.88
C ASP A 1 -3.51 -4.16 16.86
N VAL A 2 -2.65 -3.92 15.89
CA VAL A 2 -2.93 -2.93 14.85
C VAL A 2 -3.19 -3.60 13.50
N ILE A 3 -3.73 -2.83 12.56
CA ILE A 3 -4.02 -3.35 11.23
C ILE A 3 -3.42 -2.46 10.16
N ILE A 4 -2.54 -3.04 9.35
CA ILE A 4 -1.89 -2.30 8.27
C ILE A 4 -2.90 -1.89 7.21
N LYS A 5 -2.77 -0.66 6.72
CA LYS A 5 -3.67 -0.15 5.69
C LYS A 5 -2.88 0.45 4.54
N PRO A 6 -3.49 0.46 3.34
CA PRO A 6 -2.87 1.01 2.13
C PRO A 6 -2.74 2.54 2.19
N GLN A 7 -3.54 3.16 3.05
CA GLN A 7 -3.52 4.60 3.20
C GLN A 7 -4.23 5.29 2.03
N VAL A 8 -4.66 4.48 1.06
CA VAL A 8 -5.36 5.00 -0.11
C VAL A 8 -6.27 3.94 -0.73
N SER A 9 -6.98 4.32 -1.78
CA SER A 9 -7.89 3.40 -2.46
C SER A 9 -7.42 3.15 -3.89
N GLY A 10 -7.20 1.88 -4.22
CA GLY A 10 -6.76 1.53 -5.56
C GLY A 10 -6.77 0.03 -5.79
N VAL A 11 -5.65 -0.49 -6.31
CA VAL A 11 -5.53 -1.92 -6.58
C VAL A 11 -4.14 -2.43 -6.22
N ILE A 12 -4.08 -3.64 -5.68
CA ILE A 12 -2.81 -4.24 -5.30
C ILE A 12 -1.89 -4.39 -6.50
N VAL A 13 -0.59 -4.21 -6.27
CA VAL A 13 0.40 -4.33 -7.32
C VAL A 13 1.47 -5.36 -6.97
N ASN A 14 1.81 -5.43 -5.69
CA ASN A 14 2.82 -6.37 -5.22
C ASN A 14 2.75 -6.53 -3.71
N LYS A 15 3.56 -7.44 -3.18
CA LYS A 15 3.59 -7.69 -1.74
C LYS A 15 4.99 -8.06 -1.28
N LEU A 16 5.70 -7.07 -0.71
CA LEU A 16 7.06 -7.29 -0.23
C LEU A 16 7.06 -7.56 1.27
N PHE A 17 6.25 -8.53 1.69
CA PHE A 17 6.17 -8.89 3.11
C PHE A 17 6.27 -10.40 3.29
N LYS A 18 6.42 -10.83 4.53
CA LYS A 18 6.53 -12.25 4.84
C LYS A 18 5.56 -12.64 5.96
N ALA A 19 5.26 -13.93 6.06
CA ALA A 19 4.35 -14.43 7.08
C ALA A 19 5.09 -14.77 8.36
N GLY A 20 4.81 -14.01 9.42
CA GLY A 20 5.47 -14.25 10.69
C GLY A 20 6.85 -13.64 10.76
N ASP A 21 7.10 -12.63 9.93
CA ASP A 21 8.38 -11.95 9.89
C ASP A 21 8.34 -10.66 10.69
N LYS A 22 9.51 -10.15 11.05
CA LYS A 22 9.61 -8.91 11.81
C LYS A 22 9.46 -7.69 10.91
N VAL A 23 8.76 -6.67 11.40
CA VAL A 23 8.54 -5.46 10.63
C VAL A 23 9.44 -4.32 11.13
N LYS A 24 9.57 -3.27 10.32
CA LYS A 24 10.40 -2.12 10.68
C LYS A 24 9.65 -0.81 10.42
N LYS A 25 9.95 0.19 11.24
CA LYS A 25 9.31 1.50 11.10
C LYS A 25 9.57 2.09 9.72
N GLY A 26 8.61 1.91 8.82
CA GLY A 26 8.76 2.43 7.47
C GLY A 26 9.20 1.38 6.48
N GLN A 27 9.07 0.10 6.87
CA GLN A 27 9.46 -1.00 6.01
C GLN A 27 8.34 -1.36 5.05
N THR A 28 8.66 -1.40 3.76
CA THR A 28 7.68 -1.74 2.74
C THR A 28 7.10 -3.14 2.96
N LEU A 29 5.81 -3.29 2.68
CA LEU A 29 5.14 -4.58 2.84
C LEU A 29 4.25 -4.89 1.65
N PHE A 30 3.60 -3.86 1.12
CA PHE A 30 2.72 -4.02 -0.02
C PHE A 30 2.79 -2.80 -0.95
N ILE A 31 2.09 -2.88 -2.07
CA ILE A 31 2.08 -1.78 -3.04
C ILE A 31 0.74 -1.70 -3.75
N ILE A 32 0.18 -0.50 -3.81
CA ILE A 32 -1.11 -0.28 -4.46
C ILE A 32 -1.09 1.02 -5.28
N GLU A 33 -1.71 0.98 -6.46
CA GLU A 33 -1.76 2.15 -7.32
C GLU A 33 -3.14 2.81 -7.24
N GLN A 34 -3.14 4.13 -7.09
CA GLN A 34 -4.39 4.88 -7.01
C GLN A 34 -4.33 6.15 -7.84
N ASP A 35 -5.39 6.95 -7.79
CA ASP A 35 -5.44 8.20 -8.55
C ASP A 35 -6.39 9.19 -7.89
N GLN A 36 -7.53 8.68 -7.43
CA GLN A 36 -8.52 9.53 -6.77
C GLN A 36 -9.29 10.37 -7.79
N ALA A 37 -8.55 11.17 -8.56
CA ALA A 37 -9.16 12.02 -9.57
C ALA A 37 -10.17 11.24 -10.41
N SER A 38 -9.67 10.41 -11.32
CA SER A 38 -10.53 9.61 -12.18
C SER A 38 -10.00 8.19 -12.32
N LYS A 39 -10.84 7.28 -12.80
CA LYS A 39 -10.47 5.89 -12.98
C LYS A 39 -9.86 5.67 -14.37
N ASP A 40 -9.74 6.75 -15.13
CA ASP A 40 -9.17 6.68 -16.48
C ASP A 40 -8.09 7.72 -16.67
N PHE A 41 -7.59 8.26 -15.57
CA PHE A 41 -6.55 9.28 -15.62
C PHE A 41 -5.16 8.66 -15.40
N ASN A 42 -4.78 8.54 -14.13
CA ASN A 42 -3.48 7.95 -13.78
C ASN A 42 -2.45 8.25 -14.87
N ARG A 43 -2.37 9.51 -15.29
CA ARG A 43 -1.43 9.91 -16.33
C ARG A 43 -1.86 9.40 -17.69
N SER A 44 -1.84 8.08 -17.86
CA SER A 44 -2.23 7.46 -19.13
C SER A 44 -1.65 8.23 -20.31
N LYS A 45 -0.40 7.96 -20.63
CA LYS A 45 0.28 8.62 -21.74
C LYS A 45 -0.16 8.03 -23.07
N ALA A 46 -0.15 6.70 -23.17
CA ALA A 46 -0.55 6.02 -24.38
C ALA A 46 -1.26 4.71 -24.07
N LEU A 47 -1.77 4.06 -25.11
CA LEU A 47 -2.48 2.78 -24.94
C LEU A 47 -1.83 1.69 -25.79
N PHE A 48 -0.53 1.81 -26.01
CA PHE A 48 0.21 0.83 -26.81
C PHE A 48 -0.50 0.59 -28.14
N SER A 49 -0.48 1.59 -29.00
CA SER A 49 -1.11 1.48 -30.32
C SER A 49 -0.10 1.07 -31.38
N GLN A 50 -0.55 0.98 -32.62
CA GLN A 50 0.32 0.59 -33.73
C GLN A 50 1.58 1.46 -33.75
N SER A 51 1.45 2.71 -33.31
CA SER A 51 2.57 3.64 -33.29
C SER A 51 2.23 4.88 -32.48
N ALA A 52 1.90 4.68 -31.21
CA ALA A 52 1.56 5.78 -30.32
C ALA A 52 2.76 6.68 -30.08
N ILE A 53 3.84 6.10 -29.55
CA ILE A 53 5.05 6.86 -29.28
C ILE A 53 6.28 6.17 -29.88
N SER A 54 7.36 6.93 -30.02
CA SER A 54 8.59 6.39 -30.58
C SER A 54 9.58 6.02 -29.47
N GLN A 55 9.64 4.73 -29.14
CA GLN A 55 10.54 4.25 -28.10
C GLN A 55 11.97 4.71 -28.36
N LYS A 56 12.30 4.90 -29.63
CA LYS A 56 13.64 5.34 -30.01
C LYS A 56 14.02 6.62 -29.29
N GLU A 57 13.01 7.43 -28.95
CA GLU A 57 13.24 8.68 -28.25
C GLU A 57 12.38 8.77 -26.99
N TYR A 58 11.92 7.61 -26.52
CA TYR A 58 11.09 7.56 -25.32
C TYR A 58 11.46 6.36 -24.46
N ASP A 59 11.25 6.49 -23.15
CA ASP A 59 11.56 5.42 -22.21
C ASP A 59 10.44 5.25 -21.19
N SER A 60 10.60 4.28 -20.29
CA SER A 60 9.61 4.03 -19.26
C SER A 60 9.95 4.76 -17.97
N SER A 61 11.24 5.02 -17.77
CA SER A 61 11.71 5.71 -16.57
C SER A 61 10.93 7.01 -16.37
N LEU A 62 10.55 7.65 -17.47
CA LEU A 62 9.81 8.91 -17.41
C LEU A 62 8.30 8.64 -17.36
N ALA A 63 7.89 7.47 -17.87
CA ALA A 63 6.48 7.10 -17.88
C ALA A 63 6.15 6.20 -16.69
N THR A 64 5.42 6.76 -15.72
CA THR A 64 5.02 6.02 -14.54
C THR A 64 3.52 6.10 -14.30
N LEU A 65 3.06 5.50 -13.22
CA LEU A 65 1.64 5.49 -12.88
C LEU A 65 1.42 5.97 -11.46
N ASP A 66 2.51 6.31 -10.77
CA ASP A 66 2.44 6.77 -9.40
C ASP A 66 1.79 5.73 -8.49
N HIS A 67 2.61 5.00 -7.76
CA HIS A 67 2.13 3.96 -6.86
C HIS A 67 2.43 4.31 -5.40
N THR A 68 1.57 3.89 -4.50
CA THR A 68 1.74 4.16 -3.08
C THR A 68 2.33 2.95 -2.36
N GLU A 69 3.57 3.09 -1.91
CA GLU A 69 4.25 2.01 -1.21
C GLU A 69 3.66 1.81 0.18
N ILE A 70 3.02 0.65 0.38
CA ILE A 70 2.41 0.33 1.66
C ILE A 70 3.46 -0.05 2.70
N LYS A 71 3.91 0.93 3.47
CA LYS A 71 4.91 0.69 4.50
C LYS A 71 4.27 0.51 5.87
N ALA A 72 4.97 -0.16 6.77
CA ALA A 72 4.46 -0.40 8.12
C ALA A 72 4.58 0.85 8.99
N PRO A 73 3.62 1.02 9.90
CA PRO A 73 3.60 2.18 10.81
C PRO A 73 4.72 2.12 11.85
N PHE A 74 5.16 0.91 12.17
CA PHE A 74 6.22 0.71 13.15
C PHE A 74 6.65 -0.75 13.20
N ASP A 75 7.90 -0.98 13.61
CA ASP A 75 8.43 -2.33 13.71
C ASP A 75 7.54 -3.21 14.58
N GLY A 76 7.56 -4.52 14.33
CA GLY A 76 6.74 -5.43 15.09
C GLY A 76 6.65 -6.80 14.44
N THR A 77 5.47 -7.43 14.55
CA THR A 77 5.25 -8.74 13.97
C THR A 77 4.08 -8.72 13.00
N ILE A 78 4.36 -8.98 11.72
CA ILE A 78 3.32 -9.00 10.70
C ILE A 78 2.77 -10.41 10.50
N GLY A 79 1.46 -10.50 10.29
CA GLY A 79 0.83 -11.79 10.08
C GLY A 79 0.68 -12.13 8.61
N ASP A 80 -0.15 -13.13 8.32
CA ASP A 80 -0.39 -13.56 6.95
C ASP A 80 -1.43 -12.66 6.28
N ALA A 81 -1.24 -12.40 4.99
CA ALA A 81 -2.16 -11.56 4.24
C ALA A 81 -3.52 -12.23 4.09
N LEU A 82 -4.49 -11.49 3.55
CA LEU A 82 -5.83 -12.01 3.36
C LEU A 82 -6.35 -11.72 1.95
N VAL A 83 -5.54 -10.99 1.18
CA VAL A 83 -5.90 -10.64 -0.18
C VAL A 83 -4.80 -11.03 -1.17
N ASN A 84 -5.02 -10.75 -2.45
CA ASN A 84 -4.06 -11.07 -3.49
C ASN A 84 -3.78 -9.86 -4.37
N ILE A 85 -2.95 -10.04 -5.38
CA ILE A 85 -2.60 -8.96 -6.29
C ILE A 85 -3.70 -8.73 -7.32
N GLY A 86 -3.72 -7.53 -7.90
CA GLY A 86 -4.73 -7.22 -8.90
C GLY A 86 -6.13 -7.18 -8.32
N ASP A 87 -6.22 -7.12 -6.99
CA ASP A 87 -7.51 -7.09 -6.31
C ASP A 87 -7.80 -5.69 -5.78
N TYR A 88 -9.01 -5.20 -6.05
CA TYR A 88 -9.42 -3.88 -5.59
C TYR A 88 -9.35 -3.78 -4.07
N VAL A 89 -9.06 -2.58 -3.59
CA VAL A 89 -8.97 -2.34 -2.14
C VAL A 89 -9.36 -0.92 -1.80
N SER A 90 -9.99 -0.74 -0.63
CA SER A 90 -10.43 0.57 -0.18
C SER A 90 -9.33 1.26 0.61
N ALA A 91 -9.65 2.42 1.18
CA ALA A 91 -8.69 3.18 1.97
C ALA A 91 -8.26 2.39 3.21
N SER A 92 -9.00 2.56 4.29
CA SER A 92 -8.69 1.86 5.54
C SER A 92 -9.61 0.66 5.75
N THR A 93 -10.50 0.44 4.78
CA THR A 93 -11.44 -0.67 4.85
C THR A 93 -10.76 -1.98 4.45
N THR A 94 -9.70 -1.87 3.66
CA THR A 94 -8.96 -3.04 3.20
C THR A 94 -7.85 -3.41 4.17
N GLU A 95 -8.00 -4.55 4.83
CA GLU A 95 -7.00 -5.02 5.79
C GLU A 95 -6.14 -6.12 5.18
N LEU A 96 -5.33 -5.75 4.20
CA LEU A 96 -4.44 -6.71 3.54
C LEU A 96 -3.73 -7.58 4.56
N VAL A 97 -3.59 -7.07 5.77
CA VAL A 97 -2.92 -7.80 6.84
C VAL A 97 -2.83 -6.97 8.11
N ARG A 98 -2.82 -7.64 9.26
CA ARG A 98 -2.73 -6.95 10.54
C ARG A 98 -1.39 -7.23 11.22
N VAL A 99 -0.96 -6.32 12.09
CA VAL A 99 0.29 -6.46 12.80
C VAL A 99 0.08 -6.59 14.30
N THR A 100 0.86 -7.46 14.93
CA THR A 100 0.74 -7.69 16.36
C THR A 100 2.10 -7.58 17.05
N ASN A 101 2.09 -7.55 18.37
CA ASN A 101 3.32 -7.45 19.14
C ASN A 101 4.03 -6.13 18.87
N LEU A 102 3.61 -5.08 19.59
CA LEU A 102 4.20 -3.75 19.41
C LEU A 102 4.46 -3.10 20.77
N ASN A 103 5.48 -2.25 20.83
CA ASN A 103 5.83 -1.56 22.07
C ASN A 103 4.80 -0.49 22.39
N PRO A 104 4.77 -0.06 23.67
CA PRO A 104 3.83 0.96 24.14
C PRO A 104 4.17 2.34 23.59
N ILE A 105 3.53 2.70 22.48
CA ILE A 105 3.76 4.01 21.87
C ILE A 105 3.00 5.11 22.59
N TYR A 106 3.54 6.32 22.56
CA TYR A 106 2.91 7.46 23.21
C TYR A 106 3.72 8.74 22.98
N ALA A 107 4.32 8.85 21.80
CA ALA A 107 5.11 10.01 21.46
C ALA A 107 5.54 9.98 19.99
N ASP A 108 6.45 10.87 19.61
CA ASP A 108 6.93 10.94 18.24
C ASP A 108 5.79 11.22 17.27
N GLY A 109 5.65 12.48 16.88
CA GLY A 109 4.59 12.85 15.95
C GLY A 109 4.45 14.35 15.82
N SER A 110 5.52 15.02 15.38
CA SER A 110 5.50 16.46 15.22
C SER A 110 4.49 16.88 14.16
N HIS A 111 4.66 16.36 12.95
CA HIS A 111 3.77 16.69 11.84
C HIS A 111 3.78 18.18 11.54
N HIS A 112 4.74 18.61 10.73
CA HIS A 112 4.87 20.01 10.37
C HIS A 112 5.54 20.17 9.01
N HIS A 113 5.63 21.40 8.53
CA HIS A 113 6.26 21.68 7.24
C HIS A 113 6.32 23.18 6.99
N HIS A 114 6.86 23.92 7.95
CA HIS A 114 6.98 25.37 7.82
C HIS A 114 5.61 26.02 7.69
N HIS A 115 5.00 26.34 8.82
CA HIS A 115 3.67 26.97 8.83
C HIS A 115 3.70 28.29 8.06
N HIS A 116 2.51 28.83 7.79
CA HIS A 116 2.39 30.08 7.05
C HIS A 116 3.14 30.00 5.73
N ASP A 1 -2.94 -4.52 19.15
CA ASP A 1 -3.05 -5.06 17.80
C ASP A 1 -3.51 -4.00 16.83
N VAL A 2 -2.86 -3.93 15.67
CA VAL A 2 -3.20 -2.96 14.64
C VAL A 2 -3.32 -3.62 13.27
N ILE A 3 -4.22 -3.10 12.45
CA ILE A 3 -4.43 -3.63 11.11
C ILE A 3 -3.93 -2.67 10.04
N ILE A 4 -2.93 -3.11 9.28
CA ILE A 4 -2.36 -2.29 8.22
C ILE A 4 -3.40 -1.94 7.17
N LYS A 5 -3.39 -0.70 6.72
CA LYS A 5 -4.33 -0.23 5.70
C LYS A 5 -3.60 0.24 4.45
N PRO A 6 -4.32 0.26 3.32
CA PRO A 6 -3.75 0.70 2.04
C PRO A 6 -3.47 2.20 2.00
N GLN A 7 -3.93 2.90 3.03
CA GLN A 7 -3.74 4.34 3.11
C GLN A 7 -4.68 5.08 2.17
N VAL A 8 -4.76 4.61 0.94
CA VAL A 8 -5.63 5.22 -0.06
C VAL A 8 -6.49 4.18 -0.77
N SER A 9 -7.27 4.63 -1.74
CA SER A 9 -8.14 3.73 -2.49
C SER A 9 -7.52 3.37 -3.84
N GLY A 10 -7.19 2.09 -4.00
CA GLY A 10 -6.58 1.64 -5.24
C GLY A 10 -6.60 0.13 -5.37
N VAL A 11 -5.51 -0.44 -5.86
CA VAL A 11 -5.41 -1.88 -6.04
C VAL A 11 -4.02 -2.39 -5.69
N ILE A 12 -3.96 -3.57 -5.08
CA ILE A 12 -2.69 -4.17 -4.69
C ILE A 12 -1.81 -4.44 -5.91
N VAL A 13 -0.50 -4.25 -5.73
CA VAL A 13 0.44 -4.48 -6.82
C VAL A 13 1.49 -5.51 -6.43
N ASN A 14 1.89 -5.48 -5.16
CA ASN A 14 2.88 -6.43 -4.65
C ASN A 14 2.96 -6.37 -3.13
N LYS A 15 3.56 -7.40 -2.53
CA LYS A 15 3.69 -7.48 -1.09
C LYS A 15 5.07 -8.01 -0.70
N LEU A 16 5.99 -7.10 -0.40
CA LEU A 16 7.35 -7.48 -0.01
C LEU A 16 7.41 -7.81 1.48
N PHE A 17 6.55 -8.72 1.91
CA PHE A 17 6.50 -9.14 3.31
C PHE A 17 6.25 -10.64 3.42
N LYS A 18 6.66 -11.22 4.54
CA LYS A 18 6.47 -12.64 4.78
C LYS A 18 5.45 -12.89 5.89
N ALA A 19 5.00 -14.13 6.01
CA ALA A 19 4.02 -14.49 7.03
C ALA A 19 4.71 -14.87 8.34
N GLY A 20 4.53 -14.04 9.36
CA GLY A 20 5.15 -14.30 10.65
C GLY A 20 6.56 -13.75 10.74
N ASP A 21 6.92 -12.88 9.81
CA ASP A 21 8.24 -12.28 9.79
C ASP A 21 8.24 -10.94 10.52
N LYS A 22 9.42 -10.32 10.61
CA LYS A 22 9.55 -9.04 11.29
C LYS A 22 9.70 -7.90 10.28
N VAL A 23 9.19 -6.73 10.63
CA VAL A 23 9.26 -5.57 9.75
C VAL A 23 9.73 -4.33 10.52
N LYS A 24 10.28 -3.36 9.79
CA LYS A 24 10.76 -2.13 10.39
C LYS A 24 9.87 -0.95 10.01
N LYS A 25 9.63 -0.06 10.97
CA LYS A 25 8.80 1.12 10.73
C LYS A 25 9.31 1.91 9.53
N GLY A 26 8.72 1.65 8.37
CA GLY A 26 9.11 2.34 7.16
C GLY A 26 9.42 1.39 6.02
N GLN A 27 9.84 0.18 6.36
CA GLN A 27 10.18 -0.82 5.36
C GLN A 27 8.99 -1.09 4.44
N THR A 28 9.27 -1.65 3.26
CA THR A 28 8.22 -1.94 2.29
C THR A 28 7.60 -3.31 2.56
N LEU A 29 6.28 -3.33 2.69
CA LEU A 29 5.56 -4.57 2.95
C LEU A 29 4.49 -4.82 1.88
N PHE A 30 3.76 -3.76 1.55
CA PHE A 30 2.70 -3.85 0.55
C PHE A 30 2.83 -2.75 -0.50
N ILE A 31 2.03 -2.84 -1.55
CA ILE A 31 2.07 -1.85 -2.62
C ILE A 31 0.71 -1.72 -3.30
N ILE A 32 0.26 -0.49 -3.49
CA ILE A 32 -1.02 -0.22 -4.12
C ILE A 32 -0.94 0.96 -5.07
N GLU A 33 -1.62 0.85 -6.22
CA GLU A 33 -1.62 1.91 -7.21
C GLU A 33 -2.99 2.59 -7.28
N GLN A 34 -3.00 3.92 -7.25
CA GLN A 34 -4.24 4.68 -7.31
C GLN A 34 -4.07 5.91 -8.20
N ASP A 35 -2.83 6.31 -8.43
CA ASP A 35 -2.54 7.47 -9.25
C ASP A 35 -3.24 8.72 -8.70
N GLN A 36 -2.49 9.54 -7.98
CA GLN A 36 -3.03 10.76 -7.41
C GLN A 36 -1.99 11.87 -7.37
N ALA A 37 -0.99 11.76 -8.25
CA ALA A 37 0.07 12.75 -8.32
C ALA A 37 -0.25 13.82 -9.37
N SER A 38 -1.49 13.85 -9.82
CA SER A 38 -1.92 14.81 -10.83
C SER A 38 -3.39 14.62 -11.18
N LYS A 39 -4.05 15.71 -11.57
CA LYS A 39 -5.45 15.66 -11.93
C LYS A 39 -5.63 15.12 -13.35
N ASP A 40 -4.52 14.94 -14.05
CA ASP A 40 -4.55 14.44 -15.42
C ASP A 40 -3.89 13.06 -15.51
N PHE A 41 -3.70 12.43 -14.35
CA PHE A 41 -3.07 11.11 -14.29
C PHE A 41 -4.01 10.09 -13.66
N ASN A 42 -4.46 9.12 -14.46
CA ASN A 42 -5.36 8.08 -13.98
C ASN A 42 -5.67 7.08 -15.09
N ARG A 43 -5.99 5.86 -14.69
CA ARG A 43 -6.31 4.80 -15.65
C ARG A 43 -7.77 4.89 -16.09
N SER A 44 -8.02 5.67 -17.13
CA SER A 44 -9.38 5.85 -17.65
C SER A 44 -9.35 6.20 -19.13
N LYS A 45 -8.27 5.82 -19.80
CA LYS A 45 -8.12 6.10 -21.24
C LYS A 45 -8.83 5.04 -22.07
N ALA A 46 -8.93 3.83 -21.52
CA ALA A 46 -9.59 2.73 -22.22
C ALA A 46 -9.59 1.46 -21.38
N LEU A 47 -8.53 1.29 -20.58
CA LEU A 47 -8.41 0.12 -19.72
C LEU A 47 -8.25 -1.15 -20.55
N PHE A 48 -8.32 -2.29 -19.87
CA PHE A 48 -8.19 -3.58 -20.55
C PHE A 48 -9.50 -4.35 -20.50
N SER A 49 -9.99 -4.75 -21.67
CA SER A 49 -11.24 -5.49 -21.76
C SER A 49 -11.12 -6.64 -22.76
N GLN A 50 -10.80 -7.83 -22.25
CA GLN A 50 -10.66 -9.01 -23.09
C GLN A 50 -9.50 -8.84 -24.07
N SER A 51 -8.29 -8.73 -23.53
CA SER A 51 -7.10 -8.55 -24.36
C SER A 51 -7.16 -7.24 -25.12
N ALA A 52 -6.70 -6.17 -24.49
CA ALA A 52 -6.69 -4.85 -25.11
C ALA A 52 -5.36 -4.57 -25.79
N ILE A 53 -4.29 -4.61 -25.01
CA ILE A 53 -2.95 -4.35 -25.53
C ILE A 53 -2.01 -5.51 -25.21
N SER A 54 -2.51 -6.49 -24.46
CA SER A 54 -1.70 -7.64 -24.09
C SER A 54 -0.55 -7.24 -23.17
N GLN A 55 -0.48 -7.87 -22.01
CA GLN A 55 0.58 -7.58 -21.04
C GLN A 55 1.94 -7.47 -21.74
N LYS A 56 2.42 -8.60 -22.25
CA LYS A 56 3.70 -8.63 -22.94
C LYS A 56 4.74 -7.79 -22.20
N GLU A 57 5.74 -7.30 -22.95
CA GLU A 57 6.79 -6.48 -22.36
C GLU A 57 6.23 -5.14 -21.88
N TYR A 58 4.99 -4.86 -22.26
CA TYR A 58 4.33 -3.61 -21.88
C TYR A 58 4.22 -3.51 -20.36
N ASP A 59 4.74 -2.42 -19.80
CA ASP A 59 4.69 -2.20 -18.36
C ASP A 59 3.79 -1.02 -18.02
N SER A 60 3.83 -0.59 -16.76
CA SER A 60 3.02 0.54 -16.32
C SER A 60 3.77 1.86 -16.49
N SER A 61 5.09 1.76 -16.63
CA SER A 61 5.91 2.95 -16.79
C SER A 61 5.49 3.74 -18.03
N LEU A 62 4.96 3.04 -19.02
CA LEU A 62 4.51 3.68 -20.25
C LEU A 62 3.04 4.06 -20.16
N ALA A 63 2.45 3.90 -18.97
CA ALA A 63 1.06 4.23 -18.75
C ALA A 63 0.90 5.21 -17.59
N THR A 64 -0.22 5.92 -17.58
CA THR A 64 -0.50 6.90 -16.52
C THR A 64 -1.17 6.24 -15.32
N LEU A 65 -0.37 5.85 -14.34
CA LEU A 65 -0.89 5.22 -13.13
C LEU A 65 0.19 5.11 -12.06
N ASP A 66 0.35 6.17 -11.28
CA ASP A 66 1.35 6.19 -10.22
C ASP A 66 1.14 5.02 -9.25
N HIS A 67 2.05 4.89 -8.30
CA HIS A 67 1.97 3.81 -7.32
C HIS A 67 2.37 4.30 -5.93
N THR A 68 1.78 3.72 -4.90
CA THR A 68 2.06 4.10 -3.53
C THR A 68 2.53 2.91 -2.71
N GLU A 69 3.84 2.78 -2.53
CA GLU A 69 4.41 1.68 -1.77
C GLU A 69 4.04 1.79 -0.28
N ILE A 70 3.38 0.77 0.24
CA ILE A 70 2.96 0.76 1.64
C ILE A 70 4.10 0.27 2.53
N LYS A 71 4.32 0.98 3.64
CA LYS A 71 5.36 0.62 4.58
C LYS A 71 4.79 0.38 5.98
N ALA A 72 5.62 -0.09 6.89
CA ALA A 72 5.20 -0.36 8.26
C ALA A 72 4.91 0.93 9.01
N PRO A 73 3.79 0.96 9.75
CA PRO A 73 3.39 2.13 10.53
C PRO A 73 4.29 2.37 11.73
N PHE A 74 4.73 1.29 12.36
CA PHE A 74 5.62 1.39 13.52
C PHE A 74 6.43 0.11 13.70
N ASP A 75 6.35 -0.77 12.70
CA ASP A 75 7.09 -2.03 12.74
C ASP A 75 6.42 -3.02 13.70
N GLY A 76 6.84 -4.27 13.62
CA GLY A 76 6.27 -5.30 14.48
C GLY A 76 6.20 -6.65 13.80
N THR A 77 5.40 -7.56 14.38
CA THR A 77 5.25 -8.90 13.82
C THR A 77 4.08 -8.96 12.85
N ILE A 78 4.39 -9.10 11.57
CA ILE A 78 3.36 -9.18 10.54
C ILE A 78 2.76 -10.58 10.46
N GLY A 79 1.46 -10.65 10.20
CA GLY A 79 0.79 -11.94 10.11
C GLY A 79 0.81 -12.50 8.71
N ASP A 80 -0.22 -13.27 8.37
CA ASP A 80 -0.32 -13.88 7.04
C ASP A 80 -1.01 -12.93 6.07
N ALA A 81 -0.77 -13.15 4.77
CA ALA A 81 -1.37 -12.32 3.74
C ALA A 81 -2.81 -12.72 3.48
N LEU A 82 -3.74 -11.83 3.79
CA LEU A 82 -5.17 -12.10 3.59
C LEU A 82 -5.60 -11.70 2.18
N VAL A 83 -4.98 -10.66 1.64
CA VAL A 83 -5.29 -10.17 0.31
C VAL A 83 -4.21 -10.57 -0.70
N ASN A 84 -4.48 -10.34 -1.98
CA ASN A 84 -3.54 -10.68 -3.03
C ASN A 84 -3.33 -9.49 -3.97
N ILE A 85 -2.58 -9.71 -5.04
CA ILE A 85 -2.31 -8.66 -6.02
C ILE A 85 -3.51 -8.43 -6.93
N GLY A 86 -3.55 -7.27 -7.56
CA GLY A 86 -4.65 -6.93 -8.45
C GLY A 86 -5.98 -6.84 -7.73
N ASP A 87 -5.91 -6.69 -6.41
CA ASP A 87 -7.12 -6.59 -5.60
C ASP A 87 -7.46 -5.13 -5.31
N TYR A 88 -8.63 -4.69 -5.77
CA TYR A 88 -9.07 -3.31 -5.56
C TYR A 88 -9.42 -3.07 -4.10
N VAL A 89 -8.55 -2.34 -3.40
CA VAL A 89 -8.76 -2.03 -2.00
C VAL A 89 -9.47 -0.68 -1.84
N SER A 90 -10.24 -0.55 -0.76
CA SER A 90 -10.97 0.68 -0.48
C SER A 90 -10.48 1.33 0.81
N ALA A 91 -9.37 2.05 0.73
CA ALA A 91 -8.80 2.72 1.89
C ALA A 91 -8.75 1.78 3.08
N SER A 92 -8.74 2.35 4.28
CA SER A 92 -8.67 1.57 5.51
C SER A 92 -9.82 0.56 5.57
N THR A 93 -10.87 0.82 4.80
CA THR A 93 -12.04 -0.06 4.75
C THR A 93 -11.64 -1.47 4.35
N THR A 94 -10.60 -1.58 3.54
CA THR A 94 -10.12 -2.88 3.08
C THR A 94 -8.88 -3.31 3.85
N GLU A 95 -9.05 -4.29 4.72
CA GLU A 95 -7.94 -4.80 5.53
C GLU A 95 -7.14 -5.86 4.77
N LEU A 96 -5.82 -5.68 4.71
CA LEU A 96 -4.96 -6.62 4.00
C LEU A 96 -4.26 -7.55 4.99
N VAL A 97 -3.56 -6.97 5.96
CA VAL A 97 -2.86 -7.75 6.96
C VAL A 97 -2.67 -6.96 8.25
N ARG A 98 -2.78 -7.64 9.38
CA ARG A 98 -2.62 -7.00 10.69
C ARG A 98 -1.24 -7.29 11.27
N VAL A 99 -0.78 -6.40 12.14
CA VAL A 99 0.53 -6.56 12.77
C VAL A 99 0.40 -6.68 14.30
N THR A 100 1.07 -7.65 14.87
CA THR A 100 1.04 -7.88 16.31
C THR A 100 2.29 -7.34 16.99
N ASN A 101 2.28 -7.33 18.31
CA ASN A 101 3.42 -6.83 19.08
C ASN A 101 3.59 -5.32 18.90
N LEU A 102 2.91 -4.56 19.73
CA LEU A 102 2.99 -3.10 19.67
C LEU A 102 2.23 -2.46 20.83
N ASN A 103 0.91 -2.67 20.87
CA ASN A 103 0.09 -2.12 21.93
C ASN A 103 -0.42 -3.22 22.86
N PRO A 104 -0.74 -2.84 24.10
CA PRO A 104 -1.24 -3.77 25.11
C PRO A 104 -2.64 -4.28 24.80
N ILE A 105 -3.14 -5.18 25.63
CA ILE A 105 -4.48 -5.74 25.45
C ILE A 105 -5.17 -5.95 26.79
N TYR A 106 -6.49 -5.76 26.80
CA TYR A 106 -7.28 -5.93 28.01
C TYR A 106 -8.76 -6.03 27.68
N ALA A 107 -9.11 -7.00 26.85
CA ALA A 107 -10.50 -7.22 26.46
C ALA A 107 -10.66 -8.52 25.68
N ASP A 108 -11.69 -9.29 26.02
CA ASP A 108 -11.95 -10.56 25.35
C ASP A 108 -10.91 -11.60 25.74
N GLY A 109 -9.68 -11.41 25.28
CA GLY A 109 -8.61 -12.35 25.59
C GLY A 109 -7.53 -12.37 24.53
N SER A 110 -7.18 -13.57 24.07
CA SER A 110 -6.15 -13.72 23.05
C SER A 110 -6.76 -13.87 21.66
N HIS A 111 -7.87 -14.60 21.60
CA HIS A 111 -8.56 -14.82 20.33
C HIS A 111 -7.68 -15.59 19.36
N HIS A 112 -7.97 -16.87 19.17
CA HIS A 112 -7.20 -17.71 18.27
C HIS A 112 -7.93 -17.88 16.93
N HIS A 113 -8.75 -16.89 16.58
CA HIS A 113 -9.49 -16.93 15.33
C HIS A 113 -10.06 -18.33 15.08
N HIS A 114 -10.52 -18.98 16.14
CA HIS A 114 -11.08 -20.32 16.04
C HIS A 114 -12.48 -20.28 15.42
N HIS A 115 -13.27 -19.30 15.83
CA HIS A 115 -14.63 -19.15 15.32
C HIS A 115 -14.87 -17.72 14.83
N HIS A 116 -13.82 -17.08 14.34
CA HIS A 116 -13.91 -15.70 13.85
C HIS A 116 -12.66 -15.31 13.08
N ASP A 1 -2.03 -5.32 18.64
CA ASP A 1 -2.93 -5.83 17.60
C ASP A 1 -3.40 -4.69 16.69
N VAL A 2 -2.60 -4.38 15.67
CA VAL A 2 -2.95 -3.33 14.73
C VAL A 2 -2.95 -3.84 13.29
N ILE A 3 -3.83 -3.26 12.47
CA ILE A 3 -3.94 -3.67 11.08
C ILE A 3 -3.35 -2.62 10.16
N ILE A 4 -2.68 -3.07 9.10
CA ILE A 4 -2.07 -2.16 8.14
C ILE A 4 -3.01 -1.89 6.96
N LYS A 5 -3.19 -0.61 6.65
CA LYS A 5 -4.06 -0.21 5.55
C LYS A 5 -3.37 0.80 4.65
N PRO A 6 -3.81 0.87 3.38
CA PRO A 6 -3.25 1.79 2.39
C PRO A 6 -3.59 3.25 2.69
N GLN A 7 -3.39 4.12 1.71
CA GLN A 7 -3.68 5.54 1.88
C GLN A 7 -4.80 5.97 0.94
N VAL A 8 -5.12 5.12 -0.02
CA VAL A 8 -6.17 5.41 -0.99
C VAL A 8 -6.83 4.14 -1.49
N SER A 9 -7.73 4.29 -2.46
CA SER A 9 -8.45 3.14 -3.03
C SER A 9 -7.93 2.83 -4.43
N GLY A 10 -7.57 1.57 -4.65
CA GLY A 10 -7.07 1.16 -5.96
C GLY A 10 -6.99 -0.35 -6.10
N VAL A 11 -5.81 -0.84 -6.48
CA VAL A 11 -5.61 -2.27 -6.66
C VAL A 11 -4.20 -2.68 -6.25
N ILE A 12 -4.09 -3.82 -5.57
CA ILE A 12 -2.80 -4.32 -5.13
C ILE A 12 -1.83 -4.46 -6.30
N VAL A 13 -0.55 -4.21 -6.03
CA VAL A 13 0.48 -4.31 -7.05
C VAL A 13 1.55 -5.33 -6.67
N ASN A 14 1.85 -5.41 -5.37
CA ASN A 14 2.85 -6.33 -4.87
C ASN A 14 2.85 -6.37 -3.35
N LYS A 15 3.64 -7.26 -2.77
CA LYS A 15 3.73 -7.40 -1.33
C LYS A 15 5.16 -7.74 -0.90
N LEU A 16 5.84 -6.78 -0.30
CA LEU A 16 7.21 -6.97 0.16
C LEU A 16 7.25 -7.36 1.63
N PHE A 17 6.52 -8.42 1.98
CA PHE A 17 6.46 -8.90 3.35
C PHE A 17 6.02 -10.36 3.40
N LYS A 18 6.26 -11.01 4.54
CA LYS A 18 5.90 -12.41 4.72
C LYS A 18 5.08 -12.60 5.99
N ALA A 19 4.48 -13.78 6.13
CA ALA A 19 3.68 -14.09 7.31
C ALA A 19 4.53 -14.66 8.43
N GLY A 20 4.63 -13.92 9.53
CA GLY A 20 5.42 -14.36 10.66
C GLY A 20 6.86 -13.92 10.57
N ASP A 21 7.11 -12.87 9.79
CA ASP A 21 8.47 -12.35 9.61
C ASP A 21 8.69 -11.10 10.48
N LYS A 22 9.81 -10.44 10.27
CA LYS A 22 10.14 -9.24 11.02
C LYS A 22 9.84 -7.98 10.21
N VAL A 23 9.33 -6.96 10.88
CA VAL A 23 8.99 -5.70 10.23
C VAL A 23 9.72 -4.53 10.88
N LYS A 24 9.88 -3.45 10.13
CA LYS A 24 10.56 -2.26 10.63
C LYS A 24 9.65 -1.04 10.56
N LYS A 25 9.86 -0.09 11.45
CA LYS A 25 9.07 1.13 11.49
C LYS A 25 9.28 1.96 10.24
N GLY A 26 8.47 1.71 9.22
CA GLY A 26 8.59 2.45 7.97
C GLY A 26 9.02 1.56 6.82
N GLN A 27 8.91 0.25 7.00
CA GLN A 27 9.29 -0.70 5.96
C GLN A 27 8.11 -1.03 5.06
N THR A 28 8.37 -1.15 3.76
CA THR A 28 7.33 -1.47 2.80
C THR A 28 6.83 -2.89 2.98
N LEU A 29 5.52 -3.08 2.80
CA LEU A 29 4.92 -4.40 2.94
C LEU A 29 3.92 -4.67 1.82
N PHE A 30 3.13 -3.65 1.48
CA PHE A 30 2.13 -3.77 0.43
C PHE A 30 2.28 -2.65 -0.60
N ILE A 31 1.54 -2.75 -1.69
CA ILE A 31 1.60 -1.74 -2.75
C ILE A 31 0.27 -1.67 -3.50
N ILE A 32 -0.20 -0.45 -3.74
CA ILE A 32 -1.46 -0.24 -4.45
C ILE A 32 -1.36 0.95 -5.39
N GLU A 33 -1.88 0.78 -6.61
CA GLU A 33 -1.85 1.85 -7.60
C GLU A 33 -3.25 2.37 -7.88
N GLN A 34 -3.36 3.66 -8.18
CA GLN A 34 -4.65 4.28 -8.47
C GLN A 34 -4.64 4.95 -9.84
N ASP A 35 -5.78 5.49 -10.23
CA ASP A 35 -5.90 6.17 -11.52
C ASP A 35 -5.58 7.65 -11.39
N GLN A 36 -5.56 8.14 -10.16
CA GLN A 36 -5.27 9.55 -9.89
C GLN A 36 -4.00 9.98 -10.61
N ALA A 37 -3.05 9.05 -10.74
CA ALA A 37 -1.79 9.33 -11.41
C ALA A 37 -1.78 8.80 -12.84
N SER A 38 -2.93 8.90 -13.51
CA SER A 38 -3.07 8.42 -14.86
C SER A 38 -2.76 9.54 -15.87
N LYS A 39 -1.98 10.51 -15.43
CA LYS A 39 -1.62 11.64 -16.28
C LYS A 39 -0.18 11.50 -16.79
N ASP A 40 0.73 11.17 -15.87
CA ASP A 40 2.13 11.00 -16.23
C ASP A 40 2.44 9.54 -16.54
N PHE A 41 1.51 8.88 -17.21
CA PHE A 41 1.68 7.47 -17.58
C PHE A 41 1.24 7.24 -19.02
N ASN A 42 2.12 6.59 -19.80
CA ASN A 42 1.82 6.31 -21.19
C ASN A 42 3.03 5.67 -21.89
N ARG A 43 2.95 5.57 -23.20
CA ARG A 43 4.04 4.99 -23.99
C ARG A 43 4.92 6.08 -24.58
N SER A 44 5.61 6.82 -23.72
CA SER A 44 6.49 7.90 -24.15
C SER A 44 7.82 7.85 -23.41
N LYS A 45 7.77 7.48 -22.14
CA LYS A 45 8.97 7.38 -21.31
C LYS A 45 10.06 6.59 -22.02
N ALA A 46 9.64 5.60 -22.80
CA ALA A 46 10.58 4.76 -23.56
C ALA A 46 10.11 4.55 -24.98
N LEU A 47 11.03 4.12 -25.84
CA LEU A 47 10.70 3.87 -27.25
C LEU A 47 11.44 2.64 -27.76
N PHE A 48 11.41 1.57 -26.98
CA PHE A 48 12.08 0.33 -27.37
C PHE A 48 13.56 0.56 -27.61
N SER A 49 14.36 -0.46 -27.31
CA SER A 49 15.81 -0.36 -27.50
C SER A 49 16.47 -1.72 -27.30
N GLN A 50 16.54 -2.50 -28.37
CA GLN A 50 17.15 -3.82 -28.32
C GLN A 50 16.31 -4.77 -27.49
N SER A 51 16.39 -4.64 -26.17
CA SER A 51 15.63 -5.49 -25.26
C SER A 51 14.77 -4.64 -24.32
N ALA A 52 13.83 -3.90 -24.89
CA ALA A 52 12.94 -3.06 -24.10
C ALA A 52 12.29 -3.85 -22.97
N ILE A 53 11.58 -4.91 -23.34
CA ILE A 53 10.90 -5.75 -22.36
C ILE A 53 11.11 -7.24 -22.66
N SER A 54 12.15 -7.81 -22.06
CA SER A 54 12.47 -9.22 -22.27
C SER A 54 11.34 -10.10 -21.76
N GLN A 55 10.42 -10.46 -22.65
CA GLN A 55 9.28 -11.30 -22.29
C GLN A 55 9.76 -12.54 -21.52
N LYS A 56 11.01 -12.94 -21.75
CA LYS A 56 11.57 -14.10 -21.08
C LYS A 56 11.22 -14.09 -19.60
N GLU A 57 11.25 -12.91 -18.99
CA GLU A 57 10.93 -12.77 -17.56
C GLU A 57 10.40 -11.38 -17.26
N TYR A 58 10.86 -10.39 -18.03
CA TYR A 58 10.43 -9.01 -17.84
C TYR A 58 10.68 -8.55 -16.40
N ASP A 59 10.89 -7.25 -16.22
CA ASP A 59 11.14 -6.69 -14.91
C ASP A 59 10.20 -5.52 -14.63
N SER A 60 10.15 -5.09 -13.37
CA SER A 60 9.28 -3.99 -12.98
C SER A 60 9.83 -2.66 -13.50
N SER A 61 11.08 -2.68 -13.94
CA SER A 61 11.72 -1.47 -14.46
C SER A 61 10.84 -0.79 -15.50
N LEU A 62 10.11 -1.60 -16.27
CA LEU A 62 9.23 -1.08 -17.31
C LEU A 62 7.93 -0.54 -16.70
N ALA A 63 7.42 -1.24 -15.69
CA ALA A 63 6.20 -0.82 -15.03
C ALA A 63 6.43 0.39 -14.14
N THR A 64 5.81 1.51 -14.49
CA THR A 64 5.96 2.74 -13.72
C THR A 64 4.80 3.69 -13.98
N LEU A 65 3.85 3.73 -13.06
CA LEU A 65 2.68 4.60 -13.19
C LEU A 65 2.26 5.17 -11.84
N ASP A 66 3.26 5.48 -11.00
CA ASP A 66 2.99 6.03 -9.68
C ASP A 66 2.20 5.04 -8.83
N HIS A 67 2.84 4.54 -7.77
CA HIS A 67 2.21 3.58 -6.88
C HIS A 67 2.42 3.97 -5.42
N THR A 68 1.41 3.72 -4.60
CA THR A 68 1.48 4.05 -3.18
C THR A 68 1.88 2.83 -2.35
N GLU A 69 3.15 2.76 -1.97
CA GLU A 69 3.65 1.64 -1.18
C GLU A 69 3.20 1.77 0.27
N ILE A 70 2.64 0.68 0.80
CA ILE A 70 2.16 0.66 2.17
C ILE A 70 3.26 0.23 3.13
N LYS A 71 3.71 1.15 3.97
CA LYS A 71 4.76 0.87 4.94
C LYS A 71 4.17 0.44 6.28
N ALA A 72 4.96 -0.25 7.08
CA ALA A 72 4.52 -0.72 8.39
C ALA A 72 4.51 0.42 9.41
N PRO A 73 3.52 0.40 10.31
CA PRO A 73 3.38 1.42 11.35
C PRO A 73 4.48 1.33 12.40
N PHE A 74 4.85 0.11 12.76
CA PHE A 74 5.90 -0.12 13.77
C PHE A 74 6.55 -1.49 13.58
N ASP A 75 7.79 -1.61 14.01
CA ASP A 75 8.53 -2.86 13.90
C ASP A 75 7.82 -3.97 14.65
N GLY A 76 8.41 -5.17 14.64
CA GLY A 76 7.82 -6.31 15.32
C GLY A 76 7.49 -7.44 14.37
N THR A 77 6.55 -8.29 14.78
CA THR A 77 6.15 -9.43 13.96
C THR A 77 4.92 -9.09 13.12
N ILE A 78 4.89 -9.59 11.88
CA ILE A 78 3.78 -9.34 10.99
C ILE A 78 2.96 -10.61 10.77
N GLY A 79 1.64 -10.44 10.65
CA GLY A 79 0.76 -11.58 10.43
C GLY A 79 0.67 -11.98 8.97
N ASP A 80 -0.43 -12.64 8.61
CA ASP A 80 -0.63 -13.08 7.24
C ASP A 80 -1.45 -12.05 6.46
N ALA A 81 -1.30 -12.06 5.14
CA ALA A 81 -2.02 -11.14 4.28
C ALA A 81 -3.47 -11.59 4.08
N LEU A 82 -4.30 -10.69 3.56
CA LEU A 82 -5.71 -10.99 3.32
C LEU A 82 -6.05 -10.82 1.85
N VAL A 83 -5.51 -9.78 1.22
CA VAL A 83 -5.76 -9.52 -0.19
C VAL A 83 -4.57 -9.95 -1.05
N ASN A 84 -4.85 -10.23 -2.32
CA ASN A 84 -3.80 -10.66 -3.24
C ASN A 84 -3.53 -9.57 -4.29
N ILE A 85 -2.61 -9.86 -5.20
CA ILE A 85 -2.25 -8.91 -6.25
C ILE A 85 -3.35 -8.83 -7.30
N GLY A 86 -3.42 -7.69 -8.00
CA GLY A 86 -4.42 -7.50 -9.03
C GLY A 86 -5.83 -7.52 -8.46
N ASP A 87 -5.94 -7.39 -7.15
CA ASP A 87 -7.24 -7.39 -6.49
C ASP A 87 -7.64 -5.98 -6.05
N TYR A 88 -8.79 -5.52 -6.51
CA TYR A 88 -9.26 -4.18 -6.16
C TYR A 88 -9.51 -4.08 -4.65
N VAL A 89 -9.16 -2.92 -4.09
CA VAL A 89 -9.33 -2.68 -2.66
C VAL A 89 -9.75 -1.25 -2.39
N SER A 90 -10.46 -1.03 -1.28
CA SER A 90 -10.91 0.30 -0.91
C SER A 90 -9.84 1.05 -0.14
N ALA A 91 -10.20 2.20 0.41
CA ALA A 91 -9.26 3.02 1.17
C ALA A 91 -8.71 2.25 2.37
N SER A 92 -8.33 2.97 3.41
CA SER A 92 -7.79 2.35 4.62
C SER A 92 -8.69 1.22 5.11
N THR A 93 -9.96 1.28 4.71
CA THR A 93 -10.93 0.27 5.11
C THR A 93 -10.48 -1.13 4.68
N THR A 94 -9.68 -1.19 3.62
CA THR A 94 -9.17 -2.46 3.12
C THR A 94 -8.07 -3.00 4.01
N GLU A 95 -8.38 -4.04 4.78
CA GLU A 95 -7.41 -4.65 5.68
C GLU A 95 -6.67 -5.79 4.98
N LEU A 96 -5.35 -5.67 4.92
CA LEU A 96 -4.52 -6.69 4.28
C LEU A 96 -3.84 -7.58 5.33
N VAL A 97 -2.93 -6.99 6.08
CA VAL A 97 -2.21 -7.72 7.11
C VAL A 97 -2.14 -6.91 8.42
N ARG A 98 -1.98 -7.62 9.53
CA ARG A 98 -1.90 -6.97 10.84
C ARG A 98 -0.54 -7.23 11.49
N VAL A 99 -0.09 -6.27 12.30
CA VAL A 99 1.19 -6.39 12.99
C VAL A 99 0.99 -6.66 14.48
N THR A 100 1.70 -7.66 15.00
CA THR A 100 1.60 -8.02 16.41
C THR A 100 2.98 -8.26 17.02
N ASN A 101 3.07 -8.16 18.33
CA ASN A 101 4.33 -8.36 19.03
C ASN A 101 5.34 -7.28 18.66
N LEU A 102 5.72 -6.45 19.63
CA LEU A 102 6.68 -5.39 19.40
C LEU A 102 7.63 -5.25 20.58
N ASN A 103 7.07 -5.01 21.77
CA ASN A 103 7.88 -4.87 22.98
C ASN A 103 7.77 -6.10 23.85
N PRO A 104 8.80 -6.33 24.67
CA PRO A 104 8.87 -7.48 25.58
C PRO A 104 7.86 -7.38 26.71
N ILE A 105 6.68 -7.97 26.52
CA ILE A 105 5.63 -7.93 27.53
C ILE A 105 5.77 -9.11 28.49
N TYR A 106 5.31 -8.91 29.72
CA TYR A 106 5.39 -9.95 30.75
C TYR A 106 4.29 -9.75 31.80
N ALA A 107 3.04 -9.91 31.38
CA ALA A 107 1.91 -9.76 32.28
C ALA A 107 0.67 -10.46 31.74
N ASP A 108 0.08 -9.89 30.69
CA ASP A 108 -1.11 -10.46 30.08
C ASP A 108 -2.20 -10.71 31.12
N GLY A 109 -3.05 -9.70 31.33
CA GLY A 109 -4.12 -9.83 32.30
C GLY A 109 -5.31 -8.96 31.96
N SER A 110 -5.99 -9.31 30.87
CA SER A 110 -7.16 -8.56 30.43
C SER A 110 -8.42 -9.02 31.17
N HIS A 111 -8.70 -10.31 31.08
CA HIS A 111 -9.87 -10.88 31.75
C HIS A 111 -11.16 -10.40 31.08
N HIS A 112 -11.53 -9.16 31.35
CA HIS A 112 -12.74 -8.58 30.78
C HIS A 112 -13.91 -9.56 30.86
N HIS A 113 -14.97 -9.28 30.12
CA HIS A 113 -16.15 -10.14 30.10
C HIS A 113 -15.87 -11.44 29.37
N HIS A 114 -15.35 -12.43 30.10
CA HIS A 114 -15.04 -13.72 29.50
C HIS A 114 -16.29 -14.57 29.34
N HIS A 115 -17.27 -14.35 30.23
CA HIS A 115 -18.52 -15.10 30.19
C HIS A 115 -19.63 -14.31 30.86
N HIS A 116 -20.88 -14.76 30.66
CA HIS A 116 -22.03 -14.09 31.25
C HIS A 116 -22.62 -14.92 32.39
N ASP A 1 0.29 -3.59 17.54
CA ASP A 1 -1.02 -3.13 17.97
C ASP A 1 -1.60 -2.13 16.97
N VAL A 2 -1.33 -2.37 15.69
CA VAL A 2 -1.82 -1.50 14.63
C VAL A 2 -2.02 -2.27 13.33
N ILE A 3 -3.08 -1.91 12.59
CA ILE A 3 -3.38 -2.57 11.33
C ILE A 3 -2.79 -1.80 10.16
N ILE A 4 -2.42 -2.52 9.10
CA ILE A 4 -1.84 -1.91 7.91
C ILE A 4 -2.84 -1.89 6.77
N LYS A 5 -3.14 -0.69 6.26
CA LYS A 5 -4.09 -0.53 5.16
C LYS A 5 -3.50 0.34 4.06
N PRO A 6 -4.10 0.27 2.86
CA PRO A 6 -3.64 1.05 1.70
C PRO A 6 -3.94 2.54 1.86
N GLN A 7 -4.80 2.87 2.82
CA GLN A 7 -5.15 4.26 3.07
C GLN A 7 -6.07 4.79 1.98
N VAL A 8 -5.75 4.47 0.73
CA VAL A 8 -6.56 4.91 -0.40
C VAL A 8 -7.22 3.73 -1.11
N SER A 9 -7.95 4.02 -2.18
CA SER A 9 -8.63 2.98 -2.94
C SER A 9 -7.90 2.72 -4.25
N GLY A 10 -7.35 1.52 -4.38
CA GLY A 10 -6.63 1.16 -5.59
C GLY A 10 -6.55 -0.34 -5.80
N VAL A 11 -5.42 -0.80 -6.33
CA VAL A 11 -5.22 -2.23 -6.57
C VAL A 11 -3.83 -2.66 -6.15
N ILE A 12 -3.74 -3.87 -5.59
CA ILE A 12 -2.46 -4.41 -5.13
C ILE A 12 -1.46 -4.50 -6.28
N VAL A 13 -0.20 -4.20 -5.98
CA VAL A 13 0.85 -4.24 -6.99
C VAL A 13 1.91 -5.29 -6.64
N ASN A 14 2.26 -5.35 -5.35
CA ASN A 14 3.25 -6.31 -4.88
C ASN A 14 3.23 -6.41 -3.36
N LYS A 15 4.03 -7.33 -2.82
CA LYS A 15 4.10 -7.53 -1.38
C LYS A 15 5.53 -7.85 -0.95
N LEU A 16 6.11 -6.97 -0.14
CA LEU A 16 7.48 -7.16 0.34
C LEU A 16 7.47 -7.58 1.81
N PHE A 17 6.72 -8.63 2.12
CA PHE A 17 6.64 -9.13 3.49
C PHE A 17 6.20 -10.60 3.50
N LYS A 18 6.42 -11.25 4.63
CA LYS A 18 6.05 -12.66 4.77
C LYS A 18 4.97 -12.84 5.83
N ALA A 19 4.37 -14.02 5.87
CA ALA A 19 3.32 -14.31 6.85
C ALA A 19 3.90 -14.81 8.16
N GLY A 20 3.87 -13.96 9.18
CA GLY A 20 4.40 -14.33 10.48
C GLY A 20 5.77 -13.74 10.73
N ASP A 21 6.35 -13.12 9.70
CA ASP A 21 7.67 -12.51 9.82
C ASP A 21 7.61 -11.23 10.64
N LYS A 22 8.71 -10.48 10.64
CA LYS A 22 8.78 -9.23 11.38
C LYS A 22 8.80 -8.03 10.44
N VAL A 23 8.55 -6.84 10.98
CA VAL A 23 8.55 -5.62 10.19
C VAL A 23 9.51 -4.59 10.77
N LYS A 24 9.61 -3.44 10.09
CA LYS A 24 10.50 -2.37 10.54
C LYS A 24 9.77 -1.03 10.54
N LYS A 25 10.49 0.02 10.89
CA LYS A 25 9.93 1.37 10.92
C LYS A 25 9.99 2.02 9.55
N GLY A 26 8.93 1.86 8.76
CA GLY A 26 8.88 2.45 7.44
C GLY A 26 9.20 1.44 6.35
N GLN A 27 9.57 0.24 6.76
CA GLN A 27 9.90 -0.82 5.81
C GLN A 27 8.78 -1.00 4.78
N THR A 28 9.11 -1.63 3.66
CA THR A 28 8.13 -1.87 2.61
C THR A 28 7.43 -3.21 2.79
N LEU A 29 6.11 -3.20 2.70
CA LEU A 29 5.32 -4.43 2.86
C LEU A 29 4.31 -4.57 1.72
N PHE A 30 3.49 -3.55 1.53
CA PHE A 30 2.48 -3.56 0.48
C PHE A 30 2.70 -2.42 -0.50
N ILE A 31 2.11 -2.54 -1.69
CA ILE A 31 2.24 -1.52 -2.72
C ILE A 31 1.01 -1.47 -3.61
N ILE A 32 0.21 -0.42 -3.47
CA ILE A 32 -1.00 -0.26 -4.26
C ILE A 32 -0.96 1.03 -5.07
N GLU A 33 -1.50 0.98 -6.28
CA GLU A 33 -1.52 2.16 -7.15
C GLU A 33 -2.93 2.73 -7.24
N GLN A 34 -3.01 4.02 -7.52
CA GLN A 34 -4.31 4.70 -7.64
C GLN A 34 -4.59 5.10 -9.08
N ASP A 35 -5.81 5.52 -9.35
CA ASP A 35 -6.21 5.94 -10.69
C ASP A 35 -7.68 6.33 -10.72
N GLN A 36 -8.17 6.87 -9.61
CA GLN A 36 -9.56 7.29 -9.52
C GLN A 36 -9.77 8.65 -10.19
N ALA A 37 -8.67 9.31 -10.55
CA ALA A 37 -8.72 10.61 -11.19
C ALA A 37 -9.71 10.60 -12.34
N SER A 38 -9.67 9.54 -13.15
CA SER A 38 -10.56 9.41 -14.29
C SER A 38 -10.30 8.11 -15.04
N LYS A 39 -10.90 7.98 -16.23
CA LYS A 39 -10.73 6.78 -17.04
C LYS A 39 -9.67 7.01 -18.12
N ASP A 40 -9.89 8.01 -18.96
CA ASP A 40 -8.96 8.34 -20.03
C ASP A 40 -7.97 9.42 -19.59
N PHE A 41 -7.54 9.33 -18.34
CA PHE A 41 -6.59 10.30 -17.79
C PHE A 41 -5.57 9.62 -16.89
N ASN A 42 -4.50 9.11 -17.48
CA ASN A 42 -3.45 8.42 -16.73
C ASN A 42 -2.36 7.91 -17.66
N ARG A 43 -1.28 7.38 -17.09
CA ARG A 43 -0.18 6.86 -17.86
C ARG A 43 0.24 5.48 -17.35
N SER A 44 -0.57 4.47 -17.67
CA SER A 44 -0.29 3.11 -17.24
C SER A 44 0.14 2.24 -18.42
N LYS A 45 1.27 2.61 -19.03
CA LYS A 45 1.80 1.88 -20.18
C LYS A 45 1.82 0.37 -19.88
N ALA A 46 2.49 0.00 -18.81
CA ALA A 46 2.59 -1.40 -18.43
C ALA A 46 3.31 -1.56 -17.09
N LEU A 47 3.45 -2.80 -16.64
CA LEU A 47 4.12 -3.08 -15.37
C LEU A 47 5.05 -4.29 -15.50
N PHE A 48 6.33 -4.01 -15.71
CA PHE A 48 7.33 -5.07 -15.85
C PHE A 48 6.78 -6.22 -16.68
N SER A 49 6.03 -5.89 -17.73
CA SER A 49 5.44 -6.89 -18.61
C SER A 49 6.36 -7.20 -19.78
N GLN A 50 6.42 -6.27 -20.73
CA GLN A 50 7.27 -6.44 -21.91
C GLN A 50 8.27 -5.29 -22.04
N SER A 51 9.55 -5.60 -21.90
CA SER A 51 10.60 -4.60 -21.99
C SER A 51 10.36 -3.47 -20.99
N ALA A 52 9.65 -3.78 -19.91
CA ALA A 52 9.35 -2.79 -18.88
C ALA A 52 10.23 -3.00 -17.65
N ILE A 53 10.70 -4.23 -17.47
CA ILE A 53 11.55 -4.57 -16.33
C ILE A 53 11.03 -3.91 -15.05
N SER A 54 11.88 -3.88 -14.03
CA SER A 54 11.50 -3.29 -12.75
C SER A 54 12.17 -1.94 -12.56
N GLN A 55 12.08 -1.40 -11.34
CA GLN A 55 12.68 -0.10 -11.03
C GLN A 55 14.18 -0.22 -10.88
N LYS A 56 14.69 -1.45 -10.92
CA LYS A 56 16.11 -1.70 -10.79
C LYS A 56 16.90 -0.84 -11.77
N GLU A 57 16.30 -0.54 -12.91
CA GLU A 57 16.95 0.29 -13.92
C GLU A 57 16.04 1.41 -14.39
N TYR A 58 14.99 1.67 -13.61
CA TYR A 58 14.03 2.72 -13.94
C TYR A 58 13.74 3.60 -12.73
N ASP A 59 13.78 4.91 -12.94
CA ASP A 59 13.53 5.87 -11.87
C ASP A 59 12.09 6.37 -11.93
N SER A 60 11.64 6.99 -10.84
CA SER A 60 10.28 7.51 -10.75
C SER A 60 10.18 8.87 -11.43
N SER A 61 11.27 9.64 -11.38
CA SER A 61 11.30 10.96 -11.98
C SER A 61 10.86 10.90 -13.44
N LEU A 62 11.13 9.77 -14.09
CA LEU A 62 10.76 9.59 -15.49
C LEU A 62 9.48 8.77 -15.62
N ALA A 63 9.19 7.96 -14.59
CA ALA A 63 8.00 7.14 -14.59
C ALA A 63 6.76 7.95 -14.19
N THR A 64 5.60 7.32 -14.29
CA THR A 64 4.35 8.00 -13.94
C THR A 64 3.53 7.17 -12.95
N LEU A 65 2.28 7.55 -12.76
CA LEU A 65 1.40 6.84 -11.84
C LEU A 65 1.93 6.89 -10.41
N ASP A 66 1.31 7.71 -9.58
CA ASP A 66 1.72 7.85 -8.19
C ASP A 66 1.28 6.64 -7.36
N HIS A 67 2.18 5.68 -7.19
CA HIS A 67 1.88 4.49 -6.42
C HIS A 67 2.08 4.73 -4.93
N THR A 68 1.16 4.22 -4.12
CA THR A 68 1.23 4.38 -2.67
C THR A 68 1.90 3.18 -2.02
N GLU A 69 3.21 3.30 -1.78
CA GLU A 69 3.97 2.21 -1.15
C GLU A 69 3.62 2.09 0.32
N ILE A 70 2.90 1.03 0.67
CA ILE A 70 2.50 0.79 2.05
C ILE A 70 3.68 0.29 2.88
N LYS A 71 3.86 0.90 4.05
CA LYS A 71 4.95 0.51 4.94
C LYS A 71 4.43 0.21 6.34
N ALA A 72 5.25 -0.45 7.15
CA ALA A 72 4.87 -0.79 8.51
C ALA A 72 4.93 0.43 9.43
N PRO A 73 3.99 0.49 10.40
CA PRO A 73 3.92 1.58 11.35
C PRO A 73 5.08 1.58 12.34
N PHE A 74 5.67 0.40 12.54
CA PHE A 74 6.79 0.25 13.46
C PHE A 74 7.28 -1.19 13.50
N ASP A 75 8.57 -1.36 13.79
CA ASP A 75 9.16 -2.69 13.85
C ASP A 75 8.35 -3.60 14.77
N GLY A 76 8.04 -4.79 14.27
CA GLY A 76 7.27 -5.75 15.06
C GLY A 76 6.98 -7.02 14.30
N THR A 77 5.73 -7.48 14.38
CA THR A 77 5.32 -8.71 13.70
C THR A 77 4.29 -8.41 12.61
N ILE A 78 4.19 -9.32 11.65
CA ILE A 78 3.24 -9.15 10.55
C ILE A 78 2.36 -10.39 10.40
N GLY A 79 1.10 -10.17 10.03
CA GLY A 79 0.18 -11.28 9.85
C GLY A 79 0.30 -11.92 8.48
N ASP A 80 -0.75 -12.62 8.06
CA ASP A 80 -0.75 -13.28 6.76
C ASP A 80 -1.58 -12.50 5.75
N ALA A 81 -1.11 -12.47 4.51
CA ALA A 81 -1.81 -11.75 3.44
C ALA A 81 -3.26 -12.20 3.35
N LEU A 82 -4.18 -11.23 3.46
CA LEU A 82 -5.60 -11.51 3.39
C LEU A 82 -6.08 -11.57 1.95
N VAL A 83 -5.67 -10.58 1.16
CA VAL A 83 -6.05 -10.52 -0.25
C VAL A 83 -4.89 -10.92 -1.15
N ASN A 84 -5.12 -10.91 -2.45
CA ASN A 84 -4.09 -11.26 -3.43
C ASN A 84 -3.64 -10.03 -4.21
N ILE A 85 -2.82 -10.25 -5.23
CA ILE A 85 -2.32 -9.16 -6.05
C ILE A 85 -3.21 -8.92 -7.26
N GLY A 86 -3.33 -7.66 -7.67
CA GLY A 86 -4.17 -7.32 -8.81
C GLY A 86 -5.64 -7.22 -8.44
N ASP A 87 -5.92 -7.13 -7.14
CA ASP A 87 -7.30 -7.03 -6.67
C ASP A 87 -7.56 -5.65 -6.07
N TYR A 88 -8.74 -5.11 -6.35
CA TYR A 88 -9.12 -3.80 -5.85
C TYR A 88 -9.33 -3.84 -4.34
N VAL A 89 -8.93 -2.75 -3.67
CA VAL A 89 -9.08 -2.66 -2.22
C VAL A 89 -9.50 -1.26 -1.80
N SER A 90 -10.24 -1.19 -0.70
CA SER A 90 -10.72 0.10 -0.19
C SER A 90 -9.61 0.85 0.55
N ALA A 91 -9.96 1.98 1.14
CA ALA A 91 -8.99 2.79 1.88
C ALA A 91 -8.49 2.03 3.10
N SER A 92 -9.17 2.22 4.23
CA SER A 92 -8.78 1.56 5.48
C SER A 92 -9.66 0.35 5.76
N THR A 93 -10.74 0.22 4.98
CA THR A 93 -11.67 -0.89 5.15
C THR A 93 -11.03 -2.20 4.74
N THR A 94 -10.00 -2.12 3.90
CA THR A 94 -9.30 -3.32 3.43
C THR A 94 -8.02 -3.55 4.23
N GLU A 95 -8.09 -4.44 5.21
CA GLU A 95 -6.93 -4.76 6.05
C GLU A 95 -6.22 -6.00 5.54
N LEU A 96 -5.64 -5.89 4.34
CA LEU A 96 -4.92 -7.01 3.75
C LEU A 96 -4.01 -7.69 4.77
N VAL A 97 -3.54 -6.92 5.75
CA VAL A 97 -2.69 -7.46 6.80
C VAL A 97 -2.57 -6.48 7.96
N ARG A 98 -2.45 -7.02 9.17
CA ARG A 98 -2.33 -6.21 10.37
C ARG A 98 -1.02 -6.49 11.09
N VAL A 99 -0.55 -5.51 11.86
CA VAL A 99 0.69 -5.66 12.61
C VAL A 99 0.41 -5.97 14.08
N THR A 100 1.10 -6.98 14.61
CA THR A 100 0.93 -7.38 15.99
C THR A 100 2.27 -7.38 16.73
N ASN A 101 2.21 -7.35 18.06
CA ASN A 101 3.42 -7.34 18.88
C ASN A 101 4.23 -6.08 18.65
N LEU A 102 5.01 -5.69 19.65
CA LEU A 102 5.85 -4.50 19.57
C LEU A 102 6.78 -4.39 20.76
N ASN A 103 6.22 -4.58 21.96
CA ASN A 103 7.00 -4.51 23.18
C ASN A 103 7.46 -5.90 23.62
N PRO A 104 8.55 -5.94 24.40
CA PRO A 104 9.12 -7.19 24.89
C PRO A 104 8.23 -7.86 25.95
N ILE A 105 7.44 -8.83 25.51
CA ILE A 105 6.55 -9.55 26.41
C ILE A 105 7.32 -10.55 27.27
N TYR A 106 6.76 -10.85 28.44
CA TYR A 106 7.39 -11.80 29.36
C TYR A 106 6.44 -12.92 29.73
N ALA A 107 5.16 -12.57 29.91
CA ALA A 107 4.15 -13.55 30.27
C ALA A 107 4.17 -14.74 29.32
N ASP A 108 4.20 -14.45 28.01
CA ASP A 108 4.23 -15.50 27.00
C ASP A 108 4.26 -14.90 25.60
N GLY A 109 5.17 -15.40 24.76
CA GLY A 109 5.30 -14.91 23.42
C GLY A 109 6.37 -15.62 22.63
N SER A 110 6.12 -15.86 21.35
CA SER A 110 7.06 -16.55 20.48
C SER A 110 8.26 -15.65 20.17
N HIS A 111 7.99 -14.38 19.88
CA HIS A 111 9.04 -13.42 19.56
C HIS A 111 10.05 -14.02 18.60
N HIS A 112 11.19 -13.36 18.45
CA HIS A 112 12.24 -13.83 17.56
C HIS A 112 13.62 -13.51 18.13
N HIS A 113 14.38 -14.55 18.46
CA HIS A 113 15.71 -14.39 19.01
C HIS A 113 16.59 -13.57 18.06
N HIS A 114 17.41 -12.68 18.63
CA HIS A 114 18.30 -11.85 17.84
C HIS A 114 19.75 -12.01 18.30
N HIS A 115 20.66 -11.93 17.34
CA HIS A 115 22.09 -12.07 17.64
C HIS A 115 22.89 -10.96 16.98
N HIS A 116 22.44 -9.72 17.14
CA HIS A 116 23.11 -8.57 16.54
C HIS A 116 23.16 -8.68 15.03
N ASP A 1 -3.54 -3.64 19.51
CA ASP A 1 -3.39 -4.30 18.20
C ASP A 1 -3.38 -3.25 17.08
N VAL A 2 -2.59 -3.50 16.05
CA VAL A 2 -2.49 -2.59 14.92
C VAL A 2 -2.71 -3.33 13.60
N ILE A 3 -3.21 -2.60 12.60
CA ILE A 3 -3.47 -3.19 11.29
C ILE A 3 -2.76 -2.40 10.19
N ILE A 4 -2.37 -3.10 9.13
CA ILE A 4 -1.69 -2.48 8.02
C ILE A 4 -2.62 -2.32 6.81
N LYS A 5 -3.11 -1.10 6.61
CA LYS A 5 -4.00 -0.82 5.49
C LYS A 5 -3.56 0.43 4.73
N PRO A 6 -4.01 0.56 3.48
CA PRO A 6 -3.67 1.69 2.63
C PRO A 6 -4.34 2.99 3.09
N GLN A 7 -4.32 4.01 2.24
CA GLN A 7 -4.92 5.28 2.56
C GLN A 7 -5.84 5.75 1.44
N VAL A 8 -6.03 4.90 0.44
CA VAL A 8 -6.89 5.23 -0.70
C VAL A 8 -7.52 3.97 -1.29
N SER A 9 -8.42 4.17 -2.25
CA SER A 9 -9.09 3.05 -2.91
C SER A 9 -8.52 2.80 -4.30
N GLY A 10 -7.66 1.79 -4.40
CA GLY A 10 -7.05 1.46 -5.68
C GLY A 10 -6.96 -0.04 -5.90
N VAL A 11 -5.77 -0.50 -6.30
CA VAL A 11 -5.55 -1.92 -6.55
C VAL A 11 -4.13 -2.33 -6.17
N ILE A 12 -3.98 -3.53 -5.65
CA ILE A 12 -2.68 -4.05 -5.25
C ILE A 12 -1.75 -4.18 -6.44
N VAL A 13 -0.45 -4.00 -6.20
CA VAL A 13 0.54 -4.11 -7.26
C VAL A 13 1.65 -5.07 -6.87
N ASN A 14 2.06 -5.04 -5.60
CA ASN A 14 3.11 -5.92 -5.11
C ASN A 14 2.94 -6.17 -3.62
N LYS A 15 3.68 -7.17 -3.11
CA LYS A 15 3.62 -7.52 -1.69
C LYS A 15 4.97 -8.01 -1.19
N LEU A 16 5.76 -7.11 -0.63
CA LEU A 16 7.07 -7.46 -0.10
C LEU A 16 7.01 -7.72 1.40
N PHE A 17 6.29 -8.76 1.80
CA PHE A 17 6.15 -9.11 3.20
C PHE A 17 6.12 -10.62 3.38
N LYS A 18 6.23 -11.06 4.63
CA LYS A 18 6.23 -12.48 4.94
C LYS A 18 5.25 -12.79 6.07
N ALA A 19 4.84 -14.04 6.18
CA ALA A 19 3.91 -14.47 7.22
C ALA A 19 4.65 -14.85 8.49
N GLY A 20 4.44 -14.08 9.55
CA GLY A 20 5.09 -14.37 10.82
C GLY A 20 6.53 -13.90 10.84
N ASP A 21 6.85 -12.93 9.99
CA ASP A 21 8.21 -12.40 9.91
C ASP A 21 8.35 -11.15 10.77
N LYS A 22 9.51 -10.50 10.68
CA LYS A 22 9.77 -9.29 11.45
C LYS A 22 9.60 -8.05 10.57
N VAL A 23 9.18 -6.95 11.19
CA VAL A 23 8.99 -5.70 10.47
C VAL A 23 9.68 -4.54 11.19
N LYS A 24 9.85 -3.43 10.47
CA LYS A 24 10.50 -2.25 11.04
C LYS A 24 9.57 -1.04 10.98
N LYS A 25 10.10 0.11 11.35
CA LYS A 25 9.33 1.35 11.34
C LYS A 25 9.54 2.12 10.04
N GLY A 26 8.80 1.74 9.01
CA GLY A 26 8.93 2.40 7.72
C GLY A 26 9.40 1.46 6.63
N GLN A 27 9.31 0.17 6.89
CA GLN A 27 9.74 -0.83 5.92
C GLN A 27 8.60 -1.20 4.97
N THR A 28 8.92 -1.36 3.69
CA THR A 28 7.93 -1.70 2.69
C THR A 28 7.38 -3.11 2.91
N LEU A 29 6.08 -3.28 2.70
CA LEU A 29 5.45 -4.58 2.88
C LEU A 29 4.45 -4.86 1.75
N PHE A 30 3.77 -3.81 1.29
CA PHE A 30 2.80 -3.95 0.21
C PHE A 30 2.83 -2.73 -0.70
N ILE A 31 2.08 -2.80 -1.80
CA ILE A 31 2.02 -1.70 -2.76
C ILE A 31 0.64 -1.61 -3.40
N ILE A 32 0.21 -0.38 -3.68
CA ILE A 32 -1.09 -0.15 -4.30
C ILE A 32 -1.04 1.01 -5.29
N GLU A 33 -1.77 0.86 -6.39
CA GLU A 33 -1.80 1.90 -7.41
C GLU A 33 -2.99 2.84 -7.21
N GLN A 34 -2.76 4.13 -7.36
CA GLN A 34 -3.81 5.12 -7.19
C GLN A 34 -4.44 5.49 -8.54
N ASP A 35 -5.30 6.51 -8.52
CA ASP A 35 -5.96 6.96 -9.74
C ASP A 35 -7.03 5.96 -10.17
N GLN A 36 -7.09 4.82 -9.49
CA GLN A 36 -8.05 3.78 -9.82
C GLN A 36 -8.34 3.75 -11.31
N ALA A 37 -7.46 3.11 -12.07
CA ALA A 37 -7.62 3.02 -13.52
C ALA A 37 -8.18 1.65 -13.91
N SER A 38 -8.48 0.83 -12.92
CA SER A 38 -9.02 -0.50 -13.16
C SER A 38 -8.00 -1.38 -13.86
N LYS A 39 -7.30 -2.21 -13.10
CA LYS A 39 -6.29 -3.10 -13.64
C LYS A 39 -6.89 -4.02 -14.71
N ASP A 40 -8.20 -4.22 -14.63
CA ASP A 40 -8.90 -5.07 -15.58
C ASP A 40 -8.95 -4.42 -16.96
N PHE A 41 -8.55 -3.15 -17.02
CA PHE A 41 -8.56 -2.41 -18.28
C PHE A 41 -7.12 -2.15 -18.76
N ASN A 42 -6.53 -1.08 -18.24
CA ASN A 42 -5.16 -0.72 -18.61
C ASN A 42 -4.70 0.52 -17.85
N ARG A 43 -3.51 0.44 -17.26
CA ARG A 43 -2.96 1.55 -16.51
C ARG A 43 -1.47 1.71 -16.77
N SER A 44 -1.14 2.33 -17.90
CA SER A 44 0.27 2.53 -18.28
C SER A 44 0.47 3.95 -18.81
N LYS A 45 1.67 4.20 -19.32
CA LYS A 45 2.02 5.51 -19.87
C LYS A 45 1.12 5.84 -21.07
N ALA A 46 1.28 5.09 -22.15
CA ALA A 46 0.50 5.30 -23.36
C ALA A 46 -0.82 4.54 -23.28
N LEU A 47 -1.91 5.24 -23.60
CA LEU A 47 -3.24 4.64 -23.57
C LEU A 47 -4.10 5.16 -24.72
N PHE A 48 -5.18 4.45 -25.01
CA PHE A 48 -6.08 4.85 -26.08
C PHE A 48 -7.44 4.18 -25.92
N SER A 49 -8.44 4.69 -26.63
CA SER A 49 -9.80 4.15 -26.56
C SER A 49 -10.73 4.89 -27.52
N GLN A 50 -10.66 6.21 -27.49
CA GLN A 50 -11.50 7.04 -28.36
C GLN A 50 -11.21 8.53 -28.14
N SER A 51 -9.96 8.92 -28.40
CA SER A 51 -9.56 10.31 -28.22
C SER A 51 -9.68 10.73 -26.76
N ALA A 52 -8.88 10.11 -25.90
CA ALA A 52 -8.89 10.42 -24.49
C ALA A 52 -7.73 11.33 -24.11
N ILE A 53 -6.61 11.17 -24.80
CA ILE A 53 -5.42 11.97 -24.55
C ILE A 53 -5.08 12.85 -25.75
N SER A 54 -5.26 14.16 -25.59
CA SER A 54 -4.98 15.10 -26.66
C SER A 54 -3.47 15.21 -26.90
N GLN A 55 -2.93 14.28 -27.67
CA GLN A 55 -1.51 14.27 -27.98
C GLN A 55 -1.06 15.62 -28.54
N LYS A 56 -2.01 16.37 -29.09
CA LYS A 56 -1.73 17.69 -29.65
C LYS A 56 -0.85 18.50 -28.71
N GLU A 57 -1.12 18.39 -27.41
CA GLU A 57 -0.36 19.13 -26.41
C GLU A 57 -0.36 18.38 -25.08
N TYR A 58 -0.63 17.08 -25.14
CA TYR A 58 -0.67 16.26 -23.93
C TYR A 58 0.61 16.42 -23.13
N ASP A 59 0.54 16.11 -21.84
CA ASP A 59 1.68 16.22 -20.95
C ASP A 59 2.12 14.86 -20.44
N SER A 60 3.05 14.85 -19.49
CA SER A 60 3.56 13.60 -18.93
C SER A 60 2.77 13.22 -17.67
N SER A 61 2.15 14.21 -17.05
CA SER A 61 1.38 13.98 -15.83
C SER A 61 0.38 12.85 -16.04
N LEU A 62 -0.13 12.73 -17.26
CA LEU A 62 -1.10 11.69 -17.58
C LEU A 62 -0.40 10.34 -17.79
N ALA A 63 0.81 10.39 -18.32
CA ALA A 63 1.58 9.17 -18.56
C ALA A 63 2.02 8.53 -17.25
N THR A 64 2.94 7.57 -17.35
CA THR A 64 3.44 6.87 -16.17
C THR A 64 2.31 6.27 -15.36
N LEU A 65 2.65 5.62 -14.26
CA LEU A 65 1.66 5.00 -13.38
C LEU A 65 1.99 5.25 -11.91
N ASP A 66 1.62 6.41 -11.41
CA ASP A 66 1.87 6.78 -10.02
C ASP A 66 1.39 5.67 -9.09
N HIS A 67 2.34 5.05 -8.39
CA HIS A 67 2.02 3.97 -7.46
C HIS A 67 2.39 4.36 -6.03
N THR A 68 1.62 3.87 -5.07
CA THR A 68 1.87 4.17 -3.67
C THR A 68 2.22 2.90 -2.89
N GLU A 69 3.39 2.90 -2.25
CA GLU A 69 3.84 1.75 -1.47
C GLU A 69 3.18 1.74 -0.09
N ILE A 70 3.33 0.63 0.62
CA ILE A 70 2.76 0.48 1.94
C ILE A 70 3.82 0.11 2.97
N LYS A 71 4.30 1.10 3.70
CA LYS A 71 5.32 0.88 4.72
C LYS A 71 4.68 0.62 6.09
N ALA A 72 5.35 -0.18 6.91
CA ALA A 72 4.85 -0.49 8.24
C ALA A 72 4.95 0.71 9.17
N PRO A 73 3.99 0.82 10.09
CA PRO A 73 3.95 1.93 11.06
C PRO A 73 5.07 1.84 12.10
N PHE A 74 5.31 0.62 12.59
CA PHE A 74 6.35 0.40 13.58
C PHE A 74 6.79 -1.06 13.60
N ASP A 75 8.04 -1.30 13.95
CA ASP A 75 8.57 -2.67 14.01
C ASP A 75 7.66 -3.57 14.83
N GLY A 76 7.91 -4.87 14.75
CA GLY A 76 7.10 -5.83 15.49
C GLY A 76 6.90 -7.13 14.74
N THR A 77 5.73 -7.74 14.92
CA THR A 77 5.43 -9.00 14.25
C THR A 77 4.33 -8.82 13.20
N ILE A 78 4.58 -9.33 12.01
CA ILE A 78 3.61 -9.22 10.92
C ILE A 78 2.87 -10.54 10.72
N GLY A 79 1.57 -10.43 10.42
CA GLY A 79 0.77 -11.62 10.20
C GLY A 79 0.79 -12.07 8.75
N ASP A 80 -0.33 -12.63 8.30
CA ASP A 80 -0.43 -13.11 6.92
C ASP A 80 -1.30 -12.17 6.09
N ALA A 81 -1.42 -12.48 4.79
CA ALA A 81 -2.22 -11.66 3.90
C ALA A 81 -3.61 -12.24 3.71
N LEU A 82 -4.58 -11.39 3.40
CA LEU A 82 -5.95 -11.82 3.20
C LEU A 82 -6.34 -11.74 1.73
N VAL A 83 -5.83 -10.73 1.04
CA VAL A 83 -6.13 -10.54 -0.38
C VAL A 83 -4.92 -10.90 -1.24
N ASN A 84 -5.05 -10.69 -2.54
CA ASN A 84 -3.96 -10.99 -3.48
C ASN A 84 -3.57 -9.74 -4.28
N ILE A 85 -2.68 -9.93 -5.24
CA ILE A 85 -2.22 -8.83 -6.07
C ILE A 85 -3.11 -8.66 -7.31
N GLY A 86 -3.27 -7.42 -7.75
CA GLY A 86 -4.10 -7.15 -8.92
C GLY A 86 -5.57 -7.09 -8.58
N ASP A 87 -5.89 -6.98 -7.29
CA ASP A 87 -7.26 -6.92 -6.84
C ASP A 87 -7.60 -5.55 -6.26
N TYR A 88 -8.70 -4.97 -6.70
CA TYR A 88 -9.12 -3.66 -6.23
C TYR A 88 -9.42 -3.69 -4.73
N VAL A 89 -8.96 -2.66 -4.03
CA VAL A 89 -9.18 -2.56 -2.59
C VAL A 89 -9.63 -1.16 -2.20
N SER A 90 -10.42 -1.07 -1.13
CA SER A 90 -10.92 0.21 -0.64
C SER A 90 -9.85 0.94 0.16
N ALA A 91 -10.25 2.03 0.81
CA ALA A 91 -9.33 2.82 1.62
C ALA A 91 -8.71 1.98 2.73
N SER A 92 -8.32 2.65 3.81
CA SER A 92 -7.71 1.95 4.94
C SER A 92 -8.61 0.83 5.44
N THR A 93 -9.88 0.88 5.05
CA THR A 93 -10.85 -0.13 5.47
C THR A 93 -10.35 -1.53 5.13
N THR A 94 -9.60 -1.64 4.04
CA THR A 94 -9.07 -2.93 3.61
C THR A 94 -7.91 -3.37 4.50
N GLU A 95 -8.18 -4.34 5.38
CA GLU A 95 -7.15 -4.85 6.29
C GLU A 95 -6.57 -6.16 5.76
N LEU A 96 -5.91 -6.08 4.61
CA LEU A 96 -5.30 -7.26 4.00
C LEU A 96 -4.32 -7.92 4.97
N VAL A 97 -3.88 -7.18 5.97
CA VAL A 97 -2.96 -7.70 6.97
C VAL A 97 -2.89 -6.79 8.19
N ARG A 98 -2.44 -7.34 9.31
CA ARG A 98 -2.33 -6.58 10.54
C ARG A 98 -1.03 -6.92 11.28
N VAL A 99 -0.57 -6.00 12.12
CA VAL A 99 0.66 -6.20 12.88
C VAL A 99 0.35 -6.39 14.37
N THR A 100 1.11 -7.28 15.01
CA THR A 100 0.93 -7.54 16.43
C THR A 100 2.16 -7.16 17.23
N ASN A 101 2.04 -7.20 18.55
CA ASN A 101 3.15 -6.86 19.43
C ASN A 101 3.44 -5.36 19.39
N LEU A 102 4.47 -4.93 20.11
CA LEU A 102 4.85 -3.53 20.14
C LEU A 102 3.76 -2.69 20.82
N ASN A 103 4.17 -1.59 21.44
CA ASN A 103 3.22 -0.71 22.12
C ASN A 103 2.10 -0.29 21.19
N PRO A 104 0.93 0.03 21.77
CA PRO A 104 -0.25 0.45 21.01
C PRO A 104 -0.07 1.83 20.38
N ILE A 105 0.36 1.86 19.13
CA ILE A 105 0.56 3.12 18.42
C ILE A 105 -0.41 3.26 17.27
N TYR A 106 -0.82 4.49 16.98
CA TYR A 106 -1.75 4.76 15.90
C TYR A 106 -1.84 6.26 15.62
N ALA A 107 -1.84 6.62 14.34
CA ALA A 107 -1.94 8.02 13.95
C ALA A 107 -2.08 8.16 12.44
N ASP A 108 -3.16 8.79 12.00
CA ASP A 108 -3.41 8.99 10.58
C ASP A 108 -3.73 10.45 10.28
N GLY A 109 -3.76 10.79 9.00
CA GLY A 109 -4.05 12.16 8.60
C GLY A 109 -5.45 12.32 8.06
N SER A 110 -5.84 11.43 7.16
CA SER A 110 -7.17 11.47 6.54
C SER A 110 -8.26 11.38 7.61
N HIS A 111 -8.09 10.43 8.53
CA HIS A 111 -9.06 10.22 9.60
C HIS A 111 -10.43 9.86 9.04
N HIS A 112 -10.62 8.58 8.75
CA HIS A 112 -11.88 8.10 8.20
C HIS A 112 -12.14 6.66 8.60
N HIS A 113 -11.80 6.32 9.84
CA HIS A 113 -11.99 4.97 10.35
C HIS A 113 -13.31 4.87 11.11
N HIS A 114 -13.99 3.73 10.94
CA HIS A 114 -15.27 3.50 11.62
C HIS A 114 -15.41 2.03 12.03
N HIS A 115 -14.28 1.40 12.35
CA HIS A 115 -14.28 0.01 12.76
C HIS A 115 -14.83 -0.15 14.17
N HIS A 116 -14.40 0.74 15.07
CA HIS A 116 -14.85 0.71 16.46
C HIS A 116 -14.47 -0.62 17.11
N ASP A 1 -1.56 -4.62 18.46
CA ASP A 1 -2.93 -4.88 18.01
C ASP A 1 -3.37 -3.81 17.00
N VAL A 2 -2.81 -3.88 15.80
CA VAL A 2 -3.15 -2.92 14.75
C VAL A 2 -3.13 -3.59 13.37
N ILE A 3 -4.05 -3.17 12.50
CA ILE A 3 -4.13 -3.72 11.17
C ILE A 3 -3.48 -2.79 10.15
N ILE A 4 -2.58 -3.35 9.33
CA ILE A 4 -1.90 -2.56 8.32
C ILE A 4 -2.74 -2.43 7.05
N LYS A 5 -3.23 -1.22 6.81
CA LYS A 5 -4.06 -0.95 5.64
C LYS A 5 -3.57 0.28 4.89
N PRO A 6 -3.88 0.35 3.59
CA PRO A 6 -3.47 1.48 2.74
C PRO A 6 -4.24 2.76 3.09
N GLN A 7 -3.81 3.87 2.50
CA GLN A 7 -4.45 5.15 2.74
C GLN A 7 -5.07 5.71 1.46
N VAL A 8 -5.24 4.84 0.47
CA VAL A 8 -5.82 5.25 -0.81
C VAL A 8 -6.52 4.08 -1.49
N SER A 9 -7.57 4.38 -2.24
CA SER A 9 -8.34 3.35 -2.94
C SER A 9 -7.77 3.11 -4.34
N GLY A 10 -7.50 1.85 -4.65
CA GLY A 10 -6.96 1.50 -5.95
C GLY A 10 -6.83 0.01 -6.15
N VAL A 11 -5.62 -0.45 -6.45
CA VAL A 11 -5.37 -1.86 -6.67
C VAL A 11 -3.94 -2.24 -6.26
N ILE A 12 -3.80 -3.39 -5.62
CA ILE A 12 -2.49 -3.87 -5.18
C ILE A 12 -1.54 -4.02 -6.36
N VAL A 13 -0.44 -3.28 -6.33
CA VAL A 13 0.55 -3.33 -7.40
C VAL A 13 1.51 -4.51 -7.20
N ASN A 14 1.90 -4.74 -5.96
CA ASN A 14 2.81 -5.83 -5.62
C ASN A 14 2.61 -6.29 -4.19
N LYS A 15 3.10 -7.49 -3.88
CA LYS A 15 2.98 -8.04 -2.53
C LYS A 15 4.34 -8.47 -2.01
N LEU A 16 4.88 -7.70 -1.06
CA LEU A 16 6.18 -8.01 -0.48
C LEU A 16 6.06 -8.21 1.03
N PHE A 17 5.28 -9.21 1.43
CA PHE A 17 5.08 -9.51 2.83
C PHE A 17 5.50 -10.95 3.15
N LYS A 18 5.91 -11.17 4.39
CA LYS A 18 6.34 -12.50 4.83
C LYS A 18 5.66 -12.89 6.15
N ALA A 19 4.96 -14.02 6.13
CA ALA A 19 4.28 -14.50 7.32
C ALA A 19 5.28 -14.92 8.40
N GLY A 20 5.10 -14.39 9.60
CA GLY A 20 5.99 -14.72 10.69
C GLY A 20 7.26 -13.90 10.69
N ASP A 21 7.24 -12.78 9.97
CA ASP A 21 8.39 -11.91 9.87
C ASP A 21 8.12 -10.58 10.56
N LYS A 22 9.19 -9.94 11.04
CA LYS A 22 9.07 -8.66 11.73
C LYS A 22 9.16 -7.50 10.75
N VAL A 23 8.34 -6.47 10.96
CA VAL A 23 8.33 -5.30 10.10
C VAL A 23 9.12 -4.16 10.72
N LYS A 24 9.57 -3.24 9.88
CA LYS A 24 10.33 -2.08 10.33
C LYS A 24 9.54 -0.79 10.15
N LYS A 25 9.79 0.18 11.02
CA LYS A 25 9.10 1.46 10.95
C LYS A 25 9.39 2.16 9.63
N GLY A 26 8.55 1.90 8.64
CA GLY A 26 8.73 2.52 7.33
C GLY A 26 9.24 1.55 6.30
N GLN A 27 9.13 0.25 6.60
CA GLN A 27 9.60 -0.79 5.69
C GLN A 27 8.52 -1.14 4.66
N THR A 28 8.91 -1.24 3.40
CA THR A 28 7.98 -1.57 2.32
C THR A 28 7.55 -3.02 2.40
N LEU A 29 6.25 -3.26 2.36
CA LEU A 29 5.70 -4.61 2.42
C LEU A 29 4.57 -4.80 1.41
N PHE A 30 3.87 -3.70 1.11
CA PHE A 30 2.77 -3.74 0.17
C PHE A 30 2.83 -2.56 -0.79
N ILE A 31 2.04 -2.63 -1.86
CA ILE A 31 2.01 -1.56 -2.85
C ILE A 31 0.63 -1.44 -3.50
N ILE A 32 0.19 -0.21 -3.72
CA ILE A 32 -1.11 0.02 -4.34
C ILE A 32 -1.06 1.23 -5.29
N GLU A 33 -1.73 1.09 -6.43
CA GLU A 33 -1.75 2.16 -7.43
C GLU A 33 -3.08 2.90 -7.39
N GLN A 34 -3.01 4.23 -7.36
CA GLN A 34 -4.20 5.07 -7.31
C GLN A 34 -4.86 5.15 -8.69
N ASP A 35 -6.15 5.46 -8.71
CA ASP A 35 -6.89 5.58 -9.95
C ASP A 35 -8.32 6.06 -9.70
N GLN A 36 -8.49 6.82 -8.62
CA GLN A 36 -9.81 7.33 -8.26
C GLN A 36 -9.69 8.58 -7.40
N ALA A 37 -8.63 9.36 -7.65
CA ALA A 37 -8.39 10.59 -6.89
C ALA A 37 -8.99 11.80 -7.61
N SER A 38 -10.07 11.56 -8.35
CA SER A 38 -10.73 12.63 -9.09
C SER A 38 -9.88 13.06 -10.29
N LYS A 39 -10.55 13.38 -11.39
CA LYS A 39 -9.86 13.81 -12.60
C LYS A 39 -9.18 15.16 -12.39
N ASP A 40 -9.86 16.06 -11.70
CA ASP A 40 -9.32 17.39 -11.42
C ASP A 40 -7.92 17.28 -10.83
N PHE A 41 -7.65 16.17 -10.16
CA PHE A 41 -6.35 15.95 -9.54
C PHE A 41 -5.33 15.47 -10.57
N ASN A 42 -5.58 14.31 -11.14
CA ASN A 42 -4.69 13.74 -12.15
C ASN A 42 -3.34 13.39 -11.53
N ARG A 43 -2.71 12.33 -12.04
CA ARG A 43 -1.41 11.89 -11.54
C ARG A 43 -0.57 11.31 -12.67
N SER A 44 -1.11 10.32 -13.37
CA SER A 44 -0.40 9.68 -14.47
C SER A 44 1.01 9.30 -14.05
N LYS A 45 1.90 9.20 -15.04
CA LYS A 45 3.29 8.84 -14.78
C LYS A 45 3.83 9.61 -13.57
N ALA A 46 3.95 10.92 -13.71
CA ALA A 46 4.45 11.76 -12.64
C ALA A 46 4.51 13.22 -13.05
N LEU A 47 4.90 14.09 -12.13
CA LEU A 47 5.00 15.52 -12.40
C LEU A 47 6.37 16.05 -12.01
N PHE A 48 6.49 17.37 -11.96
CA PHE A 48 7.75 18.02 -11.59
C PHE A 48 7.57 18.88 -10.34
N SER A 49 6.58 19.75 -10.37
CA SER A 49 6.30 20.63 -9.24
C SER A 49 7.59 21.27 -8.72
N GLN A 50 8.20 22.12 -9.53
CA GLN A 50 9.44 22.79 -9.16
C GLN A 50 10.39 21.82 -8.46
N SER A 51 10.52 20.62 -9.02
CA SER A 51 11.38 19.61 -8.46
C SER A 51 10.88 19.14 -7.10
N ALA A 52 10.00 18.14 -7.12
CA ALA A 52 9.43 17.60 -5.89
C ALA A 52 10.06 16.26 -5.54
N ILE A 53 10.32 15.45 -6.55
CA ILE A 53 10.92 14.13 -6.34
C ILE A 53 12.23 14.00 -7.12
N SER A 54 13.34 14.17 -6.42
CA SER A 54 14.66 14.06 -7.04
C SER A 54 14.78 12.78 -7.86
N GLN A 55 14.67 12.91 -9.17
CA GLN A 55 14.76 11.76 -10.06
C GLN A 55 16.11 11.05 -9.90
N LYS A 56 17.08 11.75 -9.31
CA LYS A 56 18.40 11.19 -9.09
C LYS A 56 18.47 10.46 -7.76
N GLU A 57 17.38 9.77 -7.41
CA GLU A 57 17.32 9.04 -6.15
C GLU A 57 15.92 8.47 -5.92
N TYR A 58 14.92 9.13 -6.50
CA TYR A 58 13.54 8.70 -6.37
C TYR A 58 13.38 7.23 -6.71
N ASP A 59 12.25 6.65 -6.35
CA ASP A 59 11.97 5.24 -6.63
C ASP A 59 11.51 5.05 -8.07
N SER A 60 11.63 3.83 -8.58
CA SER A 60 11.23 3.52 -9.94
C SER A 60 9.81 2.97 -9.98
N SER A 61 9.38 2.37 -8.87
CA SER A 61 8.03 1.81 -8.77
C SER A 61 6.98 2.90 -8.90
N LEU A 62 7.39 4.14 -8.75
CA LEU A 62 6.48 5.28 -8.85
C LEU A 62 6.66 6.01 -10.18
N ALA A 63 7.83 5.83 -10.78
CA ALA A 63 8.11 6.47 -12.07
C ALA A 63 7.30 5.83 -13.19
N THR A 64 6.73 6.68 -14.05
CA THR A 64 5.92 6.21 -15.16
C THR A 64 4.59 5.66 -14.68
N LEU A 65 4.35 5.78 -13.38
CA LEU A 65 3.10 5.28 -12.79
C LEU A 65 3.05 5.60 -11.30
N ASP A 66 2.54 6.77 -10.96
CA ASP A 66 2.44 7.19 -9.56
C ASP A 66 1.84 6.08 -8.71
N HIS A 67 2.70 5.40 -7.95
CA HIS A 67 2.25 4.31 -7.09
C HIS A 67 2.53 4.64 -5.63
N THR A 68 1.80 3.97 -4.73
CA THR A 68 1.96 4.19 -3.29
C THR A 68 2.54 2.96 -2.62
N GLU A 69 3.70 3.14 -1.97
CA GLU A 69 4.36 2.04 -1.28
C GLU A 69 3.84 1.90 0.15
N ILE A 70 3.07 0.85 0.40
CA ILE A 70 2.51 0.60 1.72
C ILE A 70 3.60 0.18 2.71
N LYS A 71 4.15 1.16 3.41
CA LYS A 71 5.20 0.90 4.40
C LYS A 71 4.60 0.69 5.79
N ALA A 72 5.12 -0.29 6.51
CA ALA A 72 4.64 -0.59 7.85
C ALA A 72 4.58 0.67 8.71
N PRO A 73 3.53 0.80 9.52
CA PRO A 73 3.35 1.95 10.41
C PRO A 73 4.35 1.97 11.55
N PHE A 74 4.64 0.81 12.12
CA PHE A 74 5.59 0.69 13.21
C PHE A 74 6.13 -0.73 13.33
N ASP A 75 7.35 -0.86 13.84
CA ASP A 75 7.97 -2.16 14.01
C ASP A 75 7.05 -3.12 14.76
N GLY A 76 7.10 -4.40 14.39
CA GLY A 76 6.26 -5.39 15.04
C GLY A 76 6.23 -6.70 14.29
N THR A 77 5.40 -7.64 14.74
CA THR A 77 5.28 -8.93 14.11
C THR A 77 4.05 -9.01 13.21
N ILE A 78 4.18 -9.69 12.09
CA ILE A 78 3.08 -9.83 11.14
C ILE A 78 2.53 -11.26 11.15
N GLY A 79 1.22 -11.37 10.98
CA GLY A 79 0.59 -12.69 10.97
C GLY A 79 0.14 -13.10 9.58
N ASP A 80 1.07 -13.12 8.64
CA ASP A 80 0.77 -13.50 7.26
C ASP A 80 -0.26 -12.54 6.64
N ALA A 81 -0.36 -12.55 5.32
CA ALA A 81 -1.29 -11.69 4.61
C ALA A 81 -2.72 -12.19 4.76
N LEU A 82 -3.60 -11.68 3.91
CA LEU A 82 -5.01 -12.07 3.94
C LEU A 82 -5.61 -12.05 2.54
N VAL A 83 -5.30 -10.99 1.79
CA VAL A 83 -5.81 -10.86 0.43
C VAL A 83 -4.74 -11.22 -0.60
N ASN A 84 -5.07 -11.04 -1.88
CA ASN A 84 -4.14 -11.36 -2.95
C ASN A 84 -3.78 -10.10 -3.74
N ILE A 85 -2.85 -10.25 -4.68
CA ILE A 85 -2.42 -9.12 -5.51
C ILE A 85 -3.45 -8.81 -6.58
N GLY A 86 -3.42 -7.57 -7.08
CA GLY A 86 -4.36 -7.16 -8.11
C GLY A 86 -5.77 -7.00 -7.58
N ASP A 87 -5.91 -7.00 -6.26
CA ASP A 87 -7.23 -6.87 -5.63
C ASP A 87 -7.52 -5.40 -5.32
N TYR A 88 -8.72 -4.96 -5.68
CA TYR A 88 -9.13 -3.58 -5.45
C TYR A 88 -9.19 -3.27 -3.95
N VAL A 89 -8.49 -2.23 -3.54
CA VAL A 89 -8.46 -1.83 -2.13
C VAL A 89 -9.24 -0.53 -1.91
N SER A 90 -9.65 -0.30 -0.68
CA SER A 90 -10.40 0.90 -0.33
C SER A 90 -9.85 1.55 0.93
N ALA A 91 -8.89 2.46 0.76
CA ALA A 91 -8.28 3.15 1.89
C ALA A 91 -7.91 2.18 3.00
N SER A 92 -7.84 2.67 4.23
CA SER A 92 -7.49 1.85 5.38
C SER A 92 -8.59 0.82 5.66
N THR A 93 -9.72 0.95 4.97
CA THR A 93 -10.84 0.05 5.15
C THR A 93 -10.49 -1.36 4.69
N THR A 94 -9.62 -1.45 3.70
CA THR A 94 -9.20 -2.74 3.16
C THR A 94 -8.06 -3.34 3.99
N GLU A 95 -8.39 -4.38 4.76
CA GLU A 95 -7.40 -5.03 5.60
C GLU A 95 -6.79 -6.24 4.89
N LEU A 96 -5.55 -6.10 4.45
CA LEU A 96 -4.87 -7.18 3.74
C LEU A 96 -3.87 -7.89 4.68
N VAL A 97 -3.51 -7.22 5.76
CA VAL A 97 -2.57 -7.78 6.72
C VAL A 97 -2.65 -7.04 8.06
N ARG A 98 -2.41 -7.77 9.14
CA ARG A 98 -2.44 -7.17 10.47
C ARG A 98 -1.14 -7.43 11.22
N VAL A 99 -0.76 -6.50 12.08
CA VAL A 99 0.46 -6.62 12.86
C VAL A 99 0.16 -6.82 14.34
N THR A 100 0.82 -7.80 14.96
CA THR A 100 0.62 -8.09 16.37
C THR A 100 1.93 -7.94 17.15
N ASN A 101 1.81 -7.52 18.41
CA ASN A 101 2.98 -7.33 19.26
C ASN A 101 3.89 -6.24 18.70
N LEU A 102 3.73 -5.03 19.21
CA LEU A 102 4.54 -3.90 18.76
C LEU A 102 4.75 -2.90 19.90
N ASN A 103 5.47 -1.82 19.61
CA ASN A 103 5.74 -0.79 20.59
C ASN A 103 4.44 -0.31 21.24
N PRO A 104 4.55 0.19 22.48
CA PRO A 104 3.40 0.69 23.23
C PRO A 104 2.85 1.99 22.65
N ILE A 105 1.80 1.88 21.85
CA ILE A 105 1.19 3.06 21.24
C ILE A 105 0.04 3.58 22.09
N TYR A 106 -0.19 4.89 22.01
CA TYR A 106 -1.26 5.52 22.78
C TYR A 106 -1.70 6.83 22.13
N ALA A 107 -0.72 7.66 21.77
CA ALA A 107 -1.00 8.94 21.13
C ALA A 107 -1.94 9.78 21.99
N ASP A 108 -1.36 10.62 22.85
CA ASP A 108 -2.16 11.48 23.72
C ASP A 108 -2.59 12.74 22.99
N GLY A 109 -3.90 12.96 22.93
CA GLY A 109 -4.43 14.14 22.26
C GLY A 109 -5.69 13.84 21.47
N SER A 110 -6.28 14.88 20.88
CA SER A 110 -7.49 14.72 20.09
C SER A 110 -7.19 14.21 18.69
N HIS A 111 -6.44 15.00 17.94
CA HIS A 111 -6.07 14.62 16.57
C HIS A 111 -7.31 14.42 15.70
N HIS A 112 -7.72 15.48 15.01
CA HIS A 112 -8.89 15.41 14.14
C HIS A 112 -8.62 16.11 12.81
N HIS A 113 -9.30 15.66 11.77
CA HIS A 113 -9.14 16.24 10.44
C HIS A 113 -10.15 15.64 9.46
N HIS A 114 -10.49 16.41 8.43
CA HIS A 114 -11.44 15.96 7.43
C HIS A 114 -11.35 16.82 6.16
N HIS A 115 -10.12 17.19 5.80
CA HIS A 115 -9.89 18.00 4.61
C HIS A 115 -9.32 17.16 3.47
N HIS A 116 -9.10 17.80 2.33
CA HIS A 116 -8.55 17.12 1.16
C HIS A 116 -9.43 15.94 0.77
N ASP A 1 -2.82 -4.94 18.96
CA ASP A 1 -3.31 -5.48 17.70
C ASP A 1 -3.70 -4.36 16.73
N VAL A 2 -2.88 -4.17 15.71
CA VAL A 2 -3.14 -3.14 14.71
C VAL A 2 -3.18 -3.72 13.31
N ILE A 3 -3.82 -3.01 12.39
CA ILE A 3 -3.94 -3.45 11.01
C ILE A 3 -3.19 -2.51 10.06
N ILE A 4 -2.48 -3.08 9.10
CA ILE A 4 -1.73 -2.29 8.13
C ILE A 4 -2.59 -1.98 6.89
N LYS A 5 -2.76 -0.70 6.61
CA LYS A 5 -3.55 -0.27 5.46
C LYS A 5 -2.81 0.80 4.67
N PRO A 6 -3.12 0.90 3.36
CA PRO A 6 -2.50 1.88 2.48
C PRO A 6 -2.95 3.30 2.78
N GLN A 7 -2.69 4.22 1.86
CA GLN A 7 -3.06 5.61 2.04
C GLN A 7 -4.10 6.04 1.00
N VAL A 8 -4.31 5.18 0.00
CA VAL A 8 -5.27 5.47 -1.05
C VAL A 8 -6.06 4.22 -1.44
N SER A 9 -7.09 4.40 -2.25
CA SER A 9 -7.94 3.28 -2.68
C SER A 9 -7.71 2.98 -4.16
N GLY A 10 -7.52 1.71 -4.48
CA GLY A 10 -7.30 1.32 -5.85
C GLY A 10 -7.20 -0.20 -6.02
N VAL A 11 -6.01 -0.66 -6.43
CA VAL A 11 -5.78 -2.09 -6.61
C VAL A 11 -4.37 -2.47 -6.20
N ILE A 12 -4.22 -3.67 -5.64
CA ILE A 12 -2.92 -4.15 -5.21
C ILE A 12 -1.95 -4.25 -6.37
N VAL A 13 -0.67 -4.00 -6.09
CA VAL A 13 0.36 -4.05 -7.11
C VAL A 13 1.39 -5.14 -6.79
N ASN A 14 1.70 -5.31 -5.52
CA ASN A 14 2.66 -6.30 -5.08
C ASN A 14 2.70 -6.41 -3.57
N LYS A 15 3.47 -7.37 -3.06
CA LYS A 15 3.59 -7.58 -1.62
C LYS A 15 5.02 -7.94 -1.24
N LEU A 16 5.67 -7.06 -0.49
CA LEU A 16 7.04 -7.29 -0.05
C LEU A 16 7.10 -7.60 1.44
N PHE A 17 6.31 -8.59 1.86
CA PHE A 17 6.27 -8.99 3.26
C PHE A 17 6.30 -10.51 3.39
N LYS A 18 6.48 -10.99 4.62
CA LYS A 18 6.52 -12.43 4.88
C LYS A 18 5.55 -12.81 6.00
N ALA A 19 5.16 -14.07 6.02
CA ALA A 19 4.24 -14.57 7.04
C ALA A 19 4.99 -15.06 8.28
N GLY A 20 4.86 -14.30 9.37
CA GLY A 20 5.54 -14.67 10.60
C GLY A 20 6.92 -14.06 10.71
N ASP A 21 7.15 -12.98 9.97
CA ASP A 21 8.44 -12.30 9.99
C ASP A 21 8.37 -11.01 10.79
N LYS A 22 9.48 -10.29 10.85
CA LYS A 22 9.55 -9.03 11.58
C LYS A 22 9.43 -7.84 10.64
N VAL A 23 8.92 -6.73 11.16
CA VAL A 23 8.76 -5.52 10.35
C VAL A 23 9.46 -4.33 11.01
N LYS A 24 9.69 -3.28 10.22
CA LYS A 24 10.36 -2.08 10.72
C LYS A 24 9.38 -0.92 10.80
N LYS A 25 9.90 0.26 11.12
CA LYS A 25 9.08 1.46 11.23
C LYS A 25 8.91 2.14 9.87
N GLY A 26 8.03 1.58 9.05
CA GLY A 26 7.80 2.13 7.73
C GLY A 26 8.37 1.27 6.62
N GLN A 27 8.69 0.03 6.96
CA GLN A 27 9.25 -0.90 5.97
C GLN A 27 8.19 -1.31 4.95
N THR A 28 8.64 -1.61 3.73
CA THR A 28 7.74 -2.01 2.66
C THR A 28 7.14 -3.38 2.94
N LEU A 29 5.84 -3.50 2.75
CA LEU A 29 5.13 -4.76 2.98
C LEU A 29 4.13 -5.04 1.86
N PHE A 30 3.46 -3.99 1.40
CA PHE A 30 2.48 -4.12 0.33
C PHE A 30 2.53 -2.93 -0.61
N ILE A 31 1.74 -2.99 -1.68
CA ILE A 31 1.70 -1.91 -2.66
C ILE A 31 0.34 -1.83 -3.33
N ILE A 32 -0.16 -0.61 -3.52
CA ILE A 32 -1.46 -0.40 -4.15
C ILE A 32 -1.43 0.82 -5.06
N GLU A 33 -2.08 0.70 -6.21
CA GLU A 33 -2.14 1.80 -7.17
C GLU A 33 -3.55 2.40 -7.24
N GLN A 34 -3.71 3.54 -6.59
CA GLN A 34 -5.01 4.22 -6.57
C GLN A 34 -5.63 4.25 -7.97
N ASP A 35 -6.95 4.31 -8.02
CA ASP A 35 -7.66 4.35 -9.30
C ASP A 35 -7.60 5.74 -9.91
N GLN A 36 -7.97 6.74 -9.12
CA GLN A 36 -7.97 8.13 -9.59
C GLN A 36 -8.68 8.26 -10.92
N ALA A 37 -8.42 9.35 -11.64
CA ALA A 37 -9.03 9.59 -12.93
C ALA A 37 -8.43 8.69 -14.00
N SER A 38 -8.20 7.43 -13.65
CA SER A 38 -7.61 6.48 -14.58
C SER A 38 -6.28 6.98 -15.13
N LYS A 39 -5.20 6.60 -14.46
CA LYS A 39 -3.86 7.02 -14.89
C LYS A 39 -3.60 6.63 -16.33
N ASP A 40 -4.33 5.63 -16.82
CA ASP A 40 -4.18 5.16 -18.18
C ASP A 40 -4.43 6.29 -19.18
N PHE A 41 -5.04 7.38 -18.69
CA PHE A 41 -5.35 8.53 -19.53
C PHE A 41 -4.10 9.38 -19.76
N ASN A 42 -2.95 8.84 -19.41
CA ASN A 42 -1.69 9.56 -19.56
C ASN A 42 -1.64 10.29 -20.90
N ARG A 43 -2.11 9.62 -21.95
CA ARG A 43 -2.12 10.20 -23.28
C ARG A 43 -0.72 10.20 -23.89
N SER A 44 0.22 10.83 -23.20
CA SER A 44 1.60 10.90 -23.67
C SER A 44 2.09 9.52 -24.11
N LYS A 45 1.71 8.49 -23.38
CA LYS A 45 2.10 7.12 -23.69
C LYS A 45 1.47 6.66 -25.00
N ALA A 46 0.25 7.12 -25.26
CA ALA A 46 -0.47 6.75 -26.47
C ALA A 46 -0.98 7.99 -27.20
N LEU A 47 -0.08 8.64 -27.95
CA LEU A 47 -0.44 9.84 -28.70
C LEU A 47 -1.76 9.63 -29.45
N PHE A 48 -2.74 10.48 -29.17
CA PHE A 48 -4.04 10.39 -29.82
C PHE A 48 -3.89 10.31 -31.33
N SER A 49 -4.63 9.39 -31.95
CA SER A 49 -4.57 9.21 -33.39
C SER A 49 -5.78 9.85 -34.08
N GLN A 50 -6.77 10.23 -33.27
CA GLN A 50 -7.97 10.86 -33.80
C GLN A 50 -8.96 11.15 -32.68
N SER A 51 -9.02 10.26 -31.69
CA SER A 51 -9.92 10.42 -30.56
C SER A 51 -9.63 9.40 -29.47
N ALA A 52 -8.36 8.99 -29.38
CA ALA A 52 -7.94 8.02 -28.38
C ALA A 52 -7.98 8.61 -26.98
N ILE A 53 -7.43 9.81 -26.83
CA ILE A 53 -7.40 10.49 -25.54
C ILE A 53 -7.39 12.00 -25.73
N SER A 54 -8.05 12.70 -24.81
CA SER A 54 -8.14 14.16 -24.86
C SER A 54 -8.27 14.75 -23.46
N GLN A 55 -7.60 15.87 -23.24
CA GLN A 55 -7.67 16.54 -21.93
C GLN A 55 -9.10 16.78 -21.51
N LYS A 56 -10.01 16.81 -22.48
CA LYS A 56 -11.42 17.04 -22.20
C LYS A 56 -11.95 15.99 -21.24
N GLU A 57 -11.24 14.88 -21.12
CA GLU A 57 -11.65 13.79 -20.22
C GLU A 57 -10.58 13.54 -19.17
N TYR A 58 -9.34 13.88 -19.49
CA TYR A 58 -8.23 13.68 -18.57
C TYR A 58 -7.61 15.02 -18.17
N ASP A 59 -7.25 15.13 -16.89
CA ASP A 59 -6.65 16.36 -16.37
C ASP A 59 -5.28 16.08 -15.78
N SER A 60 -4.80 16.99 -14.93
CA SER A 60 -3.50 16.84 -14.30
C SER A 60 -3.64 16.17 -12.93
N SER A 61 -4.86 16.11 -12.42
CA SER A 61 -5.12 15.50 -11.12
C SER A 61 -4.50 14.11 -11.04
N LEU A 62 -4.56 13.38 -12.14
CA LEU A 62 -4.01 12.03 -12.19
C LEU A 62 -2.49 12.06 -12.00
N ALA A 63 -1.80 12.73 -12.92
CA ALA A 63 -0.35 12.84 -12.85
C ALA A 63 0.30 11.48 -12.64
N THR A 64 1.01 11.01 -13.67
CA THR A 64 1.67 9.72 -13.60
C THR A 64 0.71 8.62 -13.14
N LEU A 65 1.26 7.47 -12.78
CA LEU A 65 0.46 6.35 -12.32
C LEU A 65 0.13 6.48 -10.83
N ASP A 66 0.83 7.39 -10.16
CA ASP A 66 0.62 7.62 -8.73
C ASP A 66 0.43 6.30 -7.99
N HIS A 67 1.54 5.73 -7.53
CA HIS A 67 1.49 4.47 -6.80
C HIS A 67 1.78 4.69 -5.32
N THR A 68 0.98 4.05 -4.47
CA THR A 68 1.14 4.17 -3.02
C THR A 68 1.61 2.86 -2.40
N GLU A 69 2.79 2.87 -1.81
CA GLU A 69 3.35 1.67 -1.19
C GLU A 69 2.93 1.58 0.28
N ILE A 70 2.48 0.40 0.68
CA ILE A 70 2.06 0.18 2.06
C ILE A 70 3.24 -0.12 2.97
N LYS A 71 3.47 0.77 3.94
CA LYS A 71 4.57 0.60 4.88
C LYS A 71 4.05 0.37 6.29
N ALA A 72 4.80 -0.41 7.06
CA ALA A 72 4.41 -0.72 8.44
C ALA A 72 4.42 0.54 9.30
N PRO A 73 3.46 0.62 10.24
CA PRO A 73 3.35 1.76 11.15
C PRO A 73 4.49 1.83 12.16
N PHE A 74 4.97 0.67 12.58
CA PHE A 74 6.06 0.60 13.55
C PHE A 74 6.62 -0.82 13.63
N ASP A 75 7.88 -0.94 14.00
CA ASP A 75 8.53 -2.23 14.12
C ASP A 75 7.70 -3.18 14.99
N GLY A 76 7.73 -4.47 14.65
CA GLY A 76 6.97 -5.44 15.40
C GLY A 76 6.85 -6.77 14.68
N THR A 77 5.69 -7.40 14.82
CA THR A 77 5.45 -8.70 14.18
C THR A 77 4.37 -8.58 13.11
N ILE A 78 4.57 -9.28 11.99
CA ILE A 78 3.61 -9.25 10.90
C ILE A 78 3.02 -10.64 10.64
N GLY A 79 1.71 -10.69 10.48
CA GLY A 79 1.04 -11.95 10.23
C GLY A 79 1.11 -12.38 8.77
N ASP A 80 0.02 -12.98 8.29
CA ASP A 80 -0.04 -13.43 6.91
C ASP A 80 -0.82 -12.43 6.04
N ALA A 81 -1.12 -12.85 4.81
CA ALA A 81 -1.87 -11.99 3.89
C ALA A 81 -3.36 -12.30 3.94
N LEU A 82 -4.17 -11.33 3.50
CA LEU A 82 -5.62 -11.50 3.49
C LEU A 82 -6.18 -11.38 2.08
N VAL A 83 -5.68 -10.39 1.34
CA VAL A 83 -6.12 -10.17 -0.04
C VAL A 83 -5.09 -10.68 -1.04
N ASN A 84 -5.36 -10.46 -2.32
CA ASN A 84 -4.44 -10.89 -3.37
C ASN A 84 -3.97 -9.71 -4.20
N ILE A 85 -3.12 -9.98 -5.19
CA ILE A 85 -2.59 -8.94 -6.06
C ILE A 85 -3.49 -8.73 -7.27
N GLY A 86 -3.54 -7.49 -7.76
CA GLY A 86 -4.36 -7.18 -8.90
C GLY A 86 -5.84 -7.12 -8.57
N ASP A 87 -6.15 -7.05 -7.28
CA ASP A 87 -7.53 -7.00 -6.82
C ASP A 87 -7.85 -5.63 -6.22
N TYR A 88 -8.97 -5.06 -6.63
CA TYR A 88 -9.40 -3.76 -6.13
C TYR A 88 -9.57 -3.78 -4.62
N VAL A 89 -9.13 -2.71 -3.95
CA VAL A 89 -9.24 -2.61 -2.50
C VAL A 89 -9.61 -1.20 -2.08
N SER A 90 -10.05 -1.06 -0.83
CA SER A 90 -10.44 0.24 -0.30
C SER A 90 -9.22 1.05 0.13
N ALA A 91 -9.45 2.16 0.81
CA ALA A 91 -8.38 3.02 1.27
C ALA A 91 -7.82 2.52 2.61
N SER A 92 -8.44 2.94 3.70
CA SER A 92 -8.00 2.54 5.03
C SER A 92 -8.84 1.37 5.55
N THR A 93 -9.81 0.95 4.75
CA THR A 93 -10.69 -0.15 5.13
C THR A 93 -10.17 -1.47 4.55
N THR A 94 -9.16 -1.39 3.70
CA THR A 94 -8.59 -2.57 3.08
C THR A 94 -7.54 -3.22 3.99
N GLU A 95 -7.94 -4.30 4.65
CA GLU A 95 -7.04 -5.01 5.56
C GLU A 95 -6.39 -6.19 4.85
N LEU A 96 -5.13 -6.03 4.46
CA LEU A 96 -4.39 -7.08 3.78
C LEU A 96 -3.41 -7.77 4.72
N VAL A 97 -3.06 -7.08 5.82
CA VAL A 97 -2.15 -7.63 6.81
C VAL A 97 -2.20 -6.83 8.11
N ARG A 98 -2.05 -7.53 9.23
CA ARG A 98 -2.09 -6.89 10.53
C ARG A 98 -0.76 -7.08 11.26
N VAL A 99 -0.46 -6.18 12.19
CA VAL A 99 0.78 -6.24 12.96
C VAL A 99 0.50 -6.57 14.43
N THR A 100 1.31 -7.47 14.99
CA THR A 100 1.14 -7.86 16.38
C THR A 100 2.42 -7.62 17.17
N ASN A 101 2.32 -7.73 18.50
CA ASN A 101 3.46 -7.52 19.37
C ASN A 101 4.05 -6.12 19.17
N LEU A 102 3.64 -5.20 20.04
CA LEU A 102 4.12 -3.82 19.96
C LEU A 102 4.11 -3.17 21.34
N ASN A 103 4.99 -2.18 21.53
CA ASN A 103 5.08 -1.47 22.80
C ASN A 103 3.86 -0.58 23.03
N PRO A 104 3.60 -0.25 24.29
CA PRO A 104 2.47 0.61 24.67
C PRO A 104 2.64 2.05 24.21
N ILE A 105 2.06 2.37 23.06
CA ILE A 105 2.15 3.72 22.51
C ILE A 105 0.90 4.53 22.82
N TYR A 106 1.07 5.83 22.98
CA TYR A 106 -0.04 6.73 23.28
C TYR A 106 0.35 8.19 23.07
N ALA A 107 1.25 8.42 22.13
CA ALA A 107 1.71 9.77 21.83
C ALA A 107 2.68 9.78 20.65
N ASP A 108 3.19 10.96 20.32
CA ASP A 108 4.13 11.09 19.20
C ASP A 108 3.47 10.70 17.89
N GLY A 109 4.09 11.10 16.78
CA GLY A 109 3.54 10.78 15.48
C GLY A 109 4.38 11.36 14.35
N SER A 110 4.08 12.60 13.97
CA SER A 110 4.80 13.26 12.89
C SER A 110 6.00 14.03 13.44
N HIS A 111 5.77 14.81 14.48
CA HIS A 111 6.82 15.60 15.09
C HIS A 111 7.37 16.64 14.12
N HIS A 112 8.37 17.39 14.56
CA HIS A 112 8.99 18.42 13.72
C HIS A 112 10.47 18.56 14.03
N HIS A 113 11.19 19.23 13.14
CA HIS A 113 12.62 19.44 13.33
C HIS A 113 12.99 20.92 13.17
N HIS A 114 14.28 21.20 13.15
CA HIS A 114 14.77 22.57 13.01
C HIS A 114 15.75 22.68 11.85
N HIS A 115 15.95 23.90 11.36
CA HIS A 115 16.88 24.15 10.25
C HIS A 115 17.03 25.64 10.00
N HIS A 116 17.99 25.99 9.13
CA HIS A 116 18.24 27.38 8.80
C HIS A 116 17.86 27.69 7.36
N ASP A 1 -0.09 -3.75 17.82
CA ASP A 1 -1.54 -3.66 17.81
C ASP A 1 -2.00 -2.69 16.71
N VAL A 2 -1.47 -2.85 15.51
CA VAL A 2 -1.81 -1.99 14.39
C VAL A 2 -2.07 -2.82 13.13
N ILE A 3 -3.02 -2.37 12.32
CA ILE A 3 -3.35 -3.06 11.08
C ILE A 3 -2.83 -2.30 9.87
N ILE A 4 -2.14 -3.02 8.99
CA ILE A 4 -1.59 -2.41 7.77
C ILE A 4 -2.66 -2.20 6.73
N LYS A 5 -2.87 -0.95 6.32
CA LYS A 5 -3.87 -0.62 5.32
C LYS A 5 -3.25 0.20 4.20
N PRO A 6 -3.94 0.22 3.03
CA PRO A 6 -3.48 0.97 1.86
C PRO A 6 -3.57 2.48 2.07
N GLN A 7 -4.40 2.90 3.00
CA GLN A 7 -4.58 4.31 3.29
C GLN A 7 -5.51 4.97 2.27
N VAL A 8 -5.45 4.47 1.04
CA VAL A 8 -6.29 5.00 -0.04
C VAL A 8 -6.93 3.89 -0.84
N SER A 9 -7.74 4.26 -1.82
CA SER A 9 -8.43 3.29 -2.66
C SER A 9 -7.66 3.06 -3.97
N GLY A 10 -7.34 1.81 -4.24
CA GLY A 10 -6.61 1.48 -5.45
C GLY A 10 -6.60 -0.01 -5.75
N VAL A 11 -5.47 -0.51 -6.24
CA VAL A 11 -5.34 -1.92 -6.57
C VAL A 11 -3.96 -2.44 -6.21
N ILE A 12 -3.90 -3.57 -5.53
CA ILE A 12 -2.64 -4.18 -5.13
C ILE A 12 -1.75 -4.45 -6.35
N VAL A 13 -0.48 -4.10 -6.23
CA VAL A 13 0.47 -4.31 -7.32
C VAL A 13 1.50 -5.38 -6.96
N ASN A 14 1.93 -5.38 -5.70
CA ASN A 14 2.91 -6.36 -5.23
C ASN A 14 2.92 -6.42 -3.71
N LYS A 15 3.70 -7.35 -3.16
CA LYS A 15 3.80 -7.52 -1.72
C LYS A 15 5.25 -7.79 -1.31
N LEU A 16 5.86 -6.83 -0.62
CA LEU A 16 7.23 -6.98 -0.16
C LEU A 16 7.28 -7.37 1.32
N PHE A 17 6.49 -8.37 1.69
CA PHE A 17 6.45 -8.84 3.06
C PHE A 17 6.38 -10.36 3.13
N LYS A 18 6.46 -10.91 4.33
CA LYS A 18 6.41 -12.36 4.53
C LYS A 18 5.38 -12.73 5.59
N ALA A 19 4.96 -13.99 5.59
CA ALA A 19 3.98 -14.46 6.56
C ALA A 19 4.66 -14.94 7.83
N GLY A 20 4.54 -14.14 8.90
CA GLY A 20 5.15 -14.50 10.16
C GLY A 20 6.55 -13.96 10.30
N ASP A 21 6.86 -12.91 9.54
CA ASP A 21 8.18 -12.29 9.58
C ASP A 21 8.18 -11.05 10.47
N LYS A 22 9.34 -10.42 10.59
CA LYS A 22 9.48 -9.22 11.41
C LYS A 22 9.21 -7.97 10.59
N VAL A 23 8.65 -6.95 11.23
CA VAL A 23 8.35 -5.68 10.56
C VAL A 23 9.09 -4.52 11.21
N LYS A 24 9.41 -3.52 10.41
CA LYS A 24 10.11 -2.34 10.90
C LYS A 24 9.18 -1.13 10.99
N LYS A 25 9.74 0.02 11.32
CA LYS A 25 8.96 1.24 11.44
C LYS A 25 8.97 2.02 10.12
N GLY A 26 8.09 1.65 9.21
CA GLY A 26 8.01 2.33 7.92
C GLY A 26 8.62 1.51 6.80
N GLN A 27 8.81 0.22 7.04
CA GLN A 27 9.38 -0.67 6.05
C GLN A 27 8.34 -1.10 5.03
N THR A 28 8.72 -1.10 3.76
CA THR A 28 7.81 -1.48 2.68
C THR A 28 7.33 -2.91 2.86
N LEU A 29 6.02 -3.11 2.75
CA LEU A 29 5.43 -4.44 2.89
C LEU A 29 4.49 -4.75 1.73
N PHE A 30 3.91 -3.70 1.15
CA PHE A 30 2.99 -3.87 0.03
C PHE A 30 3.09 -2.68 -0.92
N ILE A 31 2.38 -2.78 -2.05
CA ILE A 31 2.39 -1.72 -3.05
C ILE A 31 1.04 -1.62 -3.76
N ILE A 32 0.49 -0.41 -3.82
CA ILE A 32 -0.79 -0.19 -4.48
C ILE A 32 -0.78 1.11 -5.28
N GLU A 33 -1.46 1.11 -6.41
CA GLU A 33 -1.53 2.29 -7.27
C GLU A 33 -2.93 2.88 -7.27
N GLN A 34 -3.01 4.19 -7.46
CA GLN A 34 -4.30 4.89 -7.47
C GLN A 34 -4.23 6.14 -8.34
N ASP A 35 -5.35 6.86 -8.43
CA ASP A 35 -5.41 8.07 -9.22
C ASP A 35 -5.13 9.31 -8.36
N GLN A 36 -4.47 9.09 -7.23
CA GLN A 36 -4.14 10.17 -6.31
C GLN A 36 -2.74 9.99 -5.73
N ALA A 37 -1.76 10.66 -6.33
CA ALA A 37 -0.38 10.57 -5.88
C ALA A 37 0.00 11.81 -5.06
N SER A 38 -0.52 12.96 -5.46
CA SER A 38 -0.23 14.21 -4.76
C SER A 38 -0.95 15.38 -5.42
N LYS A 39 -1.60 16.20 -4.60
CA LYS A 39 -2.34 17.36 -5.10
C LYS A 39 -1.42 18.27 -5.91
N ASP A 40 -0.13 18.22 -5.61
CA ASP A 40 0.85 19.05 -6.32
C ASP A 40 1.57 18.24 -7.39
N PHE A 41 0.96 17.14 -7.81
CA PHE A 41 1.54 16.28 -8.83
C PHE A 41 0.45 15.64 -9.69
N ASN A 42 0.87 14.76 -10.61
CA ASN A 42 -0.07 14.08 -11.49
C ASN A 42 -1.00 15.09 -12.17
N ARG A 43 -0.93 15.16 -13.49
CA ARG A 43 -1.76 16.08 -14.25
C ARG A 43 -3.13 15.46 -14.55
N SER A 44 -3.39 14.31 -13.94
CA SER A 44 -4.65 13.61 -14.14
C SER A 44 -4.86 13.28 -15.61
N LYS A 45 -5.30 12.05 -15.88
CA LYS A 45 -5.54 11.62 -17.25
C LYS A 45 -7.03 11.69 -17.59
N ALA A 46 -7.76 10.63 -17.24
CA ALA A 46 -9.20 10.58 -17.50
C ALA A 46 -9.51 10.98 -18.94
N LEU A 47 -8.90 10.27 -19.89
CA LEU A 47 -9.11 10.56 -21.31
C LEU A 47 -9.27 9.26 -22.10
N PHE A 48 -9.81 9.38 -23.31
CA PHE A 48 -10.00 8.22 -24.18
C PHE A 48 -10.14 8.65 -25.64
N SER A 49 -10.88 9.74 -25.86
CA SER A 49 -11.09 10.24 -27.22
C SER A 49 -11.67 9.16 -28.12
N GLN A 50 -11.75 9.45 -29.41
CA GLN A 50 -12.29 8.51 -30.39
C GLN A 50 -11.60 7.15 -30.26
N SER A 51 -10.28 7.15 -30.42
CA SER A 51 -9.51 5.91 -30.33
C SER A 51 -8.00 6.21 -30.32
N ALA A 52 -7.50 6.59 -29.16
CA ALA A 52 -6.08 6.90 -29.00
C ALA A 52 -5.35 5.77 -28.30
N ILE A 53 -6.01 5.14 -27.33
CA ILE A 53 -5.42 4.05 -26.58
C ILE A 53 -6.46 3.03 -26.18
N SER A 54 -6.42 1.85 -26.81
CA SER A 54 -7.38 0.79 -26.52
C SER A 54 -7.13 0.21 -25.13
N GLN A 55 -7.71 0.85 -24.11
CA GLN A 55 -7.56 0.40 -22.74
C GLN A 55 -7.95 -1.07 -22.60
N LYS A 56 -8.76 -1.55 -23.53
CA LYS A 56 -9.21 -2.93 -23.52
C LYS A 56 -8.04 -3.89 -23.28
N GLU A 57 -6.88 -3.55 -23.84
CA GLU A 57 -5.69 -4.37 -23.68
C GLU A 57 -4.43 -3.52 -23.78
N TYR A 58 -4.58 -2.22 -23.59
CA TYR A 58 -3.45 -1.29 -23.66
C TYR A 58 -2.33 -1.73 -22.73
N ASP A 59 -1.12 -1.25 -23.00
CA ASP A 59 0.05 -1.59 -22.18
C ASP A 59 0.19 -0.62 -21.02
N SER A 60 1.01 -0.99 -20.04
CA SER A 60 1.23 -0.15 -18.87
C SER A 60 2.35 0.87 -19.13
N SER A 61 3.32 0.46 -19.94
CA SER A 61 4.44 1.34 -20.27
C SER A 61 3.95 2.69 -20.76
N LEU A 62 2.84 2.69 -21.50
CA LEU A 62 2.27 3.92 -22.02
C LEU A 62 1.36 4.58 -20.99
N ALA A 63 0.84 3.79 -20.07
CA ALA A 63 -0.04 4.29 -19.03
C ALA A 63 0.75 5.00 -17.93
N THR A 64 0.31 6.20 -17.57
CA THR A 64 0.99 6.98 -16.54
C THR A 64 0.17 7.02 -15.25
N LEU A 65 0.57 6.20 -14.28
CA LEU A 65 -0.13 6.14 -13.00
C LEU A 65 0.85 5.87 -11.86
N ASP A 66 1.08 6.89 -11.03
CA ASP A 66 1.99 6.76 -9.91
C ASP A 66 1.52 5.68 -8.95
N HIS A 67 2.44 5.17 -8.13
CA HIS A 67 2.11 4.13 -7.16
C HIS A 67 2.35 4.62 -5.74
N THR A 68 1.97 3.79 -4.77
CA THR A 68 2.13 4.14 -3.36
C THR A 68 2.70 2.97 -2.56
N GLU A 69 3.96 3.08 -2.15
CA GLU A 69 4.61 2.03 -1.39
C GLU A 69 3.98 1.89 0.00
N ILE A 70 3.30 0.79 0.22
CA ILE A 70 2.64 0.53 1.49
C ILE A 70 3.64 0.09 2.55
N LYS A 71 4.05 1.03 3.41
CA LYS A 71 5.01 0.73 4.46
C LYS A 71 4.30 0.36 5.75
N ALA A 72 5.08 -0.05 6.75
CA ALA A 72 4.51 -0.44 8.04
C ALA A 72 4.43 0.75 8.98
N PRO A 73 3.36 0.79 9.80
CA PRO A 73 3.14 1.87 10.76
C PRO A 73 4.13 1.84 11.91
N PHE A 74 4.66 0.66 12.20
CA PHE A 74 5.63 0.49 13.28
C PHE A 74 6.16 -0.93 13.32
N ASP A 75 7.29 -1.12 14.00
CA ASP A 75 7.91 -2.43 14.12
C ASP A 75 6.98 -3.40 14.85
N GLY A 76 6.82 -4.59 14.28
CA GLY A 76 5.95 -5.60 14.89
C GLY A 76 5.95 -6.90 14.12
N THR A 77 5.04 -7.80 14.49
CA THR A 77 4.94 -9.09 13.84
C THR A 77 3.83 -9.10 12.79
N ILE A 78 4.18 -9.45 11.56
CA ILE A 78 3.21 -9.48 10.47
C ILE A 78 2.64 -10.89 10.29
N GLY A 79 1.32 -10.97 10.11
CA GLY A 79 0.67 -12.26 9.93
C GLY A 79 0.73 -12.74 8.49
N ASP A 80 -0.25 -13.54 8.11
CA ASP A 80 -0.31 -14.07 6.74
C ASP A 80 -1.28 -13.26 5.89
N ALA A 81 -0.83 -12.89 4.70
CA ALA A 81 -1.66 -12.11 3.78
C ALA A 81 -3.06 -12.71 3.66
N LEU A 82 -4.06 -11.95 4.11
CA LEU A 82 -5.45 -12.40 4.05
C LEU A 82 -6.06 -12.10 2.69
N VAL A 83 -5.38 -11.27 1.91
CA VAL A 83 -5.86 -10.89 0.59
C VAL A 83 -4.91 -11.37 -0.50
N ASN A 84 -5.21 -11.00 -1.75
CA ASN A 84 -4.38 -11.39 -2.88
C ASN A 84 -3.98 -10.17 -3.71
N ILE A 85 -3.03 -10.37 -4.62
CA ILE A 85 -2.56 -9.29 -5.47
C ILE A 85 -3.56 -9.00 -6.59
N GLY A 86 -3.61 -7.75 -7.04
CA GLY A 86 -4.53 -7.37 -8.09
C GLY A 86 -5.93 -7.09 -7.57
N ASP A 87 -6.09 -7.16 -6.25
CA ASP A 87 -7.39 -6.93 -5.63
C ASP A 87 -7.58 -5.44 -5.32
N TYR A 88 -8.67 -4.88 -5.82
CA TYR A 88 -8.96 -3.46 -5.59
C TYR A 88 -9.25 -3.19 -4.12
N VAL A 89 -8.41 -2.37 -3.51
CA VAL A 89 -8.57 -2.02 -2.10
C VAL A 89 -9.38 -0.74 -1.93
N SER A 90 -9.80 -0.46 -0.71
CA SER A 90 -10.58 0.73 -0.42
C SER A 90 -10.13 1.39 0.89
N ALA A 91 -9.23 2.35 0.78
CA ALA A 91 -8.72 3.05 1.95
C ALA A 91 -8.41 2.08 3.08
N SER A 92 -8.45 2.57 4.32
CA SER A 92 -8.17 1.75 5.48
C SER A 92 -9.29 0.74 5.71
N THR A 93 -10.35 0.85 4.91
CA THR A 93 -11.49 -0.06 5.03
C THR A 93 -11.13 -1.45 4.56
N THR A 94 -10.09 -1.54 3.73
CA THR A 94 -9.65 -2.83 3.20
C THR A 94 -8.39 -3.31 3.92
N GLU A 95 -8.57 -3.96 5.07
CA GLU A 95 -7.45 -4.47 5.84
C GLU A 95 -6.89 -5.74 5.22
N LEU A 96 -5.72 -5.62 4.59
CA LEU A 96 -5.07 -6.76 3.95
C LEU A 96 -4.32 -7.59 4.97
N VAL A 97 -3.62 -6.93 5.89
CA VAL A 97 -2.87 -7.63 6.93
C VAL A 97 -2.76 -6.77 8.18
N ARG A 98 -2.11 -7.31 9.21
CA ARG A 98 -1.93 -6.61 10.47
C ARG A 98 -0.60 -6.98 11.12
N VAL A 99 -0.01 -6.02 11.83
CA VAL A 99 1.25 -6.25 12.51
C VAL A 99 1.19 -5.80 13.97
N THR A 100 1.48 -6.74 14.87
CA THR A 100 1.45 -6.45 16.30
C THR A 100 2.58 -7.18 17.03
N ASN A 101 3.39 -6.41 17.76
CA ASN A 101 4.50 -6.97 18.50
C ASN A 101 5.34 -5.87 19.15
N LEU A 102 4.67 -4.81 19.59
CA LEU A 102 5.34 -3.69 20.23
C LEU A 102 4.34 -2.70 20.80
N ASN A 103 4.84 -1.60 21.33
CA ASN A 103 3.98 -0.56 21.92
C ASN A 103 2.99 -0.05 20.87
N PRO A 104 1.85 0.46 21.35
CA PRO A 104 0.79 1.00 20.49
C PRO A 104 1.20 2.31 19.84
N ILE A 105 1.69 2.22 18.60
CA ILE A 105 2.12 3.40 17.86
C ILE A 105 0.95 4.05 17.13
N TYR A 106 0.76 5.34 17.36
CA TYR A 106 -0.32 6.08 16.72
C TYR A 106 0.00 7.57 16.65
N ALA A 107 0.10 8.09 15.43
CA ALA A 107 0.41 9.50 15.23
C ALA A 107 0.12 9.92 13.79
N ASP A 108 -1.16 9.98 13.44
CA ASP A 108 -1.57 10.37 12.09
C ASP A 108 -2.34 11.69 12.12
N GLY A 109 -2.92 12.05 10.97
CA GLY A 109 -3.67 13.29 10.88
C GLY A 109 -5.15 13.06 10.68
N SER A 110 -5.91 13.06 11.77
CA SER A 110 -7.35 12.84 11.71
C SER A 110 -8.05 14.07 11.15
N HIS A 111 -7.74 15.24 11.69
CA HIS A 111 -8.34 16.49 11.25
C HIS A 111 -7.97 16.79 9.80
N HIS A 112 -8.95 16.71 8.91
CA HIS A 112 -8.73 16.97 7.50
C HIS A 112 -8.62 18.48 7.23
N HIS A 113 -7.95 18.84 6.15
CA HIS A 113 -7.78 20.23 5.78
C HIS A 113 -9.06 20.80 5.17
N HIS A 114 -9.61 21.83 5.80
CA HIS A 114 -10.84 22.45 5.32
C HIS A 114 -10.84 23.94 5.62
N HIS A 115 -11.95 24.61 5.30
CA HIS A 115 -12.07 26.04 5.55
C HIS A 115 -12.06 26.35 7.04
N HIS A 116 -10.90 26.76 7.55
CA HIS A 116 -10.75 27.09 8.96
C HIS A 116 -10.63 28.60 9.16
N ASP A 1 -2.93 -5.71 18.67
CA ASP A 1 -3.70 -6.24 17.55
C ASP A 1 -4.12 -5.12 16.59
N VAL A 2 -3.32 -4.89 15.57
CA VAL A 2 -3.60 -3.85 14.59
C VAL A 2 -3.47 -4.39 13.17
N ILE A 3 -4.27 -3.83 12.26
CA ILE A 3 -4.25 -4.25 10.86
C ILE A 3 -3.61 -3.19 9.97
N ILE A 4 -2.55 -3.56 9.28
CA ILE A 4 -1.84 -2.65 8.40
C ILE A 4 -2.70 -2.30 7.18
N LYS A 5 -2.81 -1.01 6.88
CA LYS A 5 -3.59 -0.55 5.74
C LYS A 5 -2.80 0.45 4.90
N PRO A 6 -3.20 0.61 3.64
CA PRO A 6 -2.55 1.54 2.72
C PRO A 6 -2.79 3.00 3.08
N GLN A 7 -2.37 3.90 2.20
CA GLN A 7 -2.55 5.32 2.43
C GLN A 7 -3.47 5.94 1.39
N VAL A 8 -3.88 5.12 0.42
CA VAL A 8 -4.77 5.59 -0.65
C VAL A 8 -5.63 4.45 -1.17
N SER A 9 -6.60 4.79 -2.02
CA SER A 9 -7.51 3.80 -2.59
C SER A 9 -7.05 3.38 -3.98
N GLY A 10 -7.18 2.09 -4.28
CA GLY A 10 -6.78 1.58 -5.58
C GLY A 10 -6.84 0.07 -5.66
N VAL A 11 -5.75 -0.53 -6.12
CA VAL A 11 -5.68 -1.98 -6.24
C VAL A 11 -4.27 -2.50 -5.95
N ILE A 12 -4.20 -3.64 -5.27
CA ILE A 12 -2.91 -4.23 -4.93
C ILE A 12 -2.05 -4.43 -6.17
N VAL A 13 -0.75 -4.11 -6.04
CA VAL A 13 0.18 -4.26 -7.14
C VAL A 13 1.12 -5.43 -6.92
N ASN A 14 1.58 -5.59 -5.68
CA ASN A 14 2.48 -6.69 -5.34
C ASN A 14 2.71 -6.75 -3.83
N LYS A 15 3.25 -7.86 -3.36
CA LYS A 15 3.52 -8.05 -1.94
C LYS A 15 5.01 -8.23 -1.70
N LEU A 16 5.52 -7.60 -0.64
CA LEU A 16 6.93 -7.69 -0.29
C LEU A 16 7.10 -8.11 1.17
N PHE A 17 6.18 -8.92 1.65
CA PHE A 17 6.24 -9.39 3.03
C PHE A 17 5.75 -10.84 3.13
N LYS A 18 6.23 -11.55 4.16
CA LYS A 18 5.85 -12.94 4.36
C LYS A 18 5.47 -13.19 5.82
N ALA A 19 4.29 -13.74 6.03
CA ALA A 19 3.81 -14.03 7.37
C ALA A 19 4.89 -14.73 8.20
N GLY A 20 5.32 -14.06 9.27
CA GLY A 20 6.35 -14.63 10.13
C GLY A 20 7.67 -13.90 10.00
N ASP A 21 7.62 -12.66 9.54
CA ASP A 21 8.83 -11.85 9.37
C ASP A 21 8.80 -10.62 10.27
N LYS A 22 9.88 -9.86 10.27
CA LYS A 22 9.98 -8.66 11.09
C LYS A 22 9.64 -7.41 10.28
N VAL A 23 9.03 -6.43 10.93
CA VAL A 23 8.65 -5.19 10.25
C VAL A 23 9.23 -3.99 11.00
N LYS A 24 9.57 -2.96 10.24
CA LYS A 24 10.13 -1.73 10.81
C LYS A 24 9.12 -0.60 10.75
N LYS A 25 9.23 0.34 11.69
CA LYS A 25 8.33 1.48 11.74
C LYS A 25 8.56 2.40 10.54
N GLY A 26 7.85 2.13 9.46
CA GLY A 26 7.99 2.94 8.26
C GLY A 26 8.60 2.18 7.10
N GLN A 27 8.56 0.85 7.19
CA GLN A 27 9.13 0.00 6.14
C GLN A 27 8.06 -0.41 5.14
N THR A 28 8.48 -0.69 3.91
CA THR A 28 7.56 -1.09 2.85
C THR A 28 7.12 -2.54 3.05
N LEU A 29 5.88 -2.82 2.66
CA LEU A 29 5.32 -4.18 2.78
C LEU A 29 4.59 -4.57 1.52
N PHE A 30 3.51 -3.85 1.20
CA PHE A 30 2.71 -4.13 0.02
C PHE A 30 2.72 -2.94 -0.94
N ILE A 31 1.99 -3.07 -2.04
CA ILE A 31 1.91 -2.00 -3.03
C ILE A 31 0.49 -1.89 -3.60
N ILE A 32 0.10 -0.66 -3.94
CA ILE A 32 -1.21 -0.42 -4.50
C ILE A 32 -1.17 0.67 -5.57
N GLU A 33 -1.91 0.46 -6.66
CA GLU A 33 -1.95 1.42 -7.75
C GLU A 33 -3.26 2.22 -7.73
N GLN A 34 -3.16 3.52 -7.95
CA GLN A 34 -4.34 4.38 -7.96
C GLN A 34 -4.30 5.34 -9.15
N ASP A 35 -5.26 6.26 -9.19
CA ASP A 35 -5.33 7.24 -10.26
C ASP A 35 -4.71 8.56 -9.86
N GLN A 36 -5.42 9.32 -9.04
CA GLN A 36 -4.93 10.62 -8.57
C GLN A 36 -4.86 11.62 -9.72
N ALA A 37 -5.42 11.24 -10.86
CA ALA A 37 -5.42 12.11 -12.03
C ALA A 37 -6.55 13.13 -11.95
N SER A 38 -7.20 13.20 -10.80
CA SER A 38 -8.31 14.14 -10.60
C SER A 38 -7.81 15.58 -10.65
N LYS A 39 -8.56 16.48 -10.04
CA LYS A 39 -8.20 17.89 -10.02
C LYS A 39 -6.72 18.07 -9.73
N ASP A 40 -6.28 17.60 -8.57
CA ASP A 40 -4.88 17.70 -8.18
C ASP A 40 -4.53 16.68 -7.11
N PHE A 41 -4.42 15.42 -7.52
CA PHE A 41 -4.10 14.33 -6.59
C PHE A 41 -2.78 13.66 -6.97
N ASN A 42 -2.34 13.92 -8.20
CA ASN A 42 -1.09 13.34 -8.68
C ASN A 42 -0.05 14.42 -8.93
N ARG A 43 -0.46 15.49 -9.60
CA ARG A 43 0.44 16.59 -9.90
C ARG A 43 1.52 16.16 -10.89
N SER A 44 1.46 14.91 -11.33
CA SER A 44 2.43 14.37 -12.28
C SER A 44 3.84 14.44 -11.69
N LYS A 45 4.78 13.75 -12.34
CA LYS A 45 6.16 13.74 -11.90
C LYS A 45 6.76 15.13 -11.92
N ALA A 46 6.80 15.74 -13.10
CA ALA A 46 7.33 17.09 -13.26
C ALA A 46 7.15 17.59 -14.68
N LEU A 47 7.75 18.74 -14.98
CA LEU A 47 7.65 19.34 -16.31
C LEU A 47 9.03 19.52 -16.92
N PHE A 48 9.85 18.47 -16.86
CA PHE A 48 11.20 18.52 -17.41
C PHE A 48 11.95 19.76 -16.91
N SER A 49 12.16 19.81 -15.59
CA SER A 49 12.86 20.93 -14.98
C SER A 49 14.20 21.19 -15.68
N GLN A 50 15.13 20.26 -15.54
CA GLN A 50 16.44 20.38 -16.16
C GLN A 50 16.80 19.13 -16.94
N SER A 51 16.63 17.96 -16.30
CA SER A 51 16.94 16.70 -16.94
C SER A 51 16.64 15.53 -16.00
N ALA A 52 15.35 15.27 -15.78
CA ALA A 52 14.93 14.20 -14.90
C ALA A 52 14.46 12.98 -15.71
N ILE A 53 14.01 13.25 -16.93
CA ILE A 53 13.53 12.18 -17.81
C ILE A 53 13.92 12.44 -19.25
N SER A 54 14.47 11.41 -19.91
CA SER A 54 14.88 11.54 -21.30
C SER A 54 13.67 11.52 -22.24
N GLN A 55 12.89 12.60 -22.20
CA GLN A 55 11.70 12.70 -23.04
C GLN A 55 12.03 12.37 -24.49
N LYS A 56 13.30 12.56 -24.86
CA LYS A 56 13.74 12.29 -26.22
C LYS A 56 13.18 10.97 -26.72
N GLU A 57 13.15 9.97 -25.84
CA GLU A 57 12.63 8.65 -26.20
C GLU A 57 12.08 7.93 -24.97
N TYR A 58 11.74 8.70 -23.94
CA TYR A 58 11.20 8.14 -22.70
C TYR A 58 9.95 7.32 -22.99
N ASP A 59 9.34 6.79 -21.92
CA ASP A 59 8.14 5.99 -22.05
C ASP A 59 6.97 6.64 -21.33
N SER A 60 5.91 6.95 -22.08
CA SER A 60 4.73 7.58 -21.51
C SER A 60 4.19 6.78 -20.34
N SER A 61 4.47 5.48 -20.35
CA SER A 61 4.01 4.59 -19.28
C SER A 61 4.53 5.06 -17.92
N LEU A 62 5.65 5.77 -17.94
CA LEU A 62 6.26 6.27 -16.71
C LEU A 62 5.91 7.75 -16.50
N ALA A 63 5.02 8.27 -17.34
CA ALA A 63 4.61 9.66 -17.24
C ALA A 63 3.08 9.77 -17.18
N THR A 64 2.43 8.70 -16.72
CA THR A 64 0.98 8.68 -16.60
C THR A 64 0.51 7.51 -15.75
N LEU A 65 1.26 7.24 -14.67
CA LEU A 65 0.91 6.15 -13.77
C LEU A 65 1.38 6.45 -12.35
N ASP A 66 0.41 6.68 -11.46
CA ASP A 66 0.73 6.98 -10.06
C ASP A 66 0.51 5.76 -9.18
N HIS A 67 1.58 5.31 -8.53
CA HIS A 67 1.50 4.14 -7.66
C HIS A 67 1.82 4.53 -6.21
N THR A 68 1.19 3.83 -5.27
CA THR A 68 1.41 4.11 -3.85
C THR A 68 1.81 2.84 -3.11
N GLU A 69 2.95 2.90 -2.43
CA GLU A 69 3.45 1.76 -1.67
C GLU A 69 2.81 1.70 -0.28
N ILE A 70 2.63 0.48 0.23
CA ILE A 70 2.04 0.28 1.54
C ILE A 70 3.11 0.09 2.61
N LYS A 71 3.35 1.15 3.39
CA LYS A 71 4.35 1.10 4.45
C LYS A 71 3.72 0.68 5.78
N ALA A 72 4.54 0.14 6.67
CA ALA A 72 4.05 -0.29 7.98
C ALA A 72 4.01 0.87 8.97
N PRO A 73 2.99 0.87 9.84
CA PRO A 73 2.81 1.92 10.85
C PRO A 73 3.88 1.87 11.93
N PHE A 74 4.20 0.67 12.38
CA PHE A 74 5.21 0.48 13.42
C PHE A 74 5.91 -0.87 13.27
N ASP A 75 6.91 -1.11 14.11
CA ASP A 75 7.66 -2.36 14.07
C ASP A 75 6.98 -3.43 14.92
N GLY A 76 7.28 -4.69 14.63
CA GLY A 76 6.69 -5.78 15.39
C GLY A 76 6.64 -7.08 14.60
N THR A 77 5.79 -8.00 15.02
CA THR A 77 5.66 -9.28 14.35
C THR A 77 4.49 -9.27 13.36
N ILE A 78 4.77 -9.62 12.11
CA ILE A 78 3.74 -9.65 11.08
C ILE A 78 3.11 -11.03 10.97
N GLY A 79 1.83 -11.07 10.65
CA GLY A 79 1.13 -12.34 10.51
C GLY A 79 0.79 -12.66 9.07
N ASP A 80 -0.23 -13.48 8.88
CA ASP A 80 -0.67 -13.86 7.54
C ASP A 80 -1.39 -12.72 6.85
N ALA A 81 -1.34 -12.69 5.52
CA ALA A 81 -2.00 -11.65 4.75
C ALA A 81 -3.51 -11.87 4.71
N LEU A 82 -4.19 -11.13 3.83
CA LEU A 82 -5.64 -11.25 3.70
C LEU A 82 -6.05 -11.16 2.23
N VAL A 83 -5.57 -10.12 1.54
CA VAL A 83 -5.89 -9.92 0.14
C VAL A 83 -4.72 -10.35 -0.75
N ASN A 84 -4.94 -10.30 -2.06
CA ASN A 84 -3.92 -10.68 -3.02
C ASN A 84 -3.71 -9.59 -4.06
N ILE A 85 -2.86 -9.87 -5.05
CA ILE A 85 -2.58 -8.91 -6.11
C ILE A 85 -3.73 -8.85 -7.12
N GLY A 86 -3.81 -7.74 -7.85
CA GLY A 86 -4.85 -7.57 -8.84
C GLY A 86 -6.22 -7.40 -8.20
N ASP A 87 -6.24 -7.04 -6.93
CA ASP A 87 -7.49 -6.84 -6.21
C ASP A 87 -7.70 -5.36 -5.90
N TYR A 88 -8.96 -4.94 -5.89
CA TYR A 88 -9.30 -3.55 -5.61
C TYR A 88 -9.46 -3.32 -4.11
N VAL A 89 -8.72 -2.35 -3.58
CA VAL A 89 -8.77 -2.03 -2.16
C VAL A 89 -9.45 -0.69 -1.93
N SER A 90 -10.04 -0.52 -0.76
CA SER A 90 -10.73 0.72 -0.41
C SER A 90 -9.96 1.48 0.69
N ALA A 91 -9.01 2.31 0.26
CA ALA A 91 -8.22 3.10 1.19
C ALA A 91 -7.74 2.24 2.36
N SER A 92 -7.50 2.88 3.50
CA SER A 92 -7.04 2.17 4.69
C SER A 92 -8.07 1.14 5.15
N THR A 93 -9.29 1.27 4.63
CA THR A 93 -10.36 0.35 4.98
C THR A 93 -10.00 -1.09 4.62
N THR A 94 -9.19 -1.24 3.58
CA THR A 94 -8.77 -2.58 3.13
C THR A 94 -7.82 -3.21 4.14
N GLU A 95 -8.15 -4.43 4.56
CA GLU A 95 -7.32 -5.15 5.52
C GLU A 95 -6.51 -6.24 4.84
N LEU A 96 -5.20 -6.04 4.77
CA LEU A 96 -4.31 -7.00 4.13
C LEU A 96 -3.58 -7.84 5.17
N VAL A 97 -2.72 -7.18 5.95
CA VAL A 97 -1.96 -7.86 6.99
C VAL A 97 -2.11 -7.15 8.34
N ARG A 98 -1.85 -7.88 9.42
CA ARG A 98 -1.96 -7.32 10.77
C ARG A 98 -0.65 -7.48 11.52
N VAL A 99 -0.39 -6.54 12.43
CA VAL A 99 0.84 -6.58 13.23
C VAL A 99 0.55 -7.01 14.67
N THR A 100 1.49 -7.73 15.26
CA THR A 100 1.34 -8.21 16.63
C THR A 100 2.62 -8.00 17.42
N ASN A 101 2.48 -7.98 18.76
CA ASN A 101 3.63 -7.78 19.63
C ASN A 101 4.35 -6.48 19.30
N LEU A 102 4.01 -5.43 20.02
CA LEU A 102 4.63 -4.11 19.82
C LEU A 102 4.84 -3.39 21.13
N ASN A 103 3.76 -3.21 21.89
CA ASN A 103 3.83 -2.54 23.18
C ASN A 103 4.67 -3.35 24.17
N PRO A 104 5.22 -2.65 25.17
CA PRO A 104 6.05 -3.29 26.21
C PRO A 104 5.24 -4.17 27.14
N ILE A 105 5.26 -5.47 26.87
CA ILE A 105 4.52 -6.44 27.68
C ILE A 105 5.31 -6.83 28.92
N TYR A 106 4.60 -7.23 29.96
CA TYR A 106 5.24 -7.64 31.21
C TYR A 106 4.76 -9.01 31.65
N ALA A 107 3.44 -9.22 31.57
CA ALA A 107 2.84 -10.50 31.96
C ALA A 107 3.38 -11.63 31.09
N ASP A 108 3.96 -12.64 31.74
CA ASP A 108 4.50 -13.79 31.02
C ASP A 108 3.39 -14.60 30.35
N GLY A 109 3.75 -15.39 29.36
CA GLY A 109 2.78 -16.21 28.66
C GLY A 109 2.47 -17.51 29.38
N SER A 110 2.37 -18.59 28.62
CA SER A 110 2.08 -19.90 29.19
C SER A 110 3.23 -20.38 30.08
N HIS A 111 4.45 -20.01 29.69
CA HIS A 111 5.63 -20.40 30.45
C HIS A 111 6.02 -19.32 31.45
N HIS A 112 6.27 -19.73 32.69
CA HIS A 112 6.65 -18.79 33.74
C HIS A 112 8.16 -18.75 33.91
N HIS A 113 8.87 -18.49 32.83
CA HIS A 113 10.33 -18.42 32.85
C HIS A 113 10.80 -17.36 33.84
N HIS A 114 12.04 -17.50 34.31
CA HIS A 114 12.62 -16.56 35.25
C HIS A 114 13.82 -15.84 34.65
N HIS A 115 13.78 -15.64 33.33
CA HIS A 115 14.87 -14.97 32.63
C HIS A 115 16.17 -15.76 32.75
N HIS A 116 16.40 -16.66 31.80
CA HIS A 116 17.61 -17.48 31.81
C HIS A 116 18.86 -16.62 31.72
#